data_2BZ4
#
_entry.id   2BZ4
#
_cell.length_a   59.148
_cell.length_b   138.674
_cell.length_c   212.713
_cell.angle_alpha   90.00
_cell.angle_beta   90.00
_cell.angle_gamma   90.00
#
_symmetry.space_group_name_H-M   'P 21 21 21'
#
loop_
_entity.id
_entity.type
_entity.pdbx_description
1 polymer '3-OXOACYL-[ACYL-CARRIER-PROTEIN] SYNTHASE I'
2 non-polymer 'AMMONIUM ION'
3 non-polymer 'SULFATE ION'
4 water water
#
_entity_poly.entity_id   1
_entity_poly.type   'polypeptide(L)'
_entity_poly.pdbx_seq_one_letter_code
;MRGSHHHHHHGSMKRAVITGLGIVSSIGNNQQEVLASLREGRSGITFSQELKDSGMRSHVWGNVKLDTTGLIDRKVVRFM
SDASIYAFLSMEQAIADAGLSPEAYQNNPRVGLIAGSGGGSPRFQVFGADAMRGPRGLKAVGPYVVTKAMASGVSACLAT
PFKIHGVNYSISSACATSAHCIGNAVEQIQLGKQDIVFAGGGEELCWEMACEFDAMGALSTKYNDTPEKASRTYDAHRDG
FVIAGGGGMVVVEELEHALARGAHIYAEIVGYGATSDGADMVAPSGEGAVRCMKMAMHGVDTPIDYLNSQGTSTPVGDVK
ELAAIREVFGDKSPAISATKAMTGHSLGAAGVQEAIYSLLMLEHGFIAPSINIEELDEQAAGLNIVTETTDRELTTVMSN
SFGFGGTNATLVMRKLKD
;
_entity_poly.pdbx_strand_id   A,B,C,D
#
loop_
_chem_comp.id
_chem_comp.type
_chem_comp.name
_chem_comp.formula
NH4 non-polymer 'AMMONIUM ION' 'H4 N 1'
SO4 non-polymer 'SULFATE ION' 'O4 S -2'
#
# COMPACT_ATOMS: atom_id res chain seq x y z
N MET A 13 4.36 28.10 28.93
CA MET A 13 5.42 27.51 29.79
C MET A 13 6.82 27.89 29.32
N LYS A 14 7.83 27.31 29.97
CA LYS A 14 9.22 27.58 29.64
C LYS A 14 9.62 27.08 28.27
N ARG A 15 10.48 27.83 27.59
CA ARG A 15 10.96 27.46 26.27
C ARG A 15 12.37 26.87 26.41
N ALA A 16 12.69 25.93 25.53
CA ALA A 16 13.99 25.25 25.57
C ALA A 16 14.77 25.45 24.28
N VAL A 17 16.04 25.82 24.41
CA VAL A 17 16.90 26.05 23.26
C VAL A 17 18.19 25.26 23.38
N ILE A 18 18.87 25.06 22.25
CA ILE A 18 20.15 24.35 22.22
C ILE A 18 21.24 25.40 22.17
N THR A 19 22.14 25.34 23.15
CA THR A 19 23.22 26.33 23.26
C THR A 19 24.62 25.76 23.12
N GLY A 20 24.71 24.46 22.84
CA GLY A 20 26.01 23.85 22.68
C GLY A 20 25.87 22.45 22.16
N LEU A 21 26.87 22.00 21.41
CA LEU A 21 26.80 20.65 20.88
C LEU A 21 28.19 20.03 20.81
N GLY A 22 28.22 18.70 20.82
CA GLY A 22 29.48 17.98 20.77
C GLY A 22 29.23 16.69 20.05
N ILE A 23 30.20 16.21 19.31
CA ILE A 23 29.95 14.99 18.56
C ILE A 23 31.23 14.22 18.21
N VAL A 24 31.11 12.90 18.22
CA VAL A 24 32.19 11.99 17.86
C VAL A 24 31.47 11.01 16.96
N SER A 25 31.69 11.14 15.65
CA SER A 25 31.01 10.28 14.70
C SER A 25 31.89 9.74 13.59
N SER A 26 31.33 8.83 12.81
CA SER A 26 32.07 8.23 11.70
C SER A 26 32.50 9.26 10.66
N ILE A 27 31.88 10.45 10.68
CA ILE A 27 32.25 11.47 9.72
C ILE A 27 32.93 12.70 10.30
N GLY A 28 33.40 12.60 11.55
CA GLY A 28 34.09 13.71 12.16
C GLY A 28 34.19 13.62 13.67
N ASN A 29 35.28 14.14 14.22
CA ASN A 29 35.51 14.09 15.66
C ASN A 29 35.16 15.39 16.41
N ASN A 30 34.53 16.32 15.69
CA ASN A 30 34.06 17.58 16.26
C ASN A 30 33.12 18.19 15.23
N GLN A 31 32.37 19.23 15.59
CA GLN A 31 31.42 19.80 14.65
C GLN A 31 32.02 20.37 13.37
N GLN A 32 33.27 20.80 13.41
CA GLN A 32 33.92 21.35 12.21
C GLN A 32 34.17 20.26 11.18
N GLU A 33 34.73 19.14 11.63
CA GLU A 33 35.02 18.02 10.75
C GLU A 33 33.71 17.48 10.17
N VAL A 34 32.69 17.41 11.03
CA VAL A 34 31.38 16.94 10.60
C VAL A 34 30.79 17.89 9.55
N LEU A 35 30.88 19.19 9.80
CA LEU A 35 30.37 20.17 8.85
C LEU A 35 30.98 19.90 7.46
N ALA A 36 32.30 19.77 7.41
CA ALA A 36 32.98 19.51 6.14
C ALA A 36 32.49 18.23 5.47
N SER A 37 32.37 17.15 6.22
CA SER A 37 31.91 15.89 5.64
C SER A 37 30.50 16.04 5.08
N LEU A 38 29.63 16.73 5.81
CA LEU A 38 28.25 16.93 5.36
C LEU A 38 28.17 17.70 4.05
N ARG A 39 28.93 18.79 3.95
CA ARG A 39 28.92 19.57 2.73
C ARG A 39 29.49 18.82 1.54
N GLU A 40 30.46 17.96 1.80
CA GLU A 40 31.11 17.20 0.74
C GLU A 40 30.46 15.86 0.45
N GLY A 41 29.45 15.49 1.24
CA GLY A 41 28.79 14.21 1.05
C GLY A 41 29.78 13.07 1.24
N ARG A 42 30.71 13.28 2.18
CA ARG A 42 31.75 12.29 2.46
C ARG A 42 31.25 11.13 3.32
N SER A 43 31.55 9.91 2.88
CA SER A 43 31.15 8.72 3.61
C SER A 43 32.08 8.40 4.78
N GLY A 44 31.51 7.89 5.87
CA GLY A 44 32.32 7.54 7.01
C GLY A 44 32.39 6.03 7.16
N ILE A 45 31.93 5.31 6.14
CA ILE A 45 31.90 3.85 6.17
C ILE A 45 33.16 3.20 5.61
N THR A 46 33.65 2.19 6.32
CA THR A 46 34.86 1.50 5.91
C THR A 46 34.70 -0.02 6.05
N PHE A 47 35.64 -0.76 5.49
CA PHE A 47 35.64 -2.22 5.58
C PHE A 47 36.08 -2.60 6.99
N SER A 48 35.41 -3.58 7.58
CA SER A 48 35.77 -4.03 8.93
C SER A 48 36.29 -5.45 8.96
N GLN A 49 37.58 -5.60 9.23
CA GLN A 49 38.17 -6.94 9.31
C GLN A 49 37.56 -7.64 10.52
N GLU A 50 37.29 -6.88 11.59
CA GLU A 50 36.69 -7.44 12.80
C GLU A 50 35.37 -8.12 12.50
N LEU A 51 34.50 -7.43 11.76
CA LEU A 51 33.20 -8.02 11.46
C LEU A 51 33.38 -9.27 10.59
N LYS A 52 34.26 -9.20 9.60
CA LYS A 52 34.48 -10.36 8.73
C LYS A 52 34.98 -11.57 9.53
N ASP A 53 35.97 -11.35 10.39
CA ASP A 53 36.53 -12.45 11.18
C ASP A 53 35.55 -13.07 12.18
N SER A 54 34.51 -12.32 12.54
CA SER A 54 33.52 -12.80 13.50
C SER A 54 32.56 -13.81 12.88
N GLY A 55 32.54 -13.87 11.55
CA GLY A 55 31.67 -14.81 10.86
C GLY A 55 30.41 -14.15 10.32
N MET A 56 30.38 -12.82 10.34
CA MET A 56 29.23 -12.07 9.85
C MET A 56 29.20 -11.95 8.34
N ARG A 57 28.04 -11.61 7.79
CA ARG A 57 27.91 -11.44 6.34
C ARG A 57 28.15 -9.98 5.99
N SER A 58 27.85 -9.09 6.94
CA SER A 58 28.05 -7.66 6.73
C SER A 58 29.48 -7.36 7.20
N HIS A 59 30.31 -6.80 6.32
CA HIS A 59 31.70 -6.50 6.62
C HIS A 59 32.03 -5.01 6.56
N VAL A 60 31.03 -4.17 6.81
CA VAL A 60 31.25 -2.73 6.77
C VAL A 60 30.67 -2.06 8.01
N TRP A 61 31.23 -0.92 8.38
CA TRP A 61 30.73 -0.19 9.54
C TRP A 61 31.16 1.27 9.52
N GLY A 62 30.48 2.06 10.34
CA GLY A 62 30.78 3.48 10.45
C GLY A 62 31.55 3.62 11.73
N ASN A 63 32.87 3.44 11.67
CA ASN A 63 33.71 3.51 12.85
C ASN A 63 34.20 4.92 13.18
N VAL A 64 34.50 5.14 14.44
CA VAL A 64 35.04 6.42 14.90
C VAL A 64 36.53 6.36 14.60
N LYS A 65 37.02 7.31 13.81
CA LYS A 65 38.44 7.36 13.46
C LYS A 65 39.17 8.21 14.48
N LEU A 66 39.38 7.64 15.66
CA LEU A 66 40.08 8.33 16.73
C LEU A 66 40.54 7.35 17.79
N ASP A 67 41.78 7.52 18.25
CA ASP A 67 42.31 6.67 19.31
C ASP A 67 42.01 7.44 20.59
N THR A 68 41.08 6.94 21.38
CA THR A 68 40.66 7.59 22.63
C THR A 68 41.60 7.38 23.81
N THR A 69 42.61 6.54 23.63
CA THR A 69 43.56 6.25 24.70
C THR A 69 44.13 7.51 25.35
N GLY A 70 44.02 7.60 26.66
CA GLY A 70 44.55 8.75 27.38
C GLY A 70 43.80 10.06 27.24
N LEU A 71 42.66 10.06 26.56
CA LEU A 71 41.90 11.30 26.41
C LEU A 71 41.04 11.59 27.63
N ILE A 72 40.85 10.57 28.47
CA ILE A 72 40.05 10.72 29.68
C ILE A 72 40.88 10.27 30.89
N ASP A 73 40.74 10.96 32.02
CA ASP A 73 41.48 10.61 33.24
C ASP A 73 41.39 9.11 33.49
N ARG A 74 42.53 8.50 33.82
CA ARG A 74 42.58 7.06 34.07
C ARG A 74 41.60 6.59 35.13
N LYS A 75 41.45 7.36 36.20
CA LYS A 75 40.53 6.98 37.27
C LYS A 75 39.07 7.09 36.86
N VAL A 76 38.81 7.84 35.80
CA VAL A 76 37.45 8.00 35.31
C VAL A 76 37.14 7.01 34.19
N VAL A 77 38.04 6.88 33.23
CA VAL A 77 37.81 5.99 32.10
C VAL A 77 37.80 4.49 32.48
N ARG A 78 38.32 4.16 33.67
CA ARG A 78 38.33 2.77 34.09
C ARG A 78 36.94 2.17 34.26
N PHE A 79 35.94 3.02 34.49
CA PHE A 79 34.56 2.54 34.66
C PHE A 79 33.76 2.58 33.35
N MET A 80 34.37 3.07 32.27
CA MET A 80 33.65 3.25 31.01
C MET A 80 33.81 2.27 29.85
N SER A 81 32.72 2.10 29.12
CA SER A 81 32.70 1.27 27.92
C SER A 81 32.83 2.31 26.79
N ASP A 82 32.95 1.87 25.54
CA ASP A 82 33.09 2.82 24.43
C ASP A 82 31.91 3.79 24.31
N ALA A 83 30.70 3.34 24.59
CA ALA A 83 29.56 4.24 24.49
C ALA A 83 29.77 5.44 25.42
N SER A 84 30.21 5.17 26.65
CA SER A 84 30.44 6.24 27.62
C SER A 84 31.59 7.15 27.20
N ILE A 85 32.64 6.56 26.65
CA ILE A 85 33.80 7.34 26.20
C ILE A 85 33.37 8.34 25.12
N TYR A 86 32.66 7.85 24.10
CA TYR A 86 32.21 8.72 23.02
C TYR A 86 31.29 9.81 23.54
N ALA A 87 30.38 9.47 24.42
CA ALA A 87 29.45 10.47 24.96
C ALA A 87 30.19 11.46 25.85
N PHE A 88 31.18 10.98 26.60
CA PHE A 88 31.98 11.83 27.49
C PHE A 88 32.73 12.89 26.67
N LEU A 89 33.39 12.45 25.62
CA LEU A 89 34.14 13.34 24.74
C LEU A 89 33.19 14.35 24.10
N SER A 90 32.01 13.87 23.70
CA SER A 90 31.02 14.73 23.08
C SER A 90 30.56 15.79 24.09
N MET A 91 30.39 15.38 25.34
CA MET A 91 29.94 16.32 26.37
C MET A 91 30.99 17.39 26.63
N GLU A 92 32.27 17.00 26.60
CA GLU A 92 33.34 17.98 26.82
C GLU A 92 33.23 19.06 25.75
N GLN A 93 33.04 18.64 24.50
CA GLN A 93 32.92 19.57 23.39
C GLN A 93 31.70 20.49 23.60
N ALA A 94 30.58 19.90 24.00
CA ALA A 94 29.34 20.64 24.21
C ALA A 94 29.48 21.71 25.26
N ILE A 95 30.13 21.36 26.37
CA ILE A 95 30.35 22.30 27.45
C ILE A 95 31.17 23.49 26.97
N ALA A 96 32.25 23.21 26.22
CA ALA A 96 33.09 24.29 25.70
C ALA A 96 32.33 25.15 24.69
N ASP A 97 31.61 24.50 23.79
CA ASP A 97 30.83 25.17 22.75
C ASP A 97 29.75 26.05 23.38
N ALA A 98 29.20 25.61 24.51
CA ALA A 98 28.17 26.36 25.21
C ALA A 98 28.76 27.49 26.06
N GLY A 99 30.08 27.47 26.22
CA GLY A 99 30.74 28.49 27.01
C GLY A 99 30.46 28.36 28.49
N LEU A 100 30.27 27.14 28.97
CA LEU A 100 29.97 26.91 30.38
C LEU A 100 31.20 26.62 31.22
N SER A 101 31.47 27.48 32.20
CA SER A 101 32.61 27.25 33.09
C SER A 101 32.17 26.20 34.10
N PRO A 102 33.12 25.54 34.77
CA PRO A 102 32.78 24.52 35.76
C PRO A 102 31.85 25.04 36.84
N GLU A 103 32.10 26.26 37.29
CA GLU A 103 31.28 26.88 38.32
C GLU A 103 29.86 27.10 37.83
N ALA A 104 29.68 27.13 36.52
CA ALA A 104 28.37 27.37 35.92
C ALA A 104 27.45 26.14 35.82
N TYR A 105 28.03 24.94 35.75
CA TYR A 105 27.20 23.75 35.62
C TYR A 105 27.45 22.65 36.64
N GLN A 106 28.59 22.69 37.31
CA GLN A 106 28.92 21.66 38.31
C GLN A 106 28.30 21.92 39.68
N ASN A 107 28.00 20.84 40.39
CA ASN A 107 27.40 20.91 41.73
C ASN A 107 26.19 21.84 41.75
N ASN A 108 25.38 21.76 40.70
CA ASN A 108 24.21 22.62 40.55
C ASN A 108 22.96 21.76 40.40
N PRO A 109 22.07 21.79 41.41
CA PRO A 109 20.83 21.00 41.41
C PRO A 109 19.92 21.25 40.20
N ARG A 110 20.09 22.38 39.54
CA ARG A 110 19.25 22.69 38.38
C ARG A 110 19.90 22.34 37.04
N VAL A 111 20.98 21.58 37.11
CA VAL A 111 21.70 21.14 35.92
C VAL A 111 21.69 19.61 35.95
N GLY A 112 21.17 19.01 34.90
CA GLY A 112 21.08 17.56 34.85
C GLY A 112 21.65 16.91 33.61
N LEU A 113 21.47 15.59 33.53
CA LEU A 113 22.00 14.80 32.42
C LEU A 113 21.10 13.63 32.07
N ILE A 114 20.70 13.55 30.81
CA ILE A 114 19.86 12.46 30.34
C ILE A 114 20.52 11.98 29.06
N ALA A 115 21.11 10.78 29.12
CA ALA A 115 21.82 10.22 27.99
C ALA A 115 21.86 8.71 28.11
N GLY A 116 21.72 8.02 26.99
CA GLY A 116 21.75 6.58 27.05
C GLY A 116 22.36 5.93 25.82
N SER A 117 22.18 4.62 25.73
CA SER A 117 22.69 3.86 24.60
C SER A 117 21.63 2.82 24.25
N GLY A 118 21.74 2.27 23.05
CA GLY A 118 20.77 1.27 22.62
C GLY A 118 20.97 -0.09 23.25
N GLY A 119 22.22 -0.51 23.43
CA GLY A 119 22.46 -1.82 24.01
C GLY A 119 23.46 -1.89 25.15
N GLY A 120 23.80 -0.74 25.73
CA GLY A 120 24.76 -0.72 26.82
C GLY A 120 26.14 -1.12 26.32
N SER A 121 26.62 -2.28 26.77
CA SER A 121 27.92 -2.77 26.30
C SER A 121 27.96 -4.29 26.20
N PRO A 122 27.55 -4.82 25.04
CA PRO A 122 27.55 -6.26 24.82
C PRO A 122 28.98 -6.76 24.93
N ARG A 123 29.93 -5.92 24.54
CA ARG A 123 31.33 -6.32 24.62
C ARG A 123 31.77 -6.68 26.03
N PHE A 124 31.53 -5.79 26.99
CA PHE A 124 31.96 -6.10 28.35
C PHE A 124 31.06 -7.10 29.05
N GLN A 125 29.84 -7.22 28.55
CA GLN A 125 28.89 -8.17 29.10
C GLN A 125 29.44 -9.56 28.76
N VAL A 126 29.89 -9.73 27.51
CA VAL A 126 30.44 -11.00 27.07
C VAL A 126 31.80 -11.21 27.74
N PHE A 127 32.56 -10.12 27.89
CA PHE A 127 33.87 -10.19 28.54
C PHE A 127 33.76 -10.80 29.93
N GLY A 128 32.81 -10.31 30.72
CA GLY A 128 32.62 -10.81 32.06
C GLY A 128 32.30 -12.30 32.09
N ALA A 129 31.42 -12.74 31.19
CA ALA A 129 31.03 -14.14 31.11
C ALA A 129 32.19 -15.01 30.65
N ASP A 130 32.97 -14.51 29.70
CA ASP A 130 34.12 -15.24 29.18
C ASP A 130 35.19 -15.39 30.24
N ALA A 131 35.44 -14.30 30.96
CA ALA A 131 36.45 -14.31 32.01
C ALA A 131 36.02 -15.20 33.17
N MET A 132 34.74 -15.11 33.53
CA MET A 132 34.20 -15.90 34.63
C MET A 132 34.34 -17.40 34.38
N ARG A 133 34.21 -17.79 33.11
CA ARG A 133 34.30 -19.19 32.73
C ARG A 133 35.74 -19.63 32.49
N GLY A 134 36.67 -18.70 32.69
CA GLY A 134 38.09 -18.99 32.51
C GLY A 134 38.77 -19.54 33.76
N PRO A 135 40.08 -19.84 33.68
CA PRO A 135 40.84 -20.38 34.80
C PRO A 135 41.04 -19.45 36.00
N ARG A 136 40.74 -18.17 35.83
CA ARG A 136 40.90 -17.22 36.94
C ARG A 136 39.58 -16.85 37.61
N GLY A 137 38.47 -17.08 36.92
CA GLY A 137 37.17 -16.76 37.50
C GLY A 137 36.97 -15.28 37.77
N LEU A 138 36.43 -14.96 38.94
CA LEU A 138 36.18 -13.57 39.33
C LEU A 138 37.37 -12.64 39.14
N LYS A 139 38.57 -13.15 39.43
CA LYS A 139 39.79 -12.35 39.29
C LYS A 139 39.94 -11.80 37.88
N ALA A 140 39.52 -12.58 36.88
CA ALA A 140 39.62 -12.14 35.50
C ALA A 140 38.54 -11.12 35.16
N VAL A 141 37.39 -11.21 35.83
CA VAL A 141 36.29 -10.29 35.57
C VAL A 141 36.67 -8.86 35.92
N GLY A 142 37.09 -8.63 37.17
CA GLY A 142 37.45 -7.28 37.57
C GLY A 142 36.24 -6.58 38.16
N PRO A 143 36.45 -5.47 38.89
CA PRO A 143 35.36 -4.71 39.52
C PRO A 143 34.80 -3.56 38.69
N TYR A 144 35.10 -3.54 37.40
CA TYR A 144 34.62 -2.46 36.54
C TYR A 144 33.61 -2.87 35.48
N VAL A 145 33.25 -4.15 35.46
CA VAL A 145 32.30 -4.63 34.46
C VAL A 145 30.88 -4.09 34.61
N VAL A 146 30.41 -3.95 35.85
CA VAL A 146 29.07 -3.45 36.10
C VAL A 146 28.80 -2.09 35.46
N THR A 147 29.64 -1.11 35.80
CA THR A 147 29.47 0.24 35.25
C THR A 147 29.63 0.30 33.74
N LYS A 148 30.34 -0.67 33.17
CA LYS A 148 30.51 -0.70 31.72
C LYS A 148 29.35 -1.38 31.03
N ALA A 149 28.88 -2.47 31.63
CA ALA A 149 27.79 -3.27 31.04
C ALA A 149 26.35 -2.84 31.33
N MET A 150 26.10 -2.12 32.42
CA MET A 150 24.72 -1.73 32.74
C MET A 150 24.12 -0.78 31.70
N ALA A 151 22.81 -0.86 31.53
CA ALA A 151 22.11 -0.04 30.55
C ALA A 151 22.20 1.47 30.81
N SER A 152 22.52 1.85 32.05
CA SER A 152 22.62 3.26 32.42
C SER A 152 24.08 3.73 32.43
N GLY A 153 24.96 2.91 31.88
CA GLY A 153 26.37 3.24 31.85
C GLY A 153 26.69 4.64 31.36
N VAL A 154 26.09 5.04 30.24
CA VAL A 154 26.33 6.36 29.67
C VAL A 154 25.99 7.51 30.62
N SER A 155 24.86 7.44 31.33
CA SER A 155 24.53 8.54 32.24
C SER A 155 25.38 8.47 33.50
N ALA A 156 25.51 7.29 34.08
CA ALA A 156 26.29 7.14 35.31
C ALA A 156 27.75 7.56 35.14
N CYS A 157 28.36 7.17 34.03
CA CYS A 157 29.77 7.49 33.78
C CYS A 157 30.05 8.95 33.45
N LEU A 158 29.02 9.73 33.15
CA LEU A 158 29.19 11.13 32.84
C LEU A 158 28.72 12.03 33.99
N ALA A 159 27.63 11.65 34.63
CA ALA A 159 27.09 12.44 35.73
C ALA A 159 28.10 12.58 36.86
N THR A 160 28.79 11.50 37.18
CA THR A 160 29.78 11.52 38.26
C THR A 160 30.96 12.45 38.00
N PRO A 161 31.70 12.22 36.89
CA PRO A 161 32.86 13.08 36.60
C PRO A 161 32.52 14.54 36.34
N PHE A 162 31.38 14.81 35.72
CA PHE A 162 31.01 16.20 35.45
C PHE A 162 30.32 16.89 36.63
N LYS A 163 30.26 16.20 37.77
CA LYS A 163 29.67 16.76 38.99
C LYS A 163 28.23 17.22 38.81
N ILE A 164 27.45 16.44 38.08
CA ILE A 164 26.04 16.75 37.84
C ILE A 164 25.20 16.48 39.10
N HIS A 165 24.39 17.44 39.51
CA HIS A 165 23.55 17.28 40.69
C HIS A 165 22.04 17.22 40.43
N GLY A 166 21.63 17.50 39.20
CA GLY A 166 20.22 17.47 38.85
C GLY A 166 19.76 16.11 38.39
N VAL A 167 18.85 16.05 37.41
CA VAL A 167 18.37 14.76 36.95
C VAL A 167 19.55 13.97 36.40
N ASN A 168 19.47 12.65 36.55
CA ASN A 168 20.51 11.76 36.08
C ASN A 168 19.97 10.37 35.82
N TYR A 169 19.83 10.04 34.55
CA TYR A 169 19.39 8.71 34.13
C TYR A 169 19.50 8.57 32.62
N SER A 170 19.31 7.34 32.16
CA SER A 170 19.40 7.03 30.74
C SER A 170 18.04 6.63 30.22
N ILE A 171 17.81 6.90 28.95
CA ILE A 171 16.58 6.49 28.31
C ILE A 171 17.06 5.57 27.21
N SER A 172 16.35 4.47 27.00
CA SER A 172 16.68 3.50 25.96
C SER A 172 15.43 3.26 25.12
N SER A 173 15.60 3.32 23.81
CA SER A 173 14.49 3.11 22.89
C SER A 173 15.07 2.83 21.52
N ALA A 174 16.08 1.97 21.49
CA ALA A 174 16.73 1.58 20.24
C ALA A 174 17.18 2.80 19.44
N CYS A 175 16.80 2.87 18.16
CA CYS A 175 17.17 3.96 17.26
C CYS A 175 16.70 5.34 17.70
N ALA A 176 15.72 5.38 18.59
CA ALA A 176 15.15 6.64 19.07
C ALA A 176 15.75 7.11 20.37
N THR A 177 16.59 6.27 20.96
CA THR A 177 17.25 6.53 22.23
C THR A 177 17.63 7.97 22.57
N SER A 178 18.59 8.55 21.84
CA SER A 178 19.04 9.90 22.17
C SER A 178 18.09 11.00 21.74
N ALA A 179 17.08 10.63 20.93
CA ALA A 179 16.08 11.60 20.52
C ALA A 179 15.14 11.73 21.71
N HIS A 180 14.80 10.61 22.34
CA HIS A 180 13.93 10.68 23.51
C HIS A 180 14.68 11.36 24.65
N CYS A 181 16.01 11.21 24.69
CA CYS A 181 16.77 11.87 25.73
C CYS A 181 16.63 13.38 25.59
N ILE A 182 16.76 13.88 24.37
CA ILE A 182 16.63 15.31 24.12
C ILE A 182 15.21 15.78 24.47
N GLY A 183 14.20 15.04 24.01
CA GLY A 183 12.83 15.41 24.31
C GLY A 183 12.54 15.42 25.79
N ASN A 184 13.09 14.44 26.50
CA ASN A 184 12.89 14.34 27.94
C ASN A 184 13.58 15.55 28.60
N ALA A 185 14.72 15.96 28.04
CA ALA A 185 15.43 17.11 28.58
C ALA A 185 14.55 18.34 28.44
N VAL A 186 13.87 18.44 27.30
CA VAL A 186 12.97 19.57 27.05
C VAL A 186 11.85 19.57 28.09
N GLU A 187 11.34 18.38 28.39
CA GLU A 187 10.27 18.26 29.38
C GLU A 187 10.69 18.75 30.76
N GLN A 188 11.93 18.46 31.14
CA GLN A 188 12.44 18.92 32.42
C GLN A 188 12.44 20.45 32.45
N ILE A 189 12.86 21.05 31.35
CA ILE A 189 12.89 22.51 31.28
C ILE A 189 11.47 23.06 31.30
N GLN A 190 10.57 22.44 30.55
CA GLN A 190 9.17 22.87 30.49
C GLN A 190 8.48 22.79 31.85
N LEU A 191 8.86 21.78 32.64
CA LEU A 191 8.28 21.59 33.97
C LEU A 191 8.93 22.52 34.99
N GLY A 192 9.92 23.28 34.55
CA GLY A 192 10.61 24.21 35.43
C GLY A 192 11.52 23.51 36.44
N LYS A 193 11.80 22.23 36.21
CA LYS A 193 12.65 21.46 37.12
C LYS A 193 14.15 21.64 36.89
N GLN A 194 14.55 22.05 35.69
CA GLN A 194 15.98 22.22 35.39
C GLN A 194 16.21 23.42 34.49
N ASP A 195 17.40 24.03 34.59
CA ASP A 195 17.74 25.17 33.75
C ASP A 195 18.56 24.67 32.58
N ILE A 196 19.36 23.64 32.82
CA ILE A 196 20.18 23.05 31.79
C ILE A 196 20.14 21.54 31.93
N VAL A 197 20.03 20.85 30.80
CA VAL A 197 20.07 19.39 30.82
C VAL A 197 20.95 18.98 29.64
N PHE A 198 22.02 18.24 29.93
CA PHE A 198 22.88 17.75 28.86
C PHE A 198 22.15 16.51 28.36
N ALA A 199 21.93 16.44 27.06
CA ALA A 199 21.21 15.31 26.51
C ALA A 199 21.91 14.70 25.32
N GLY A 200 21.93 13.37 25.25
CA GLY A 200 22.58 12.73 24.12
C GLY A 200 22.69 11.23 24.29
N GLY A 201 23.79 10.68 23.81
CA GLY A 201 23.98 9.25 23.93
C GLY A 201 25.25 8.78 23.26
N GLY A 202 25.48 7.47 23.33
CA GLY A 202 26.66 6.90 22.73
C GLY A 202 26.39 5.45 22.41
N GLU A 203 27.19 4.88 21.53
CA GLU A 203 27.03 3.48 21.16
C GLU A 203 28.39 2.91 20.80
N GLU A 204 28.73 1.75 21.36
CA GLU A 204 30.00 1.13 21.02
C GLU A 204 29.80 0.41 19.69
N LEU A 205 30.89 0.10 19.03
CA LEU A 205 30.84 -0.61 17.75
C LEU A 205 31.62 -1.91 17.97
N CYS A 206 30.93 -3.04 17.89
CA CYS A 206 31.56 -4.34 18.13
C CYS A 206 30.82 -5.46 17.42
N TRP A 207 31.52 -6.54 17.08
CA TRP A 207 30.86 -7.65 16.42
C TRP A 207 29.84 -8.31 17.36
N GLU A 208 30.10 -8.27 18.67
CA GLU A 208 29.19 -8.86 19.66
C GLU A 208 27.74 -8.43 19.46
N MET A 209 27.54 -7.13 19.30
CA MET A 209 26.20 -6.61 19.08
C MET A 209 25.84 -6.62 17.61
N ALA A 210 26.80 -6.31 16.75
CA ALA A 210 26.55 -6.28 15.33
C ALA A 210 26.05 -7.61 14.79
N CYS A 211 26.59 -8.72 15.27
CA CYS A 211 26.15 -10.02 14.76
C CYS A 211 24.67 -10.29 15.03
N GLU A 212 24.14 -9.69 16.09
CA GLU A 212 22.73 -9.87 16.45
C GLU A 212 21.82 -9.27 15.37
N PHE A 213 22.25 -8.15 14.79
CA PHE A 213 21.48 -7.48 13.74
C PHE A 213 21.63 -8.24 12.43
N ASP A 214 22.84 -8.74 12.19
CA ASP A 214 23.10 -9.50 10.97
C ASP A 214 22.27 -10.77 11.00
N ALA A 215 22.12 -11.36 12.18
CA ALA A 215 21.35 -12.59 12.34
C ALA A 215 19.86 -12.35 12.06
N MET A 216 19.49 -11.07 11.98
CA MET A 216 18.12 -10.65 11.71
C MET A 216 17.95 -10.30 10.22
N GLY A 217 19.07 -10.14 9.54
CA GLY A 217 19.03 -9.76 8.15
C GLY A 217 18.82 -8.27 7.99
N ALA A 218 19.11 -7.51 9.05
CA ALA A 218 18.92 -6.06 9.02
C ALA A 218 20.11 -5.27 8.48
N LEU A 219 21.27 -5.91 8.41
CA LEU A 219 22.48 -5.24 7.92
C LEU A 219 22.78 -5.50 6.44
N SER A 220 23.40 -4.50 5.81
CA SER A 220 23.76 -4.58 4.40
C SER A 220 24.88 -5.63 4.25
N THR A 221 24.78 -6.48 3.22
CA THR A 221 25.78 -7.51 3.01
C THR A 221 26.25 -7.67 1.56
N LYS A 222 25.64 -6.94 0.63
CA LYS A 222 26.01 -7.07 -0.77
C LYS A 222 26.99 -6.03 -1.32
N TYR A 223 27.52 -5.18 -0.45
CA TYR A 223 28.45 -4.14 -0.90
C TYR A 223 29.76 -4.09 -0.13
N ASN A 224 30.17 -5.21 0.45
CA ASN A 224 31.41 -5.25 1.22
C ASN A 224 32.65 -4.85 0.45
N ASP A 225 32.61 -4.99 -0.88
CA ASP A 225 33.75 -4.62 -1.72
C ASP A 225 33.82 -3.12 -1.98
N THR A 226 32.69 -2.44 -1.76
CA THR A 226 32.60 -1.00 -1.94
C THR A 226 31.86 -0.46 -0.72
N PRO A 227 32.52 -0.46 0.45
CA PRO A 227 31.95 0.00 1.72
C PRO A 227 31.22 1.34 1.68
N GLU A 228 31.79 2.33 0.99
CA GLU A 228 31.17 3.64 0.93
C GLU A 228 29.85 3.68 0.17
N LYS A 229 29.50 2.57 -0.48
CA LYS A 229 28.25 2.51 -1.23
C LYS A 229 27.21 1.60 -0.59
N ALA A 230 27.59 0.96 0.52
CA ALA A 230 26.69 0.05 1.23
C ALA A 230 25.42 0.74 1.73
N SER A 231 25.57 1.87 2.42
CA SER A 231 24.45 2.63 2.97
C SER A 231 23.88 3.48 1.85
N ARG A 232 22.68 3.14 1.39
CA ARG A 232 22.09 3.84 0.27
C ARG A 232 20.59 4.05 0.41
N THR A 233 20.20 4.78 1.46
CA THR A 233 18.80 5.07 1.73
C THR A 233 18.02 5.55 0.50
N TYR A 234 16.84 4.98 0.31
CA TYR A 234 15.95 5.30 -0.81
C TYR A 234 16.40 4.77 -2.17
N ASP A 235 17.54 4.10 -2.22
CA ASP A 235 18.02 3.53 -3.47
C ASP A 235 17.28 2.23 -3.75
N ALA A 236 16.97 1.99 -5.01
CA ALA A 236 16.25 0.78 -5.41
C ALA A 236 16.95 -0.51 -4.99
N HIS A 237 18.28 -0.47 -4.87
CA HIS A 237 19.02 -1.67 -4.49
C HIS A 237 19.58 -1.69 -3.07
N ARG A 238 18.94 -0.96 -2.15
CA ARG A 238 19.37 -0.94 -0.76
C ARG A 238 19.15 -2.33 -0.19
N ASP A 239 19.98 -2.75 0.77
CA ASP A 239 19.84 -4.09 1.34
C ASP A 239 20.09 -4.16 2.84
N GLY A 240 19.77 -3.11 3.56
CA GLY A 240 19.99 -3.12 5.00
C GLY A 240 20.86 -1.97 5.45
N PHE A 241 20.88 -1.69 6.75
CA PHE A 241 21.67 -0.60 7.23
C PHE A 241 23.11 -0.99 7.53
N VAL A 242 23.95 0.02 7.73
CA VAL A 242 25.35 -0.21 8.05
C VAL A 242 25.50 0.25 9.49
N ILE A 243 25.88 -0.66 10.37
CA ILE A 243 26.02 -0.34 11.77
C ILE A 243 27.19 0.61 12.02
N ALA A 244 27.02 1.51 12.99
CA ALA A 244 28.03 2.48 13.34
C ALA A 244 28.06 2.75 14.83
N GLY A 245 29.09 3.46 15.27
CA GLY A 245 29.21 3.79 16.68
C GLY A 245 29.57 5.26 16.81
N GLY A 246 29.63 5.74 18.04
CA GLY A 246 29.96 7.13 18.25
C GLY A 246 29.13 7.73 19.35
N GLY A 247 29.15 9.06 19.44
CA GLY A 247 28.39 9.71 20.48
C GLY A 247 28.02 11.13 20.10
N GLY A 248 27.19 11.75 20.93
CA GLY A 248 26.78 13.11 20.69
C GLY A 248 26.15 13.65 21.95
N MET A 249 26.17 14.97 22.11
CA MET A 249 25.59 15.60 23.27
C MET A 249 25.23 17.03 22.92
N VAL A 250 24.08 17.50 23.37
CA VAL A 250 23.68 18.87 23.13
C VAL A 250 23.31 19.45 24.48
N VAL A 251 23.42 20.77 24.60
CA VAL A 251 23.07 21.42 25.85
C VAL A 251 21.67 22.00 25.66
N VAL A 252 20.69 21.43 26.37
CA VAL A 252 19.32 21.91 26.30
C VAL A 252 19.18 22.89 27.46
N GLU A 253 18.83 24.14 27.15
CA GLU A 253 18.76 25.18 28.16
C GLU A 253 17.46 25.98 28.13
N GLU A 254 17.01 26.43 29.30
CA GLU A 254 15.80 27.23 29.39
C GLU A 254 16.14 28.59 28.76
N LEU A 255 15.24 29.11 27.93
CA LEU A 255 15.46 30.36 27.21
C LEU A 255 15.95 31.56 28.00
N GLU A 256 15.24 31.93 29.06
CA GLU A 256 15.65 33.09 29.86
C GLU A 256 17.06 32.91 30.40
N HIS A 257 17.37 31.69 30.85
CA HIS A 257 18.68 31.40 31.40
C HIS A 257 19.78 31.57 30.35
N ALA A 258 19.53 31.09 29.15
CA ALA A 258 20.50 31.21 28.06
C ALA A 258 20.71 32.68 27.65
N LEU A 259 19.60 33.41 27.50
CA LEU A 259 19.69 34.81 27.11
C LEU A 259 20.41 35.64 28.16
N ALA A 260 20.15 35.34 29.42
CA ALA A 260 20.76 36.06 30.54
C ALA A 260 22.29 35.98 30.56
N ARG A 261 22.84 34.83 30.19
CA ARG A 261 24.29 34.67 30.20
C ARG A 261 24.92 34.95 28.83
N GLY A 262 24.11 35.41 27.89
CA GLY A 262 24.61 35.70 26.56
C GLY A 262 25.04 34.47 25.80
N ALA A 263 24.35 33.35 26.00
CA ALA A 263 24.71 32.11 25.33
C ALA A 263 24.43 32.17 23.84
N HIS A 264 25.16 31.37 23.07
CA HIS A 264 24.94 31.29 21.64
C HIS A 264 23.84 30.25 21.45
N ILE A 265 22.75 30.66 20.84
CA ILE A 265 21.62 29.75 20.64
C ILE A 265 21.54 29.28 19.19
N TYR A 266 21.59 27.96 19.01
CA TYR A 266 21.48 27.38 17.68
C TYR A 266 20.04 27.43 17.23
N ALA A 267 19.16 26.97 18.11
CA ALA A 267 17.74 26.91 17.80
C ALA A 267 16.90 26.59 19.03
N GLU A 268 15.60 26.79 18.90
CA GLU A 268 14.66 26.47 19.96
C GLU A 268 14.04 25.14 19.55
N ILE A 269 13.79 24.28 20.53
CA ILE A 269 13.16 23.01 20.22
C ILE A 269 11.68 23.40 20.31
N VAL A 270 11.03 23.56 19.17
CA VAL A 270 9.63 23.96 19.14
C VAL A 270 8.64 22.80 19.07
N GLY A 271 9.16 21.59 18.90
CA GLY A 271 8.30 20.43 18.85
C GLY A 271 8.99 19.12 19.21
N TYR A 272 8.28 18.27 19.95
CA TYR A 272 8.80 16.97 20.35
C TYR A 272 7.66 15.97 20.32
N GLY A 273 7.81 14.94 19.50
CA GLY A 273 6.80 13.92 19.41
C GLY A 273 7.37 12.60 19.88
N ALA A 274 6.55 11.82 20.59
CA ALA A 274 6.95 10.52 21.09
C ALA A 274 5.71 9.63 21.04
N THR A 275 5.75 8.59 20.23
CA THR A 275 4.61 7.69 20.11
C THR A 275 5.05 6.23 20.05
N SER A 276 4.06 5.34 19.93
CA SER A 276 4.30 3.91 19.89
C SER A 276 3.45 3.26 18.80
N ASP A 277 4.02 2.30 18.08
CA ASP A 277 3.29 1.61 17.01
C ASP A 277 2.29 0.60 17.54
N GLY A 278 2.68 -0.15 18.56
CA GLY A 278 1.78 -1.16 19.12
C GLY A 278 1.35 -2.14 18.05
N ALA A 279 2.26 -2.48 17.14
CA ALA A 279 1.96 -3.40 16.04
C ALA A 279 2.97 -4.54 15.91
N ASP A 280 4.05 -4.30 15.16
CA ASP A 280 5.08 -5.32 14.96
C ASP A 280 6.28 -5.06 15.86
N MET A 281 7.09 -6.09 16.10
CA MET A 281 8.26 -5.94 16.96
C MET A 281 9.42 -5.25 16.25
N VAL A 282 9.80 -5.77 15.10
CA VAL A 282 10.91 -5.19 14.34
C VAL A 282 10.48 -4.81 12.93
N ALA A 283 9.57 -3.85 12.84
CA ALA A 283 9.08 -3.37 11.56
C ALA A 283 8.15 -2.18 11.80
N PRO A 284 8.51 -1.01 11.25
CA PRO A 284 7.70 0.20 11.41
C PRO A 284 6.28 0.02 10.85
N SER A 285 5.29 0.60 11.52
CA SER A 285 3.91 0.50 11.06
C SER A 285 3.59 1.70 10.16
N GLY A 286 4.35 2.78 10.33
CA GLY A 286 4.12 3.98 9.55
C GLY A 286 3.08 4.86 10.22
N GLU A 287 2.01 4.23 10.71
CA GLU A 287 0.92 4.92 11.39
C GLU A 287 1.44 5.65 12.63
N GLY A 288 2.27 4.97 13.40
CA GLY A 288 2.81 5.59 14.59
C GLY A 288 3.69 6.77 14.25
N ALA A 289 4.44 6.63 13.16
CA ALA A 289 5.34 7.69 12.70
C ALA A 289 4.57 8.95 12.28
N VAL A 290 3.42 8.74 11.65
CA VAL A 290 2.59 9.87 11.22
C VAL A 290 2.15 10.63 12.46
N ARG A 291 1.67 9.90 13.48
CA ARG A 291 1.23 10.54 14.70
C ARG A 291 2.36 11.27 15.40
N CYS A 292 3.54 10.68 15.37
CA CYS A 292 4.72 11.26 15.99
C CYS A 292 5.08 12.61 15.33
N MET A 293 5.10 12.63 14.00
CA MET A 293 5.44 13.86 13.30
C MET A 293 4.35 14.92 13.50
N LYS A 294 3.08 14.50 13.50
CA LYS A 294 2.00 15.45 13.71
C LYS A 294 2.08 16.04 15.12
N MET A 295 2.43 15.20 16.09
CA MET A 295 2.55 15.65 17.47
C MET A 295 3.65 16.71 17.58
N ALA A 296 4.76 16.47 16.90
CA ALA A 296 5.87 17.40 16.95
C ALA A 296 5.55 18.72 16.24
N MET A 297 4.61 18.68 15.29
CA MET A 297 4.23 19.88 14.54
C MET A 297 3.09 20.69 15.17
N HIS A 298 2.56 20.21 16.29
CA HIS A 298 1.46 20.91 16.95
C HIS A 298 1.91 22.30 17.42
N GLY A 299 1.24 23.34 16.94
CA GLY A 299 1.60 24.68 17.36
C GLY A 299 2.72 25.29 16.53
N VAL A 300 3.29 24.50 15.62
CA VAL A 300 4.36 25.00 14.76
C VAL A 300 3.72 25.49 13.47
N ASP A 301 3.61 26.81 13.33
CA ASP A 301 2.99 27.38 12.15
C ASP A 301 3.96 27.75 11.03
N THR A 302 5.25 27.55 11.26
CA THR A 302 6.21 27.82 10.20
C THR A 302 6.36 26.51 9.46
N PRO A 303 6.67 26.58 8.16
CA PRO A 303 6.82 25.34 7.39
C PRO A 303 8.14 24.65 7.69
N ILE A 304 8.17 23.34 7.44
CA ILE A 304 9.38 22.56 7.65
C ILE A 304 10.22 22.73 6.39
N ASP A 305 11.38 23.35 6.53
CA ASP A 305 12.27 23.61 5.40
C ASP A 305 13.14 22.42 5.04
N TYR A 306 13.49 21.62 6.06
CA TYR A 306 14.32 20.45 5.86
C TYR A 306 13.98 19.35 6.85
N LEU A 307 13.95 18.12 6.36
CA LEU A 307 13.66 16.96 7.18
C LEU A 307 14.79 15.95 7.10
N ASN A 308 15.38 15.63 8.25
CA ASN A 308 16.46 14.65 8.34
C ASN A 308 15.69 13.39 8.70
N SER A 309 15.51 12.49 7.74
CA SER A 309 14.74 11.28 7.99
C SER A 309 15.46 10.20 8.79
N GLN A 310 14.69 9.22 9.23
CA GLN A 310 15.23 8.07 9.98
C GLN A 310 16.12 7.38 8.96
N GLY A 311 15.56 7.21 7.75
CA GLY A 311 16.27 6.61 6.64
C GLY A 311 17.34 5.59 6.94
N THR A 312 16.92 4.45 7.48
CA THR A 312 17.79 3.35 7.87
C THR A 312 18.55 2.69 6.71
N SER A 313 17.93 2.67 5.54
CA SER A 313 18.47 2.09 4.32
C SER A 313 18.02 0.63 4.20
N THR A 314 16.87 0.34 4.80
CA THR A 314 16.30 -1.01 4.75
C THR A 314 15.16 -0.99 3.73
N PRO A 315 14.94 -2.11 3.03
CA PRO A 315 13.89 -2.21 2.02
C PRO A 315 12.50 -1.73 2.50
N VAL A 316 12.01 -2.34 3.58
CA VAL A 316 10.70 -1.99 4.13
C VAL A 316 10.69 -0.69 4.94
N GLY A 317 11.68 -0.54 5.82
CA GLY A 317 11.75 0.66 6.64
C GLY A 317 11.70 1.96 5.86
N ASP A 318 12.49 2.07 4.80
CA ASP A 318 12.54 3.27 3.99
C ASP A 318 11.18 3.64 3.36
N VAL A 319 10.47 2.64 2.84
CA VAL A 319 9.16 2.89 2.23
C VAL A 319 8.10 3.32 3.24
N LYS A 320 8.10 2.69 4.41
CA LYS A 320 7.14 3.04 5.45
C LYS A 320 7.30 4.51 5.84
N GLU A 321 8.53 4.94 6.05
CA GLU A 321 8.75 6.34 6.42
C GLU A 321 8.36 7.29 5.29
N LEU A 322 8.63 6.89 4.05
CA LEU A 322 8.28 7.73 2.91
C LEU A 322 6.77 7.97 2.90
N ALA A 323 6.02 6.90 3.10
CA ALA A 323 4.56 6.98 3.13
C ALA A 323 4.10 7.90 4.25
N ALA A 324 4.70 7.74 5.43
CA ALA A 324 4.34 8.57 6.58
C ALA A 324 4.59 10.04 6.30
N ILE A 325 5.72 10.35 5.69
CA ILE A 325 6.04 11.74 5.37
C ILE A 325 5.00 12.30 4.40
N ARG A 326 4.62 11.51 3.41
CA ARG A 326 3.61 11.93 2.43
C ARG A 326 2.28 12.24 3.10
N GLU A 327 1.91 11.42 4.08
CA GLU A 327 0.64 11.60 4.80
C GLU A 327 0.66 12.85 5.66
N VAL A 328 1.81 13.13 6.27
CA VAL A 328 1.93 14.30 7.13
C VAL A 328 1.96 15.63 6.37
N PHE A 329 2.77 15.70 5.33
CA PHE A 329 2.90 16.93 4.57
C PHE A 329 2.08 17.01 3.29
N GLY A 330 1.82 15.86 2.68
CA GLY A 330 1.05 15.84 1.45
C GLY A 330 1.68 16.69 0.37
N ASP A 331 1.05 17.83 0.10
CA ASP A 331 1.54 18.75 -0.92
C ASP A 331 2.63 19.67 -0.38
N LYS A 332 2.80 19.68 0.95
CA LYS A 332 3.81 20.51 1.59
C LYS A 332 5.10 19.73 1.82
N SER A 333 5.49 18.91 0.85
CA SER A 333 6.71 18.11 0.98
C SER A 333 7.97 18.98 1.10
N PRO A 334 8.66 18.89 2.25
CA PRO A 334 9.88 19.67 2.48
C PRO A 334 11.11 18.97 1.91
N ALA A 335 12.25 19.67 1.91
CA ALA A 335 13.49 19.10 1.41
C ALA A 335 13.81 17.93 2.35
N ILE A 336 14.22 16.80 1.78
CA ILE A 336 14.53 15.62 2.57
C ILE A 336 15.87 14.97 2.21
N SER A 337 16.61 14.54 3.22
CA SER A 337 17.86 13.83 2.99
C SER A 337 18.12 12.90 4.18
N ALA A 338 18.71 11.74 3.90
CA ALA A 338 19.02 10.76 4.93
C ALA A 338 20.52 10.74 5.10
N THR A 339 21.00 11.35 6.18
CA THR A 339 22.42 11.40 6.41
C THR A 339 23.03 10.02 6.70
N LYS A 340 22.20 9.04 7.05
CA LYS A 340 22.71 7.71 7.34
C LYS A 340 23.41 7.12 6.12
N ALA A 341 23.08 7.61 4.93
CA ALA A 341 23.73 7.14 3.71
C ALA A 341 25.23 7.41 3.82
N MET A 342 25.58 8.47 4.55
CA MET A 342 26.99 8.84 4.76
C MET A 342 27.61 8.25 6.02
N THR A 343 26.87 8.36 7.11
CA THR A 343 27.33 7.96 8.44
C THR A 343 27.11 6.56 8.96
N GLY A 344 26.14 5.85 8.40
CA GLY A 344 25.85 4.54 8.94
C GLY A 344 24.85 4.81 10.05
N HIS A 345 24.36 3.74 10.69
CA HIS A 345 23.37 3.86 11.76
C HIS A 345 24.01 3.68 13.13
N SER A 346 24.14 4.78 13.87
CA SER A 346 24.75 4.72 15.20
C SER A 346 23.82 4.31 16.33
N LEU A 347 22.67 3.75 15.98
CA LEU A 347 21.71 3.27 16.97
C LEU A 347 21.40 4.27 18.11
N GLY A 348 21.86 3.96 19.32
CA GLY A 348 21.60 4.83 20.46
C GLY A 348 22.10 6.26 20.29
N ALA A 349 23.13 6.44 19.47
CA ALA A 349 23.69 7.77 19.25
C ALA A 349 23.07 8.51 18.08
N ALA A 350 22.32 7.79 17.24
CA ALA A 350 21.72 8.39 16.05
C ALA A 350 20.85 9.63 16.26
N GLY A 351 19.92 9.56 17.20
CA GLY A 351 19.06 10.70 17.44
C GLY A 351 19.79 12.00 17.70
N VAL A 352 20.74 11.97 18.63
CA VAL A 352 21.48 13.19 18.93
C VAL A 352 22.45 13.61 17.82
N GLN A 353 23.11 12.65 17.16
CA GLN A 353 24.03 13.05 16.09
C GLN A 353 23.25 13.65 14.93
N GLU A 354 22.09 13.07 14.62
CA GLU A 354 21.27 13.58 13.52
C GLU A 354 20.64 14.94 13.86
N ALA A 355 20.32 15.17 15.12
CA ALA A 355 19.79 16.47 15.52
C ALA A 355 20.94 17.46 15.31
N ILE A 356 22.16 17.02 15.64
CA ILE A 356 23.32 17.89 15.45
C ILE A 356 23.57 18.16 13.97
N TYR A 357 23.45 17.15 13.11
CA TYR A 357 23.66 17.42 11.68
C TYR A 357 22.61 18.43 11.23
N SER A 358 21.37 18.26 11.69
CA SER A 358 20.29 19.17 11.33
C SER A 358 20.59 20.60 11.82
N LEU A 359 21.14 20.70 13.03
CA LEU A 359 21.47 22.01 13.60
C LEU A 359 22.59 22.68 12.81
N LEU A 360 23.55 21.90 12.32
CA LEU A 360 24.64 22.47 11.55
C LEU A 360 24.10 22.98 10.22
N MET A 361 23.16 22.24 9.65
CA MET A 361 22.56 22.66 8.38
C MET A 361 21.79 23.97 8.60
N LEU A 362 21.07 24.05 9.72
CA LEU A 362 20.30 25.24 10.04
C LEU A 362 21.21 26.44 10.31
N GLU A 363 22.29 26.19 11.04
CA GLU A 363 23.25 27.26 11.39
C GLU A 363 24.03 27.77 10.18
N HIS A 364 24.47 26.86 9.32
CA HIS A 364 25.26 27.24 8.16
C HIS A 364 24.49 27.39 6.85
N GLY A 365 23.17 27.26 6.94
CA GLY A 365 22.32 27.43 5.77
C GLY A 365 22.62 26.56 4.56
N PHE A 366 22.52 25.25 4.73
CA PHE A 366 22.75 24.35 3.62
C PHE A 366 22.05 23.02 3.91
N ILE A 367 21.81 22.25 2.86
CA ILE A 367 21.18 20.94 3.01
C ILE A 367 22.15 19.88 2.52
N ALA A 368 22.48 18.95 3.41
CA ALA A 368 23.39 17.86 3.11
C ALA A 368 22.67 16.90 2.15
N PRO A 369 23.42 16.37 1.16
CA PRO A 369 22.87 15.44 0.18
C PRO A 369 22.59 14.04 0.70
N SER A 370 21.61 13.39 0.08
CA SER A 370 21.24 12.02 0.42
C SER A 370 22.04 11.27 -0.65
N ILE A 371 23.17 10.69 -0.28
CA ILE A 371 24.03 10.01 -1.24
C ILE A 371 23.71 8.56 -1.59
N ASN A 372 24.43 8.06 -2.59
CA ASN A 372 24.30 6.69 -3.08
C ASN A 372 22.96 6.31 -3.68
N ILE A 373 22.22 7.29 -4.17
CA ILE A 373 20.95 7.00 -4.80
C ILE A 373 21.16 6.91 -6.31
N GLU A 374 21.50 5.72 -6.78
CA GLU A 374 21.73 5.49 -8.20
C GLU A 374 20.40 5.31 -8.93
N GLU A 375 19.41 4.80 -8.20
CA GLU A 375 18.08 4.59 -8.76
C GLU A 375 17.06 4.83 -7.67
N LEU A 376 16.43 6.01 -7.71
CA LEU A 376 15.44 6.39 -6.73
C LEU A 376 14.31 5.37 -6.67
N ASP A 377 13.92 5.01 -5.44
CA ASP A 377 12.84 4.05 -5.24
C ASP A 377 11.56 4.62 -5.83
N GLU A 378 10.78 3.77 -6.49
CA GLU A 378 9.53 4.19 -7.11
C GLU A 378 8.59 4.88 -6.11
N GLN A 379 8.55 4.38 -4.89
CA GLN A 379 7.68 4.95 -3.86
C GLN A 379 8.21 6.26 -3.27
N ALA A 380 9.20 6.85 -3.93
CA ALA A 380 9.79 8.10 -3.47
C ALA A 380 9.58 9.21 -4.49
N ALA A 381 9.11 8.83 -5.68
CA ALA A 381 8.86 9.80 -6.75
C ALA A 381 7.89 10.87 -6.28
N GLY A 382 8.19 12.12 -6.60
CA GLY A 382 7.32 13.20 -6.19
C GLY A 382 7.81 13.94 -4.96
N LEU A 383 8.65 13.29 -4.16
CA LEU A 383 9.20 13.90 -2.95
C LEU A 383 10.46 14.70 -3.28
N ASN A 384 10.76 15.69 -2.45
CA ASN A 384 11.94 16.53 -2.67
C ASN A 384 13.17 15.97 -1.96
N ILE A 385 13.67 14.86 -2.47
CA ILE A 385 14.87 14.21 -1.92
C ILE A 385 16.10 14.91 -2.49
N VAL A 386 16.85 15.57 -1.62
CA VAL A 386 18.04 16.30 -2.03
C VAL A 386 19.23 15.35 -2.19
N THR A 387 19.81 15.33 -3.40
CA THR A 387 20.93 14.44 -3.68
C THR A 387 22.25 15.18 -3.91
N GLU A 388 22.21 16.50 -3.82
CA GLU A 388 23.41 17.32 -3.96
C GLU A 388 23.36 18.44 -2.95
N THR A 389 24.51 18.75 -2.37
CA THR A 389 24.63 19.81 -1.38
C THR A 389 24.00 21.07 -1.94
N THR A 390 23.04 21.62 -1.20
CA THR A 390 22.33 22.81 -1.64
C THR A 390 22.31 23.89 -0.58
N ASP A 391 22.81 25.07 -0.95
CA ASP A 391 22.81 26.19 -0.04
C ASP A 391 21.40 26.77 0.00
N ARG A 392 20.88 26.99 1.20
CA ARG A 392 19.52 27.53 1.33
C ARG A 392 19.31 28.07 2.73
N GLU A 393 18.54 29.14 2.83
CA GLU A 393 18.26 29.73 4.13
C GLU A 393 17.16 28.92 4.81
N LEU A 394 17.55 28.11 5.77
CA LEU A 394 16.61 27.27 6.51
C LEU A 394 16.19 27.99 7.78
N THR A 395 14.97 27.73 8.23
CA THR A 395 14.47 28.36 9.46
C THR A 395 13.95 27.31 10.43
N THR A 396 13.24 26.32 9.89
CA THR A 396 12.67 25.24 10.71
C THR A 396 13.06 23.87 10.15
N VAL A 397 13.56 23.00 11.01
CA VAL A 397 13.96 21.67 10.59
C VAL A 397 13.37 20.56 11.48
N MET A 398 13.22 19.37 10.91
CA MET A 398 12.67 18.23 11.62
C MET A 398 13.61 17.04 11.49
N SER A 399 13.74 16.27 12.56
CA SER A 399 14.58 15.07 12.53
C SER A 399 13.78 13.91 13.13
N ASN A 400 13.65 12.85 12.36
CA ASN A 400 12.90 11.65 12.77
C ASN A 400 13.79 10.54 13.29
N SER A 401 13.32 9.86 14.33
CA SER A 401 14.04 8.72 14.90
C SER A 401 13.00 7.64 15.20
N PHE A 402 12.90 6.64 14.33
CA PHE A 402 11.94 5.57 14.54
C PHE A 402 12.73 4.28 14.74
N GLY A 403 12.66 3.71 15.94
CA GLY A 403 13.42 2.52 16.24
C GLY A 403 12.69 1.22 16.46
N PHE A 404 13.45 0.12 16.49
CA PHE A 404 12.87 -1.19 16.70
C PHE A 404 12.05 -1.18 17.98
N GLY A 405 10.99 -1.98 17.99
CA GLY A 405 10.12 -2.04 19.15
C GLY A 405 8.95 -1.09 18.98
N GLY A 406 8.84 -0.51 17.80
CA GLY A 406 7.75 0.41 17.51
C GLY A 406 7.77 1.68 18.34
N THR A 407 8.96 2.20 18.59
CA THR A 407 9.11 3.42 19.39
C THR A 407 9.54 4.57 18.48
N ASN A 408 8.82 5.69 18.58
CA ASN A 408 9.06 6.84 17.73
C ASN A 408 9.31 8.16 18.45
N ALA A 409 10.22 8.95 17.90
CA ALA A 409 10.56 10.26 18.40
C ALA A 409 10.79 11.17 17.21
N THR A 410 10.35 12.42 17.34
CA THR A 410 10.55 13.41 16.28
C THR A 410 10.88 14.73 16.96
N LEU A 411 11.87 15.44 16.45
CA LEU A 411 12.24 16.72 17.02
C LEU A 411 12.14 17.80 15.95
N VAL A 412 11.57 18.95 16.32
CA VAL A 412 11.45 20.07 15.39
C VAL A 412 12.20 21.21 16.05
N MET A 413 13.13 21.79 15.32
CA MET A 413 13.95 22.88 15.81
C MET A 413 13.82 24.09 14.92
N ARG A 414 13.81 25.27 15.54
CA ARG A 414 13.65 26.49 14.78
C ARG A 414 14.56 27.62 15.24
N LYS A 415 15.08 28.36 14.27
CA LYS A 415 15.95 29.50 14.52
C LYS A 415 15.19 30.62 15.22
N LEU A 416 15.87 31.35 16.10
CA LEU A 416 15.25 32.47 16.79
C LEU A 416 15.72 33.76 16.10
N LYS A 417 14.89 34.80 16.16
CA LYS A 417 15.24 36.08 15.54
C LYS A 417 16.23 36.89 16.37
N ASP A 418 17.01 37.67 15.79
N MET B 13 -1.18 21.77 37.85
CA MET B 13 -1.11 20.73 36.78
C MET B 13 -2.06 19.59 37.12
N LYS B 14 -2.05 18.56 36.29
CA LYS B 14 -2.89 17.39 36.51
C LYS B 14 -2.28 16.55 37.62
N ARG B 15 -3.14 15.82 38.33
CA ARG B 15 -2.70 14.96 39.41
C ARG B 15 -2.64 13.51 38.94
N ALA B 16 -1.71 12.74 39.47
CA ALA B 16 -1.53 11.35 39.07
C ALA B 16 -1.76 10.37 40.22
N VAL B 17 -2.53 9.33 39.94
CA VAL B 17 -2.83 8.30 40.95
C VAL B 17 -2.54 6.90 40.41
N ILE B 18 -2.40 5.94 41.31
CA ILE B 18 -2.16 4.55 40.93
C ILE B 18 -3.50 3.84 41.01
N THR B 19 -3.93 3.26 39.90
CA THR B 19 -5.22 2.58 39.84
C THR B 19 -5.11 1.08 39.65
N GLY B 20 -3.90 0.54 39.68
CA GLY B 20 -3.73 -0.87 39.50
C GLY B 20 -2.27 -1.25 39.66
N LEU B 21 -2.03 -2.50 40.02
CA LEU B 21 -0.66 -2.97 40.18
C LEU B 21 -0.51 -4.45 39.89
N GLY B 22 0.71 -4.83 39.56
CA GLY B 22 1.02 -6.22 39.25
C GLY B 22 2.44 -6.47 39.67
N ILE B 23 2.73 -7.67 40.14
CA ILE B 23 4.08 -7.97 40.60
C ILE B 23 4.44 -9.45 40.52
N VAL B 24 5.72 -9.71 40.26
CA VAL B 24 6.25 -11.07 40.20
C VAL B 24 7.60 -10.98 40.87
N SER B 25 7.65 -11.30 42.17
CA SER B 25 8.89 -11.23 42.92
C SER B 25 9.29 -12.52 43.63
N SER B 26 10.42 -12.47 44.33
CA SER B 26 10.91 -13.63 45.05
C SER B 26 10.01 -14.02 46.23
N ILE B 27 9.14 -13.10 46.63
CA ILE B 27 8.23 -13.37 47.76
C ILE B 27 6.75 -13.42 47.37
N GLY B 28 6.47 -13.62 46.08
CA GLY B 28 5.10 -13.68 45.63
C GLY B 28 4.93 -13.49 44.13
N ASN B 29 4.07 -14.29 43.51
CA ASN B 29 3.82 -14.21 42.07
C ASN B 29 2.65 -13.30 41.72
N ASN B 30 2.12 -12.63 42.74
CA ASN B 30 1.00 -11.70 42.60
C ASN B 30 0.93 -10.90 43.89
N GLN B 31 0.08 -9.87 43.94
CA GLN B 31 -0.02 -9.03 45.12
C GLN B 31 -0.56 -9.73 46.36
N GLN B 32 -1.36 -10.79 46.15
CA GLN B 32 -1.90 -11.54 47.27
C GLN B 32 -0.76 -12.32 47.95
N GLU B 33 -0.01 -13.08 47.15
CA GLU B 33 1.09 -13.86 47.68
C GLU B 33 2.14 -12.94 48.31
N VAL B 34 2.45 -11.84 47.63
CA VAL B 34 3.42 -10.88 48.13
C VAL B 34 2.94 -10.34 49.48
N LEU B 35 1.65 -9.99 49.54
CA LEU B 35 1.06 -9.48 50.76
C LEU B 35 1.23 -10.50 51.90
N ALA B 36 1.06 -11.78 51.57
CA ALA B 36 1.19 -12.85 52.56
C ALA B 36 2.61 -12.99 53.08
N SER B 37 3.58 -12.87 52.18
CA SER B 37 4.98 -12.97 52.55
C SER B 37 5.43 -11.79 53.39
N LEU B 38 4.97 -10.61 53.02
CA LEU B 38 5.34 -9.38 53.74
C LEU B 38 4.86 -9.36 55.18
N ARG B 39 3.64 -9.82 55.41
CA ARG B 39 3.09 -9.82 56.77
C ARG B 39 3.79 -10.81 57.67
N GLU B 40 4.28 -11.91 57.11
CA GLU B 40 4.96 -12.92 57.92
C GLU B 40 6.47 -12.78 57.83
N GLY B 41 6.95 -11.75 57.13
CA GLY B 41 8.37 -11.54 57.00
C GLY B 41 9.10 -12.70 56.36
N ARG B 42 8.43 -13.38 55.44
CA ARG B 42 9.03 -14.53 54.76
C ARG B 42 10.12 -14.06 53.78
N SER B 43 11.16 -14.88 53.65
CA SER B 43 12.27 -14.57 52.76
C SER B 43 12.17 -15.32 51.44
N GLY B 44 12.58 -14.67 50.36
CA GLY B 44 12.54 -15.31 49.06
C GLY B 44 13.91 -15.77 48.61
N ILE B 45 14.89 -15.67 49.50
CA ILE B 45 16.26 -16.07 49.20
C ILE B 45 16.46 -17.58 49.30
N THR B 46 17.14 -18.15 48.32
CA THR B 46 17.40 -19.59 48.32
C THR B 46 18.79 -19.90 47.74
N PHE B 47 19.28 -21.11 47.98
CA PHE B 47 20.57 -21.54 47.48
C PHE B 47 20.49 -21.71 45.97
N SER B 48 21.52 -21.22 45.27
CA SER B 48 21.54 -21.31 43.82
C SER B 48 22.69 -22.15 43.31
N GLN B 49 22.37 -23.34 42.79
CA GLN B 49 23.38 -24.23 42.26
C GLN B 49 24.03 -23.55 41.05
N GLU B 50 23.24 -22.75 40.33
CA GLU B 50 23.75 -22.06 39.15
C GLU B 50 24.87 -21.10 39.54
N LEU B 51 24.65 -20.32 40.59
CA LEU B 51 25.65 -19.36 41.05
C LEU B 51 26.90 -20.05 41.58
N LYS B 52 26.72 -21.24 42.13
CA LYS B 52 27.85 -21.99 42.66
C LYS B 52 28.65 -22.60 41.51
N ASP B 53 27.95 -23.25 40.59
CA ASP B 53 28.63 -23.87 39.46
C ASP B 53 29.40 -22.87 38.61
N SER B 54 28.95 -21.62 38.60
CA SER B 54 29.62 -20.59 37.80
C SER B 54 30.96 -20.23 38.41
N GLY B 55 31.11 -20.47 39.70
CA GLY B 55 32.37 -20.17 40.37
C GLY B 55 32.30 -18.93 41.22
N MET B 56 31.09 -18.44 41.47
CA MET B 56 30.90 -17.24 42.27
C MET B 56 31.06 -17.53 43.76
N ARG B 57 31.25 -16.46 44.53
CA ARG B 57 31.40 -16.56 45.97
C ARG B 57 30.04 -16.49 46.64
N SER B 58 29.11 -15.80 46.00
CA SER B 58 27.75 -15.65 46.50
C SER B 58 26.96 -16.81 45.90
N HIS B 59 26.30 -17.59 46.75
CA HIS B 59 25.53 -18.75 46.29
C HIS B 59 24.05 -18.63 46.61
N VAL B 60 23.59 -17.42 46.89
CA VAL B 60 22.19 -17.18 47.21
C VAL B 60 21.57 -16.13 46.29
N TRP B 61 20.26 -16.21 46.11
CA TRP B 61 19.54 -15.24 45.27
C TRP B 61 18.03 -15.27 45.54
N GLY B 62 17.35 -14.24 45.06
CA GLY B 62 15.91 -14.16 45.21
C GLY B 62 15.28 -14.52 43.88
N ASN B 63 15.16 -15.81 43.61
CA ASN B 63 14.57 -16.27 42.37
C ASN B 63 13.06 -16.18 42.34
N VAL B 64 12.51 -16.17 41.14
CA VAL B 64 11.07 -16.10 40.97
C VAL B 64 10.56 -17.52 40.96
N LYS B 65 9.82 -17.91 42.00
CA LYS B 65 9.27 -19.25 42.08
C LYS B 65 7.97 -19.33 41.29
N LEU B 66 8.10 -19.53 39.98
CA LEU B 66 6.95 -19.62 39.10
C LEU B 66 7.31 -20.23 37.75
N ASP B 67 6.46 -21.12 37.26
CA ASP B 67 6.68 -21.78 35.97
C ASP B 67 5.95 -20.95 34.93
N THR B 68 6.69 -20.15 34.17
CA THR B 68 6.10 -19.30 33.15
C THR B 68 5.84 -20.02 31.83
N THR B 69 5.97 -21.34 31.84
CA THR B 69 5.75 -22.12 30.63
C THR B 69 4.31 -22.00 30.13
N GLY B 70 4.16 -21.48 28.92
CA GLY B 70 2.83 -21.34 28.34
C GLY B 70 1.97 -20.18 28.84
N LEU B 71 2.53 -19.31 29.68
CA LEU B 71 1.78 -18.17 30.20
C LEU B 71 1.69 -17.04 29.19
N ILE B 72 2.55 -17.08 28.18
CA ILE B 72 2.58 -16.05 27.13
C ILE B 72 2.56 -16.72 25.77
N ASP B 73 1.76 -16.18 24.85
CA ASP B 73 1.67 -16.75 23.51
C ASP B 73 3.05 -16.89 22.88
N ARG B 74 3.22 -17.95 22.09
CA ARG B 74 4.49 -18.25 21.42
C ARG B 74 5.04 -17.07 20.63
N LYS B 75 4.24 -16.59 19.69
CA LYS B 75 4.62 -15.47 18.82
C LYS B 75 5.08 -14.25 19.61
N VAL B 76 4.66 -14.14 20.86
CA VAL B 76 5.02 -13.00 21.68
C VAL B 76 6.26 -13.25 22.56
N VAL B 77 6.28 -14.36 23.28
CA VAL B 77 7.39 -14.67 24.17
C VAL B 77 8.71 -14.96 23.45
N ARG B 78 8.64 -15.26 22.16
CA ARG B 78 9.86 -15.56 21.39
C ARG B 78 10.81 -14.36 21.27
N PHE B 79 10.30 -13.15 21.50
CA PHE B 79 11.14 -11.96 21.43
C PHE B 79 11.60 -11.51 22.81
N MET B 80 11.10 -12.17 23.85
CA MET B 80 11.38 -11.78 25.23
C MET B 80 12.48 -12.48 26.02
N SER B 81 13.09 -11.71 26.91
CA SER B 81 14.10 -12.20 27.83
C SER B 81 13.33 -12.29 29.14
N ASP B 82 13.94 -12.87 30.17
CA ASP B 82 13.26 -13.00 31.46
C ASP B 82 12.79 -11.66 32.04
N ALA B 83 13.55 -10.58 31.84
CA ALA B 83 13.13 -9.29 32.37
C ALA B 83 11.79 -8.92 31.74
N SER B 84 11.65 -9.13 30.44
CA SER B 84 10.42 -8.80 29.74
C SER B 84 9.29 -9.73 30.17
N ILE B 85 9.60 -11.01 30.36
CA ILE B 85 8.58 -11.96 30.78
C ILE B 85 7.98 -11.57 32.12
N TYR B 86 8.83 -11.26 33.09
CA TYR B 86 8.34 -10.86 34.41
C TYR B 86 7.53 -9.57 34.29
N ALA B 87 8.03 -8.62 33.50
CA ALA B 87 7.33 -7.35 33.32
C ALA B 87 5.99 -7.57 32.64
N PHE B 88 5.97 -8.42 31.61
CA PHE B 88 4.74 -8.71 30.88
C PHE B 88 3.66 -9.27 31.82
N LEU B 89 4.00 -10.29 32.58
CA LEU B 89 3.06 -10.91 33.51
C LEU B 89 2.58 -9.90 34.55
N SER B 90 3.48 -9.01 34.99
CA SER B 90 3.10 -8.00 35.97
C SER B 90 2.12 -7.02 35.34
N MET B 91 2.31 -6.70 34.06
CA MET B 91 1.42 -5.76 33.39
C MET B 91 0.03 -6.37 33.22
N GLU B 92 -0.04 -7.67 32.87
CA GLU B 92 -1.34 -8.33 32.72
C GLU B 92 -2.10 -8.20 34.03
N GLN B 93 -1.40 -8.46 35.13
CA GLN B 93 -1.99 -8.35 36.47
C GLN B 93 -2.46 -6.93 36.75
N ALA B 94 -1.65 -5.95 36.34
CA ALA B 94 -1.96 -4.55 36.57
C ALA B 94 -3.21 -4.12 35.80
N ILE B 95 -3.30 -4.54 34.55
CA ILE B 95 -4.45 -4.20 33.70
C ILE B 95 -5.76 -4.70 34.33
N ALA B 96 -5.76 -5.97 34.72
CA ALA B 96 -6.94 -6.58 35.34
C ALA B 96 -7.27 -5.91 36.67
N ASP B 97 -6.25 -5.69 37.49
CA ASP B 97 -6.43 -5.06 38.78
C ASP B 97 -6.95 -3.64 38.64
N ALA B 98 -6.67 -3.00 37.50
CA ALA B 98 -7.14 -1.65 37.27
C ALA B 98 -8.56 -1.65 36.71
N GLY B 99 -9.04 -2.80 36.26
CA GLY B 99 -10.39 -2.89 35.73
C GLY B 99 -10.45 -2.38 34.30
N LEU B 100 -9.31 -2.44 33.60
CA LEU B 100 -9.21 -1.95 32.23
C LEU B 100 -9.38 -3.05 31.19
N SER B 101 -10.08 -2.73 30.11
CA SER B 101 -10.29 -3.67 29.02
C SER B 101 -9.66 -3.09 27.75
N PRO B 102 -9.30 -3.95 26.79
CA PRO B 102 -8.68 -3.56 25.52
C PRO B 102 -9.25 -2.32 24.83
N GLU B 103 -10.57 -2.22 24.82
CA GLU B 103 -11.23 -1.09 24.17
C GLU B 103 -10.86 0.24 24.82
N ALA B 104 -10.44 0.20 26.08
CA ALA B 104 -10.08 1.42 26.80
C ALA B 104 -8.61 1.80 26.77
N TYR B 105 -7.71 0.82 26.69
CA TYR B 105 -6.29 1.14 26.71
C TYR B 105 -5.52 0.82 25.44
N GLN B 106 -6.06 -0.05 24.59
CA GLN B 106 -5.37 -0.41 23.36
C GLN B 106 -5.65 0.58 22.23
N ASN B 107 -4.68 0.70 21.31
CA ASN B 107 -4.79 1.61 20.18
C ASN B 107 -5.28 2.97 20.62
N ASN B 108 -4.73 3.44 21.73
CA ASN B 108 -5.13 4.71 22.30
C ASN B 108 -3.92 5.63 22.44
N PRO B 109 -3.88 6.72 21.65
CA PRO B 109 -2.76 7.69 21.69
C PRO B 109 -2.47 8.24 23.08
N ARG B 110 -3.47 8.23 23.96
CA ARG B 110 -3.26 8.78 25.29
C ARG B 110 -2.89 7.75 26.37
N VAL B 111 -2.53 6.54 25.95
CA VAL B 111 -2.12 5.49 26.88
C VAL B 111 -0.69 5.08 26.49
N GLY B 112 0.22 5.15 27.45
CA GLY B 112 1.61 4.82 27.18
C GLY B 112 2.25 3.77 28.08
N LEU B 113 3.55 3.57 27.89
CA LEU B 113 4.30 2.59 28.65
C LEU B 113 5.75 3.02 28.86
N ILE B 114 6.17 3.10 30.11
CA ILE B 114 7.55 3.45 30.44
C ILE B 114 8.02 2.40 31.44
N ALA B 115 8.90 1.52 30.98
CA ALA B 115 9.41 0.44 31.81
C ALA B 115 10.78 0.02 31.32
N GLY B 116 11.66 -0.35 32.24
CA GLY B 116 12.99 -0.76 31.82
C GLY B 116 13.63 -1.78 32.72
N SER B 117 14.90 -2.06 32.46
CA SER B 117 15.66 -3.00 33.26
C SER B 117 17.00 -2.35 33.54
N GLY B 118 17.73 -2.88 34.50
CA GLY B 118 19.03 -2.33 34.84
C GLY B 118 20.14 -2.78 33.92
N GLY B 119 20.06 -4.03 33.43
CA GLY B 119 21.12 -4.52 32.56
C GLY B 119 20.65 -5.18 31.29
N GLY B 120 19.39 -4.94 30.92
CA GLY B 120 18.85 -5.55 29.72
C GLY B 120 18.80 -7.05 29.87
N SER B 121 19.67 -7.75 29.13
CA SER B 121 19.72 -9.20 29.23
C SER B 121 21.12 -9.75 28.99
N PRO B 122 21.93 -9.80 30.06
CA PRO B 122 23.29 -10.32 29.91
C PRO B 122 23.25 -11.76 29.37
N ARG B 123 22.27 -12.53 29.83
CA ARG B 123 22.15 -13.91 29.39
C ARG B 123 22.04 -14.08 27.89
N PHE B 124 21.17 -13.33 27.24
CA PHE B 124 21.05 -13.49 25.80
C PHE B 124 22.15 -12.75 25.06
N GLN B 125 22.79 -11.82 25.74
CA GLN B 125 23.89 -11.08 25.14
C GLN B 125 25.04 -12.09 24.97
N VAL B 126 25.29 -12.85 26.03
CA VAL B 126 26.33 -13.87 26.04
C VAL B 126 25.93 -15.05 25.16
N PHE B 127 24.64 -15.37 25.16
CA PHE B 127 24.14 -16.46 24.34
C PHE B 127 24.42 -16.17 22.86
N GLY B 128 24.14 -14.94 22.44
CA GLY B 128 24.39 -14.57 21.05
C GLY B 128 25.85 -14.68 20.69
N ALA B 129 26.72 -14.24 21.60
CA ALA B 129 28.16 -14.29 21.38
C ALA B 129 28.65 -15.73 21.32
N ASP B 130 28.15 -16.57 22.24
CA ASP B 130 28.54 -17.97 22.27
C ASP B 130 28.10 -18.69 21.01
N ALA B 131 26.85 -18.45 20.59
CA ALA B 131 26.32 -19.11 19.41
C ALA B 131 27.07 -18.64 18.16
N MET B 132 27.32 -17.33 18.07
CA MET B 132 28.01 -16.78 16.92
C MET B 132 29.42 -17.36 16.78
N ARG B 133 30.07 -17.59 17.91
CA ARG B 133 31.43 -18.13 17.90
C ARG B 133 31.46 -19.63 17.63
N GLY B 134 30.28 -20.20 17.47
CA GLY B 134 30.17 -21.62 17.18
C GLY B 134 30.23 -21.90 15.70
N PRO B 135 30.21 -23.17 15.29
CA PRO B 135 30.28 -23.52 13.87
C PRO B 135 29.10 -23.07 13.01
N ARG B 136 27.95 -22.83 13.64
CA ARG B 136 26.75 -22.40 12.91
C ARG B 136 26.69 -20.89 12.68
N GLY B 137 27.32 -20.12 13.56
CA GLY B 137 27.33 -18.68 13.40
C GLY B 137 25.96 -18.02 13.49
N LEU B 138 25.66 -17.15 12.55
CA LEU B 138 24.38 -16.43 12.52
C LEU B 138 23.16 -17.31 12.67
N LYS B 139 23.22 -18.51 12.09
CA LYS B 139 22.10 -19.44 12.16
C LYS B 139 21.84 -19.87 13.61
N ALA B 140 22.92 -20.01 14.38
CA ALA B 140 22.80 -20.41 15.77
C ALA B 140 22.32 -19.23 16.62
N VAL B 141 22.66 -18.01 16.21
CA VAL B 141 22.25 -16.84 16.96
C VAL B 141 20.73 -16.66 16.89
N GLY B 142 20.18 -16.77 15.68
CA GLY B 142 18.74 -16.62 15.53
C GLY B 142 18.37 -15.15 15.38
N PRO B 143 17.16 -14.85 14.88
CA PRO B 143 16.72 -13.45 14.70
C PRO B 143 15.97 -12.83 15.88
N TYR B 144 16.07 -13.42 17.06
CA TYR B 144 15.36 -12.90 18.22
C TYR B 144 16.25 -12.34 19.33
N VAL B 145 17.56 -12.34 19.12
CA VAL B 145 18.48 -11.86 20.14
C VAL B 145 18.41 -10.35 20.39
N VAL B 146 18.24 -9.58 19.31
CA VAL B 146 18.18 -8.12 19.46
C VAL B 146 17.10 -7.64 20.44
N THR B 147 15.87 -8.09 20.25
CA THR B 147 14.79 -7.69 21.14
C THR B 147 14.98 -8.20 22.57
N LYS B 148 15.80 -9.23 22.73
CA LYS B 148 16.04 -9.75 24.07
C LYS B 148 17.22 -9.06 24.73
N ALA B 149 18.25 -8.75 23.93
CA ALA B 149 19.47 -8.13 24.42
C ALA B 149 19.47 -6.61 24.59
N MET B 150 18.75 -5.90 23.72
CA MET B 150 18.72 -4.44 23.80
C MET B 150 18.23 -3.90 25.12
N ALA B 151 18.72 -2.72 25.50
CA ALA B 151 18.34 -2.09 26.76
C ALA B 151 16.87 -1.71 26.85
N SER B 152 16.21 -1.57 25.71
CA SER B 152 14.80 -1.19 25.70
C SER B 152 13.89 -2.41 25.56
N GLY B 153 14.47 -3.59 25.73
CA GLY B 153 13.71 -4.82 25.61
C GLY B 153 12.41 -4.84 26.37
N VAL B 154 12.43 -4.43 27.64
CA VAL B 154 11.22 -4.43 28.45
C VAL B 154 10.08 -3.57 27.87
N SER B 155 10.38 -2.36 27.43
CA SER B 155 9.34 -1.52 26.87
C SER B 155 8.89 -1.97 25.49
N ALA B 156 9.82 -2.38 24.66
CA ALA B 156 9.48 -2.83 23.31
C ALA B 156 8.64 -4.10 23.31
N CYS B 157 8.99 -5.06 24.17
CA CYS B 157 8.28 -6.34 24.23
C CYS B 157 6.88 -6.29 24.84
N LEU B 158 6.56 -5.19 25.52
CA LEU B 158 5.25 -5.04 26.13
C LEU B 158 4.35 -4.12 25.32
N ALA B 159 4.93 -3.02 24.83
CA ALA B 159 4.16 -2.05 24.05
C ALA B 159 3.52 -2.67 22.82
N THR B 160 4.24 -3.56 22.14
CA THR B 160 3.71 -4.19 20.94
C THR B 160 2.51 -5.10 21.22
N PRO B 161 2.68 -6.12 22.09
CA PRO B 161 1.55 -7.01 22.37
C PRO B 161 0.36 -6.32 23.02
N PHE B 162 0.61 -5.29 23.83
CA PHE B 162 -0.50 -4.59 24.48
C PHE B 162 -1.05 -3.44 23.62
N LYS B 163 -0.59 -3.35 22.37
CA LYS B 163 -1.05 -2.34 21.43
C LYS B 163 -1.03 -0.92 22.00
N ILE B 164 0.09 -0.56 22.63
CA ILE B 164 0.24 0.77 23.20
C ILE B 164 0.55 1.76 22.09
N HIS B 165 -0.17 2.89 22.08
CA HIS B 165 0.04 3.91 21.06
C HIS B 165 0.66 5.21 21.56
N GLY B 166 0.71 5.38 22.87
CA GLY B 166 1.28 6.59 23.44
C GLY B 166 2.78 6.53 23.60
N VAL B 167 3.28 7.15 24.67
CA VAL B 167 4.72 7.17 24.91
C VAL B 167 5.21 5.72 25.07
N ASN B 168 6.42 5.44 24.60
CA ASN B 168 6.98 4.10 24.68
C ASN B 168 8.51 4.10 24.68
N TYR B 169 9.08 3.87 25.85
CA TYR B 169 10.53 3.77 25.98
C TYR B 169 10.91 3.26 27.37
N SER B 170 12.19 2.97 27.53
CA SER B 170 12.72 2.47 28.79
C SER B 170 13.64 3.49 29.41
N ILE B 171 13.61 3.57 30.72
CA ILE B 171 14.52 4.47 31.44
C ILE B 171 15.39 3.49 32.21
N SER B 172 16.68 3.77 32.31
CA SER B 172 17.61 2.92 33.02
C SER B 172 18.42 3.79 33.97
N SER B 173 18.55 3.34 35.21
CA SER B 173 19.29 4.09 36.21
C SER B 173 19.66 3.18 37.37
N ALA B 174 20.14 1.99 37.03
CA ALA B 174 20.56 1.02 38.04
C ALA B 174 19.41 0.70 39.00
N CYS B 175 19.70 0.77 40.29
CA CYS B 175 18.73 0.47 41.34
C CYS B 175 17.51 1.38 41.34
N ALA B 176 17.58 2.51 40.64
CA ALA B 176 16.46 3.44 40.61
C ALA B 176 15.65 3.38 39.32
N THR B 177 16.04 2.49 38.43
CA THR B 177 15.41 2.31 37.13
C THR B 177 13.88 2.43 37.09
N SER B 178 13.19 1.50 37.73
CA SER B 178 11.73 1.52 37.71
C SER B 178 11.11 2.62 38.56
N ALA B 179 11.91 3.26 39.41
CA ALA B 179 11.40 4.35 40.22
C ALA B 179 11.34 5.58 39.30
N HIS B 180 12.36 5.77 38.48
CA HIS B 180 12.38 6.89 37.55
C HIS B 180 11.31 6.68 36.48
N CYS B 181 11.03 5.42 36.15
CA CYS B 181 10.00 5.13 35.16
C CYS B 181 8.65 5.62 35.67
N ILE B 182 8.35 5.33 36.94
CA ILE B 182 7.09 5.77 37.53
C ILE B 182 7.04 7.29 37.58
N GLY B 183 8.16 7.90 37.97
CA GLY B 183 8.22 9.35 38.05
C GLY B 183 8.00 10.01 36.71
N ASN B 184 8.59 9.43 35.67
CA ASN B 184 8.46 9.97 34.32
C ASN B 184 7.00 9.83 33.85
N ALA B 185 6.35 8.74 34.26
CA ALA B 185 4.96 8.51 33.89
C ALA B 185 4.10 9.61 34.53
N VAL B 186 4.42 9.96 35.77
CA VAL B 186 3.70 11.01 36.47
C VAL B 186 3.86 12.32 35.69
N GLU B 187 5.09 12.59 35.25
CA GLU B 187 5.37 13.80 34.49
C GLU B 187 4.53 13.87 33.22
N GLN B 188 4.36 12.73 32.55
CA GLN B 188 3.57 12.70 31.32
C GLN B 188 2.12 13.11 31.60
N ILE B 189 1.62 12.68 32.75
CA ILE B 189 0.25 13.03 33.14
C ILE B 189 0.18 14.51 33.50
N GLN B 190 1.18 14.98 34.26
CA GLN B 190 1.21 16.38 34.67
C GLN B 190 1.30 17.31 33.46
N LEU B 191 2.00 16.86 32.42
CA LEU B 191 2.15 17.65 31.20
C LEU B 191 0.92 17.56 30.32
N GLY B 192 -0.06 16.77 30.74
CA GLY B 192 -1.29 16.60 29.99
C GLY B 192 -1.14 15.79 28.71
N LYS B 193 0.01 15.15 28.53
CA LYS B 193 0.28 14.35 27.34
C LYS B 193 -0.36 12.96 27.31
N GLN B 194 -0.59 12.37 28.47
CA GLN B 194 -1.17 11.02 28.55
C GLN B 194 -2.20 10.93 29.69
N ASP B 195 -3.21 10.08 29.51
CA ASP B 195 -4.24 9.86 30.53
C ASP B 195 -3.86 8.66 31.39
N ILE B 196 -3.14 7.72 30.78
CA ILE B 196 -2.69 6.51 31.47
C ILE B 196 -1.30 6.14 30.96
N VAL B 197 -0.44 5.73 31.88
CA VAL B 197 0.90 5.29 31.54
C VAL B 197 1.23 4.11 32.44
N PHE B 198 1.53 2.98 31.84
CA PHE B 198 1.90 1.80 32.61
C PHE B 198 3.38 1.98 32.93
N ALA B 199 3.75 1.88 34.20
CA ALA B 199 5.14 2.09 34.58
C ALA B 199 5.70 0.99 35.47
N GLY B 200 6.93 0.59 35.21
CA GLY B 200 7.55 -0.46 36.02
C GLY B 200 8.85 -0.94 35.41
N GLY B 201 9.09 -2.23 35.51
CA GLY B 201 10.31 -2.80 34.97
C GLY B 201 10.46 -4.27 35.31
N GLY B 202 11.60 -4.82 34.94
CA GLY B 202 11.88 -6.21 35.21
C GLY B 202 13.37 -6.45 35.18
N GLU B 203 13.80 -7.58 35.73
CA GLU B 203 15.21 -7.93 35.76
C GLU B 203 15.35 -9.44 35.76
N GLU B 204 16.21 -9.96 34.90
CA GLU B 204 16.43 -11.40 34.85
C GLU B 204 17.39 -11.76 35.97
N LEU B 205 17.45 -13.05 36.29
CA LEU B 205 18.36 -13.53 37.34
C LEU B 205 19.24 -14.60 36.68
N CYS B 206 20.53 -14.34 36.62
CA CYS B 206 21.47 -15.24 35.97
C CYS B 206 22.89 -15.00 36.47
N TRP B 207 23.73 -16.02 36.37
CA TRP B 207 25.12 -15.87 36.80
C TRP B 207 25.84 -14.88 35.88
N GLU B 208 25.46 -14.85 34.61
CA GLU B 208 26.07 -13.94 33.64
C GLU B 208 26.16 -12.53 34.21
N MET B 209 25.06 -12.03 34.75
CA MET B 209 25.04 -10.69 35.32
C MET B 209 25.50 -10.70 36.77
N ALA B 210 25.11 -11.73 37.52
CA ALA B 210 25.47 -11.83 38.92
C ALA B 210 26.97 -11.81 39.17
N CYS B 211 27.75 -12.49 38.32
CA CYS B 211 29.20 -12.52 38.53
C CYS B 211 29.88 -11.16 38.46
N GLU B 212 29.24 -10.22 37.76
CA GLU B 212 29.79 -8.87 37.64
C GLU B 212 29.76 -8.17 38.99
N PHE B 213 28.67 -8.36 39.72
CA PHE B 213 28.50 -7.75 41.04
C PHE B 213 29.39 -8.42 42.08
N ASP B 214 29.56 -9.73 41.95
CA ASP B 214 30.39 -10.48 42.90
C ASP B 214 31.87 -10.07 42.71
N ALA B 215 32.30 -9.94 41.46
CA ALA B 215 33.68 -9.54 41.17
C ALA B 215 33.93 -8.13 41.68
N MET B 216 32.85 -7.43 41.98
CA MET B 216 32.88 -6.07 42.48
C MET B 216 32.84 -6.07 44.02
N GLY B 217 32.61 -7.25 44.59
CA GLY B 217 32.54 -7.39 46.04
C GLY B 217 31.29 -6.79 46.66
N ALA B 218 30.21 -6.72 45.90
CA ALA B 218 28.97 -6.14 46.39
C ALA B 218 27.95 -7.17 46.90
N LEU B 219 28.17 -8.45 46.56
CA LEU B 219 27.27 -9.51 46.97
C LEU B 219 27.69 -10.24 48.24
N SER B 220 26.71 -10.58 49.07
CA SER B 220 26.93 -11.31 50.31
C SER B 220 27.55 -12.67 50.01
N THR B 221 28.51 -13.09 50.82
CA THR B 221 29.15 -14.38 50.61
C THR B 221 29.43 -15.16 51.90
N LYS B 222 29.06 -14.58 53.03
CA LYS B 222 29.29 -15.22 54.33
C LYS B 222 28.07 -15.93 54.90
N TYR B 223 27.10 -16.25 54.06
CA TYR B 223 25.90 -16.93 54.53
C TYR B 223 25.35 -17.90 53.50
N ASN B 224 26.21 -18.47 52.67
CA ASN B 224 25.75 -19.40 51.66
C ASN B 224 25.19 -20.69 52.27
N ASP B 225 25.35 -20.81 53.59
CA ASP B 225 24.85 -21.97 54.32
C ASP B 225 23.47 -21.70 54.89
N THR B 226 23.16 -20.42 55.08
CA THR B 226 21.86 -20.00 55.60
C THR B 226 21.29 -18.89 54.72
N PRO B 227 20.90 -19.23 53.49
CA PRO B 227 20.33 -18.31 52.50
C PRO B 227 19.37 -17.25 53.06
N GLU B 228 18.35 -17.68 53.78
CA GLU B 228 17.38 -16.75 54.33
C GLU B 228 17.94 -15.73 55.31
N LYS B 229 19.23 -15.82 55.60
CA LYS B 229 19.85 -14.87 56.51
C LYS B 229 20.94 -14.02 55.84
N ALA B 230 21.22 -14.31 54.58
CA ALA B 230 22.23 -13.57 53.84
C ALA B 230 21.89 -12.08 53.82
N SER B 231 20.77 -11.74 53.21
CA SER B 231 20.34 -10.34 53.16
C SER B 231 19.94 -9.91 54.56
N ARG B 232 20.69 -8.98 55.13
CA ARG B 232 20.42 -8.51 56.49
C ARG B 232 20.72 -7.02 56.62
N THR B 233 19.87 -6.21 56.01
CA THR B 233 20.00 -4.76 56.02
C THR B 233 20.04 -4.17 57.42
N TYR B 234 20.91 -3.17 57.59
CA TYR B 234 21.09 -2.48 58.88
C TYR B 234 21.67 -3.35 59.97
N ASP B 235 22.12 -4.55 59.63
CA ASP B 235 22.72 -5.46 60.61
C ASP B 235 24.22 -5.21 60.65
N ALA B 236 24.78 -5.14 61.86
CA ALA B 236 26.20 -4.90 62.03
C ALA B 236 27.06 -5.91 61.31
N HIS B 237 26.48 -7.06 60.97
CA HIS B 237 27.24 -8.10 60.28
C HIS B 237 26.87 -8.28 58.81
N ARG B 238 26.33 -7.23 58.19
CA ARG B 238 25.96 -7.31 56.78
C ARG B 238 27.24 -7.44 55.95
N ASP B 239 27.13 -8.04 54.77
CA ASP B 239 28.31 -8.21 53.92
C ASP B 239 27.97 -8.17 52.43
N GLY B 240 27.07 -7.28 52.04
CA GLY B 240 26.69 -7.19 50.64
C GLY B 240 25.26 -7.60 50.41
N PHE B 241 24.68 -7.16 49.30
CA PHE B 241 23.29 -7.49 49.00
C PHE B 241 23.14 -8.84 48.32
N VAL B 242 21.91 -9.33 48.26
CA VAL B 242 21.62 -10.60 47.61
C VAL B 242 20.89 -10.25 46.32
N ILE B 243 21.47 -10.63 45.19
CA ILE B 243 20.89 -10.31 43.90
C ILE B 243 19.55 -11.05 43.73
N ALA B 244 18.61 -10.39 43.06
CA ALA B 244 17.28 -10.95 42.84
C ALA B 244 16.73 -10.55 41.48
N GLY B 245 15.68 -11.25 41.05
CA GLY B 245 15.06 -10.95 39.77
C GLY B 245 13.56 -10.78 39.93
N GLY B 246 12.85 -10.50 38.84
CA GLY B 246 11.42 -10.33 38.92
C GLY B 246 10.91 -9.13 38.14
N GLY B 247 9.66 -8.76 38.36
CA GLY B 247 9.09 -7.63 37.67
C GLY B 247 8.01 -6.93 38.47
N GLY B 248 7.57 -5.78 37.95
CA GLY B 248 6.51 -5.01 38.60
C GLY B 248 5.92 -4.01 37.62
N MET B 249 4.66 -3.66 37.81
CA MET B 249 4.01 -2.69 36.94
C MET B 249 2.87 -2.02 37.70
N VAL B 250 2.74 -0.71 37.54
CA VAL B 250 1.68 0.02 38.18
C VAL B 250 1.00 0.83 37.09
N VAL B 251 -0.28 1.10 37.27
CA VAL B 251 -1.02 1.89 36.31
C VAL B 251 -1.06 3.31 36.86
N VAL B 252 -0.40 4.23 36.16
CA VAL B 252 -0.39 5.63 36.57
C VAL B 252 -1.46 6.29 35.72
N GLU B 253 -2.41 6.96 36.36
CA GLU B 253 -3.53 7.57 35.63
C GLU B 253 -3.89 8.97 36.11
N GLU B 254 -4.36 9.80 35.18
CA GLU B 254 -4.76 11.16 35.50
C GLU B 254 -6.00 11.07 36.40
N LEU B 255 -6.00 11.83 37.49
CA LEU B 255 -7.07 11.81 38.48
C LEU B 255 -8.51 11.86 37.95
N GLU B 256 -8.85 12.90 37.21
CA GLU B 256 -10.21 13.02 36.69
C GLU B 256 -10.61 11.82 35.83
N HIS B 257 -9.66 11.32 35.04
CA HIS B 257 -9.92 10.19 34.19
C HIS B 257 -10.26 8.95 35.03
N ALA B 258 -9.52 8.79 36.13
CA ALA B 258 -9.72 7.66 37.04
C ALA B 258 -11.05 7.76 37.76
N LEU B 259 -11.37 8.95 38.26
CA LEU B 259 -12.63 9.16 38.97
C LEU B 259 -13.81 8.96 38.03
N ALA B 260 -13.67 9.44 36.80
CA ALA B 260 -14.73 9.32 35.80
C ALA B 260 -15.17 7.88 35.55
N ARG B 261 -14.22 6.94 35.57
CA ARG B 261 -14.56 5.54 35.33
C ARG B 261 -14.74 4.75 36.62
N GLY B 262 -14.74 5.44 37.75
CA GLY B 262 -14.90 4.77 39.03
C GLY B 262 -13.83 3.74 39.31
N ALA B 263 -12.58 4.08 38.98
CA ALA B 263 -11.49 3.15 39.22
C ALA B 263 -11.16 3.05 40.70
N HIS B 264 -10.42 2.00 41.07
CA HIS B 264 -9.98 1.82 42.44
C HIS B 264 -8.68 2.58 42.52
N ILE B 265 -8.60 3.56 43.42
CA ILE B 265 -7.39 4.36 43.57
C ILE B 265 -6.60 3.99 44.82
N TYR B 266 -5.41 3.42 44.62
CA TYR B 266 -4.55 3.03 45.74
C TYR B 266 -4.00 4.27 46.45
N ALA B 267 -3.51 5.22 45.66
CA ALA B 267 -2.95 6.45 46.22
C ALA B 267 -2.54 7.42 45.12
N GLU B 268 -2.28 8.65 45.53
CA GLU B 268 -1.85 9.69 44.62
C GLU B 268 -0.35 9.93 44.76
N ILE B 269 0.34 10.07 43.64
CA ILE B 269 1.77 10.35 43.68
C ILE B 269 1.85 11.85 43.91
N VAL B 270 2.09 12.24 45.16
CA VAL B 270 2.16 13.66 45.49
C VAL B 270 3.59 14.17 45.50
N GLY B 271 4.55 13.27 45.29
CA GLY B 271 5.93 13.69 45.26
C GLY B 271 6.85 12.77 44.48
N TYR B 272 7.72 13.37 43.68
CA TYR B 272 8.68 12.63 42.89
C TYR B 272 10.02 13.36 42.88
N GLY B 273 11.04 12.72 43.45
CA GLY B 273 12.35 13.34 43.50
C GLY B 273 13.33 12.61 42.60
N ALA B 274 14.20 13.38 41.95
CA ALA B 274 15.20 12.82 41.07
C ALA B 274 16.43 13.71 41.14
N THR B 275 17.52 13.17 41.67
CA THR B 275 18.74 13.95 41.80
C THR B 275 19.96 13.14 41.40
N SER B 276 21.12 13.76 41.48
CA SER B 276 22.39 13.13 41.13
C SER B 276 23.44 13.51 42.16
N ASP B 277 24.32 12.56 42.50
CA ASP B 277 25.38 12.81 43.48
C ASP B 277 26.60 13.49 42.88
N GLY B 278 26.95 13.12 41.66
CA GLY B 278 28.11 13.71 41.02
C GLY B 278 29.33 13.61 41.91
N ALA B 279 29.54 12.42 42.48
CA ALA B 279 30.66 12.17 43.39
C ALA B 279 31.41 10.87 43.09
N ASP B 280 30.88 9.75 43.60
CA ASP B 280 31.51 8.44 43.39
C ASP B 280 30.68 7.59 42.44
N MET B 281 31.33 6.64 41.77
CA MET B 281 30.65 5.75 40.83
C MET B 281 29.80 4.67 41.47
N VAL B 282 30.34 4.00 42.48
CA VAL B 282 29.62 2.93 43.16
C VAL B 282 29.55 3.12 44.67
N ALA B 283 29.16 4.33 45.10
CA ALA B 283 29.05 4.63 46.52
C ALA B 283 28.21 5.89 46.73
N PRO B 284 27.12 5.78 47.50
CA PRO B 284 26.25 6.93 47.78
C PRO B 284 27.02 8.08 48.45
N SER B 285 26.58 9.30 48.20
CA SER B 285 27.23 10.47 48.78
C SER B 285 26.42 10.99 49.96
N GLY B 286 25.13 10.65 49.97
CA GLY B 286 24.25 11.10 51.02
C GLY B 286 23.67 12.46 50.68
N GLU B 287 24.53 13.37 50.26
CA GLU B 287 24.13 14.72 49.89
C GLU B 287 23.04 14.67 48.82
N GLY B 288 23.24 13.79 47.83
CA GLY B 288 22.26 13.66 46.76
C GLY B 288 20.95 13.06 47.25
N ALA B 289 21.04 12.06 48.11
CA ALA B 289 19.86 11.40 48.66
C ALA B 289 19.02 12.40 49.46
N VAL B 290 19.69 13.20 50.28
CA VAL B 290 19.00 14.20 51.08
C VAL B 290 18.19 15.13 50.19
N ARG B 291 18.83 15.67 49.15
CA ARG B 291 18.14 16.57 48.26
C ARG B 291 16.97 15.88 47.55
N CYS B 292 17.16 14.62 47.20
CA CYS B 292 16.12 13.86 46.53
C CYS B 292 14.89 13.72 47.41
N MET B 293 15.09 13.29 48.66
CA MET B 293 13.97 13.12 49.58
C MET B 293 13.25 14.45 49.83
N LYS B 294 14.00 15.53 50.01
CA LYS B 294 13.40 16.83 50.25
C LYS B 294 12.60 17.29 49.05
N MET B 295 13.06 16.93 47.86
CA MET B 295 12.38 17.30 46.63
C MET B 295 11.00 16.63 46.56
N ALA B 296 10.96 15.35 46.91
CA ALA B 296 9.71 14.60 46.88
C ALA B 296 8.75 15.03 47.99
N MET B 297 9.29 15.51 49.10
CA MET B 297 8.48 15.96 50.23
C MET B 297 8.00 17.39 50.06
N HIS B 298 8.64 18.14 49.17
CA HIS B 298 8.25 19.53 48.95
C HIS B 298 6.77 19.63 48.56
N GLY B 299 6.03 20.46 49.28
CA GLY B 299 4.62 20.64 48.99
C GLY B 299 3.70 19.67 49.72
N VAL B 300 4.24 18.56 50.17
CA VAL B 300 3.45 17.56 50.90
C VAL B 300 3.20 18.04 52.33
N ASP B 301 2.01 18.55 52.58
CA ASP B 301 1.66 19.05 53.91
C ASP B 301 1.48 17.96 54.95
N THR B 302 1.41 16.71 54.50
CA THR B 302 1.23 15.59 55.40
C THR B 302 2.57 14.90 55.69
N PRO B 303 2.79 14.52 56.96
CA PRO B 303 4.03 13.85 57.35
C PRO B 303 4.14 12.44 56.82
N ILE B 304 5.36 11.93 56.72
CA ILE B 304 5.60 10.58 56.23
C ILE B 304 5.45 9.59 57.37
N ASP B 305 4.57 8.61 57.19
CA ASP B 305 4.29 7.59 58.20
C ASP B 305 5.23 6.40 58.06
N TYR B 306 5.49 6.00 56.83
CA TYR B 306 6.36 4.88 56.59
C TYR B 306 7.34 5.18 55.45
N LEU B 307 8.54 4.65 55.58
CA LEU B 307 9.58 4.85 54.58
C LEU B 307 10.24 3.53 54.20
N ASN B 308 10.07 3.14 52.93
CA ASN B 308 10.69 1.92 52.43
C ASN B 308 12.02 2.37 51.84
N SER B 309 13.06 2.37 52.67
CA SER B 309 14.40 2.80 52.26
C SER B 309 15.05 1.89 51.23
N GLN B 310 16.19 2.33 50.70
CA GLN B 310 16.96 1.58 49.73
C GLN B 310 17.41 0.28 50.38
N GLY B 311 17.96 0.39 51.59
CA GLY B 311 18.41 -0.76 52.35
C GLY B 311 19.04 -1.88 51.57
N THR B 312 20.13 -1.58 50.87
CA THR B 312 20.83 -2.55 50.06
C THR B 312 21.44 -3.67 50.90
N SER B 313 21.73 -3.35 52.17
CA SER B 313 22.32 -4.31 53.10
C SER B 313 23.83 -4.38 52.88
N THR B 314 24.42 -3.25 52.55
CA THR B 314 25.86 -3.17 52.32
C THR B 314 26.46 -2.31 53.42
N PRO B 315 27.71 -2.58 53.82
CA PRO B 315 28.41 -1.84 54.87
C PRO B 315 28.28 -0.32 54.75
N VAL B 316 28.87 0.26 53.71
CA VAL B 316 28.83 1.70 53.52
C VAL B 316 27.47 2.21 53.03
N GLY B 317 26.87 1.48 52.09
CA GLY B 317 25.58 1.89 51.55
C GLY B 317 24.54 2.19 52.62
N ASP B 318 24.28 1.22 53.49
CA ASP B 318 23.31 1.39 54.56
C ASP B 318 23.62 2.57 55.47
N VAL B 319 24.90 2.76 55.78
CA VAL B 319 25.32 3.85 56.65
C VAL B 319 25.01 5.22 56.06
N LYS B 320 25.24 5.37 54.76
CA LYS B 320 24.99 6.63 54.09
C LYS B 320 23.51 7.03 54.11
N GLU B 321 22.63 6.09 53.77
CA GLU B 321 21.20 6.38 53.75
C GLU B 321 20.69 6.81 55.12
N LEU B 322 21.03 6.03 56.15
CA LEU B 322 20.59 6.35 57.50
C LEU B 322 20.98 7.78 57.85
N ALA B 323 22.21 8.16 57.51
CA ALA B 323 22.69 9.51 57.79
C ALA B 323 21.85 10.52 57.01
N ALA B 324 21.47 10.15 55.80
CA ALA B 324 20.67 11.03 54.95
C ALA B 324 19.27 11.20 55.55
N ILE B 325 18.70 10.08 56.00
CA ILE B 325 17.37 10.10 56.60
C ILE B 325 17.40 10.96 57.86
N ARG B 326 18.41 10.74 58.68
CA ARG B 326 18.57 11.49 59.93
C ARG B 326 18.66 12.97 59.62
N GLU B 327 19.32 13.30 58.51
CA GLU B 327 19.49 14.68 58.09
C GLU B 327 18.17 15.30 57.64
N VAL B 328 17.34 14.50 56.97
CA VAL B 328 16.05 14.99 56.48
C VAL B 328 15.01 15.17 57.59
N PHE B 329 14.78 14.11 58.35
CA PHE B 329 13.80 14.15 59.43
C PHE B 329 14.42 14.56 60.75
N GLY B 330 15.36 13.74 61.24
CA GLY B 330 16.01 14.05 62.50
C GLY B 330 15.28 13.48 63.70
N ASP B 331 14.73 14.36 64.52
CA ASP B 331 14.01 13.96 65.72
C ASP B 331 12.62 13.41 65.38
N LYS B 332 12.15 13.72 64.19
CA LYS B 332 10.83 13.26 63.74
C LYS B 332 10.96 12.20 62.65
N SER B 333 11.60 11.09 62.99
CA SER B 333 11.80 9.99 62.05
C SER B 333 10.60 9.07 61.91
N PRO B 334 10.21 8.77 60.66
CA PRO B 334 9.07 7.89 60.40
C PRO B 334 9.46 6.42 60.52
N ALA B 335 8.48 5.53 60.44
CA ALA B 335 8.74 4.10 60.54
C ALA B 335 9.55 3.67 59.33
N ILE B 336 10.65 2.99 59.55
CA ILE B 336 11.51 2.56 58.46
C ILE B 336 11.61 1.04 58.38
N SER B 337 11.65 0.54 57.16
CA SER B 337 11.74 -0.89 56.93
C SER B 337 12.45 -1.16 55.60
N ALA B 338 13.40 -2.09 55.63
CA ALA B 338 14.14 -2.46 54.43
C ALA B 338 13.65 -3.81 53.93
N THR B 339 12.71 -3.78 53.00
CA THR B 339 12.15 -5.01 52.45
C THR B 339 13.16 -5.89 51.72
N LYS B 340 14.27 -5.31 51.28
CA LYS B 340 15.28 -6.10 50.58
C LYS B 340 15.84 -7.20 51.49
N ALA B 341 15.68 -7.04 52.79
CA ALA B 341 16.16 -8.03 53.74
C ALA B 341 15.49 -9.39 53.49
N MET B 342 14.25 -9.37 53.00
CA MET B 342 13.58 -10.63 52.73
C MET B 342 13.41 -10.91 51.24
N THR B 343 13.37 -9.86 50.43
CA THR B 343 13.20 -10.01 48.98
C THR B 343 14.51 -10.03 48.20
N GLY B 344 15.46 -9.22 48.65
CA GLY B 344 16.72 -9.13 47.94
C GLY B 344 16.73 -7.87 47.10
N HIS B 345 17.71 -7.76 46.21
CA HIS B 345 17.83 -6.59 45.34
C HIS B 345 17.55 -6.99 43.89
N SER B 346 16.36 -6.64 43.40
CA SER B 346 15.97 -6.99 42.04
C SER B 346 16.44 -5.96 41.02
N LEU B 347 17.35 -5.09 41.45
CA LEU B 347 17.94 -4.07 40.58
C LEU B 347 16.93 -3.18 39.85
N GLY B 348 16.78 -3.40 38.55
CA GLY B 348 15.87 -2.60 37.77
C GLY B 348 14.41 -2.68 38.19
N ALA B 349 14.03 -3.82 38.76
CA ALA B 349 12.66 -4.02 39.20
C ALA B 349 12.42 -3.55 40.62
N ALA B 350 13.49 -3.32 41.37
CA ALA B 350 13.38 -2.89 42.76
C ALA B 350 12.51 -1.64 42.97
N GLY B 351 12.66 -0.65 42.11
CA GLY B 351 11.89 0.57 42.25
C GLY B 351 10.37 0.38 42.24
N VAL B 352 9.88 -0.34 41.25
CA VAL B 352 8.43 -0.56 41.16
C VAL B 352 7.94 -1.58 42.20
N GLN B 353 8.72 -2.63 42.44
CA GLN B 353 8.30 -3.63 43.43
C GLN B 353 8.20 -3.02 44.82
N GLU B 354 9.18 -2.19 45.17
CA GLU B 354 9.18 -1.56 46.49
C GLU B 354 8.07 -0.51 46.59
N ALA B 355 7.72 0.07 45.45
CA ALA B 355 6.65 1.05 45.41
C ALA B 355 5.36 0.28 45.70
N ILE B 356 5.27 -0.92 45.13
CA ILE B 356 4.10 -1.78 45.32
C ILE B 356 4.03 -2.27 46.78
N TYR B 357 5.16 -2.69 47.34
CA TYR B 357 5.15 -3.14 48.73
C TYR B 357 4.63 -2.00 49.62
N SER B 358 5.05 -0.78 49.32
CA SER B 358 4.64 0.40 50.08
C SER B 358 3.17 0.72 49.89
N LEU B 359 2.63 0.34 48.73
CA LEU B 359 1.23 0.57 48.43
C LEU B 359 0.37 -0.47 49.13
N LEU B 360 0.87 -1.70 49.23
CA LEU B 360 0.13 -2.76 49.90
C LEU B 360 0.09 -2.47 51.40
N MET B 361 1.18 -1.92 51.92
CA MET B 361 1.26 -1.57 53.33
C MET B 361 0.30 -0.41 53.60
N LEU B 362 0.23 0.52 52.67
CA LEU B 362 -0.64 1.68 52.79
C LEU B 362 -2.11 1.29 52.60
N GLU B 363 -2.33 0.29 51.75
CA GLU B 363 -3.68 -0.19 51.46
C GLU B 363 -4.26 -1.08 52.55
N HIS B 364 -3.41 -1.94 53.12
CA HIS B 364 -3.84 -2.85 54.18
C HIS B 364 -3.49 -2.38 55.59
N GLY B 365 -2.99 -1.16 55.70
CA GLY B 365 -2.64 -0.61 57.00
C GLY B 365 -1.73 -1.47 57.87
N PHE B 366 -0.49 -1.64 57.45
CA PHE B 366 0.46 -2.44 58.21
C PHE B 366 1.90 -2.14 57.75
N ILE B 367 2.87 -2.51 58.57
CA ILE B 367 4.27 -2.27 58.24
C ILE B 367 5.07 -3.56 58.19
N ALA B 368 5.72 -3.80 57.06
CA ALA B 368 6.53 -5.00 56.88
C ALA B 368 7.75 -4.91 57.81
N PRO B 369 8.19 -6.05 58.34
CA PRO B 369 9.35 -6.11 59.24
C PRO B 369 10.71 -6.15 58.54
N SER B 370 11.71 -5.57 59.20
CA SER B 370 13.08 -5.56 58.68
C SER B 370 13.77 -6.79 59.26
N ILE B 371 13.58 -7.94 58.61
CA ILE B 371 14.16 -9.19 59.09
C ILE B 371 15.69 -9.23 59.09
N ASN B 372 16.23 -10.24 59.78
CA ASN B 372 17.66 -10.47 59.88
C ASN B 372 18.46 -9.35 60.53
N ILE B 373 17.92 -8.75 61.58
CA ILE B 373 18.63 -7.69 62.30
C ILE B 373 18.90 -8.10 63.74
N GLU B 374 20.05 -8.71 63.97
CA GLU B 374 20.44 -9.17 65.30
C GLU B 374 21.06 -8.04 66.12
N GLU B 375 21.78 -7.15 65.43
CA GLU B 375 22.42 -6.02 66.09
C GLU B 375 22.30 -4.77 65.24
N LEU B 376 21.43 -3.85 65.67
CA LEU B 376 21.20 -2.60 64.96
C LEU B 376 22.47 -1.77 64.87
N ASP B 377 22.79 -1.29 63.68
CA ASP B 377 23.98 -0.48 63.48
C ASP B 377 23.86 0.80 64.28
N GLU B 378 24.98 1.27 64.82
CA GLU B 378 25.01 2.49 65.63
C GLU B 378 24.53 3.72 64.86
N GLN B 379 24.62 3.66 63.53
CA GLN B 379 24.18 4.79 62.70
C GLN B 379 22.67 5.00 62.77
N ALA B 380 21.93 3.92 62.97
CA ALA B 380 20.48 4.00 63.07
C ALA B 380 20.03 4.19 64.52
N ALA B 381 20.74 5.05 65.24
CA ALA B 381 20.44 5.32 66.64
C ALA B 381 19.08 5.99 66.82
N GLY B 382 18.99 7.25 66.43
CA GLY B 382 17.73 7.98 66.58
C GLY B 382 16.75 7.77 65.45
N LEU B 383 16.58 6.52 65.02
CA LEU B 383 15.65 6.21 63.94
C LEU B 383 14.70 5.08 64.32
N ASN B 384 13.48 5.12 63.78
CA ASN B 384 12.49 4.10 64.08
C ASN B 384 12.51 2.98 63.04
N ILE B 385 13.31 1.95 63.30
CA ILE B 385 13.44 0.81 62.41
C ILE B 385 12.51 -0.33 62.87
N VAL B 386 11.46 -0.58 62.10
CA VAL B 386 10.50 -1.64 62.46
C VAL B 386 11.03 -3.02 62.12
N THR B 387 11.17 -3.87 63.14
CA THR B 387 11.66 -5.22 62.95
C THR B 387 10.57 -6.28 63.16
N GLU B 388 9.33 -5.84 63.24
CA GLU B 388 8.20 -6.75 63.43
C GLU B 388 6.95 -6.22 62.76
N THR B 389 6.24 -7.10 62.05
CA THR B 389 5.02 -6.70 61.35
C THR B 389 4.09 -5.97 62.31
N THR B 390 3.95 -4.66 62.11
CA THR B 390 3.12 -3.84 62.97
C THR B 390 1.91 -3.27 62.24
N ASP B 391 0.74 -3.41 62.86
CA ASP B 391 -0.50 -2.88 62.26
C ASP B 391 -0.66 -1.41 62.60
N ARG B 392 -0.76 -0.58 61.58
CA ARG B 392 -0.91 0.86 61.77
C ARG B 392 -1.68 1.47 60.59
N GLU B 393 -2.36 2.58 60.85
CA GLU B 393 -3.13 3.27 59.82
C GLU B 393 -2.26 4.28 59.09
N LEU B 394 -1.61 3.82 58.03
CA LEU B 394 -0.73 4.65 57.23
C LEU B 394 -1.53 5.54 56.27
N THR B 395 -1.03 6.74 56.03
CA THR B 395 -1.66 7.69 55.13
C THR B 395 -0.71 8.14 54.02
N THR B 396 0.53 8.44 54.41
CA THR B 396 1.55 8.91 53.47
C THR B 396 2.80 8.06 53.60
N VAL B 397 3.24 7.46 52.50
CA VAL B 397 4.43 6.62 52.51
C VAL B 397 5.48 7.17 51.55
N MET B 398 6.73 6.73 51.74
CA MET B 398 7.84 7.17 50.92
C MET B 398 8.73 5.99 50.58
N SER B 399 9.23 5.97 49.34
CA SER B 399 10.09 4.88 48.89
C SER B 399 11.34 5.48 48.23
N ASN B 400 12.51 5.13 48.75
CA ASN B 400 13.78 5.63 48.20
C ASN B 400 14.47 4.61 47.32
N SER B 401 15.02 5.08 46.20
CA SER B 401 15.75 4.22 45.28
C SER B 401 17.03 4.95 44.89
N PHE B 402 18.15 4.47 45.42
CA PHE B 402 19.46 5.07 45.13
C PHE B 402 20.36 4.03 44.49
N GLY B 403 20.69 4.24 43.22
CA GLY B 403 21.53 3.30 42.52
C GLY B 403 22.92 3.79 42.15
N PHE B 404 23.70 2.89 41.55
CA PHE B 404 25.07 3.21 41.13
C PHE B 404 25.04 4.36 40.15
N GLY B 405 26.17 5.06 40.04
CA GLY B 405 26.26 6.19 39.14
C GLY B 405 25.80 7.45 39.85
N GLY B 406 25.40 7.28 41.11
CA GLY B 406 24.94 8.42 41.90
C GLY B 406 23.58 8.91 41.43
N THR B 407 22.72 8.00 41.00
CA THR B 407 21.40 8.38 40.54
C THR B 407 20.38 8.10 41.64
N ASN B 408 19.58 9.11 41.97
CA ASN B 408 18.59 8.99 43.03
C ASN B 408 17.15 9.26 42.61
N ALA B 409 16.23 8.47 43.16
CA ALA B 409 14.81 8.62 42.89
C ALA B 409 14.03 8.39 44.18
N THR B 410 13.05 9.25 44.45
CA THR B 410 12.21 9.14 45.63
C THR B 410 10.75 9.38 45.26
N LEU B 411 9.87 8.49 45.73
CA LEU B 411 8.45 8.61 45.47
C LEU B 411 7.67 8.76 46.77
N VAL B 412 6.72 9.67 46.77
CA VAL B 412 5.86 9.90 47.94
C VAL B 412 4.43 9.67 47.50
N MET B 413 3.79 8.67 48.09
CA MET B 413 2.42 8.32 47.75
C MET B 413 1.51 8.52 48.96
N ARG B 414 0.35 9.11 48.72
CA ARG B 414 -0.59 9.40 49.79
C ARG B 414 -2.03 9.03 49.44
N LYS B 415 -2.76 8.48 50.40
CA LYS B 415 -4.16 8.13 50.18
C LYS B 415 -4.91 9.35 49.66
N LEU B 416 -5.92 9.10 48.84
CA LEU B 416 -6.72 10.18 48.27
C LEU B 416 -7.81 10.57 49.27
N LYS B 417 -8.06 11.86 49.39
CA LYS B 417 -9.09 12.35 50.33
C LYS B 417 -10.48 11.82 50.04
N ASP B 418 -11.04 12.10 48.96
N MET C 13 -14.93 23.14 -33.74
CA MET C 13 -15.35 21.73 -33.47
C MET C 13 -16.55 21.72 -32.53
N LYS C 14 -17.50 20.84 -32.79
CA LYS C 14 -18.71 20.73 -31.98
C LYS C 14 -18.44 20.28 -30.55
N ARG C 15 -19.24 20.80 -29.63
CA ARG C 15 -19.13 20.46 -28.22
C ARG C 15 -20.21 19.44 -27.86
N ALA C 16 -19.88 18.51 -26.96
CA ALA C 16 -20.80 17.46 -26.55
C ALA C 16 -21.15 17.56 -25.08
N VAL C 17 -22.44 17.42 -24.78
CA VAL C 17 -22.93 17.47 -23.40
C VAL C 17 -23.79 16.25 -23.08
N ILE C 18 -24.01 15.99 -21.80
CA ILE C 18 -24.85 14.89 -21.36
C ILE C 18 -26.16 15.53 -20.95
N THR C 19 -27.24 15.07 -21.58
CA THR C 19 -28.56 15.65 -21.31
C THR C 19 -29.56 14.67 -20.71
N GLY C 20 -29.11 13.45 -20.43
CA GLY C 20 -30.00 12.49 -19.83
C GLY C 20 -29.23 11.26 -19.42
N LEU C 21 -29.72 10.57 -18.39
CA LEU C 21 -29.05 9.37 -17.93
C LEU C 21 -30.03 8.34 -17.38
N GLY C 22 -29.60 7.09 -17.41
CA GLY C 22 -30.41 6.00 -16.92
C GLY C 22 -29.48 4.93 -16.41
N ILE C 23 -29.92 4.17 -15.42
CA ILE C 23 -29.05 3.19 -14.83
C ILE C 23 -29.76 2.12 -14.04
N VAL C 24 -29.21 0.91 -14.11
CA VAL C 24 -29.72 -0.25 -13.40
C VAL C 24 -28.46 -0.85 -12.81
N SER C 25 -28.24 -0.66 -11.50
CA SER C 25 -27.03 -1.17 -10.89
C SER C 25 -27.28 -1.87 -9.57
N SER C 26 -26.24 -2.47 -9.01
CA SER C 26 -26.34 -3.16 -7.75
C SER C 26 -26.75 -2.23 -6.60
N ILE C 27 -26.60 -0.92 -6.77
CA ILE C 27 -26.98 0.01 -5.69
C ILE C 27 -28.21 0.85 -5.96
N GLY C 28 -28.97 0.53 -7.02
CA GLY C 28 -30.17 1.28 -7.34
C GLY C 28 -30.73 0.97 -8.71
N ASN C 29 -32.06 0.94 -8.84
CA ASN C 29 -32.70 0.63 -10.12
C ASN C 29 -33.01 1.86 -10.99
N ASN C 30 -32.68 3.04 -10.48
CA ASN C 30 -32.86 4.31 -11.20
C ASN C 30 -31.94 5.31 -10.52
N GLN C 31 -31.83 6.52 -11.06
CA GLN C 31 -30.92 7.49 -10.47
C GLN C 31 -31.30 7.97 -9.08
N GLN C 32 -32.58 7.91 -8.75
CA GLN C 32 -33.04 8.33 -7.43
C GLN C 32 -32.49 7.34 -6.37
N GLU C 33 -32.62 6.04 -6.65
CA GLU C 33 -32.13 5.02 -5.74
C GLU C 33 -30.61 5.01 -5.66
N VAL C 34 -29.97 5.21 -6.81
CA VAL C 34 -28.52 5.24 -6.86
C VAL C 34 -27.99 6.44 -6.08
N LEU C 35 -28.62 7.59 -6.26
CA LEU C 35 -28.21 8.80 -5.54
C LEU C 35 -28.27 8.56 -4.03
N ALA C 36 -29.36 7.95 -3.58
CA ALA C 36 -29.53 7.67 -2.16
C ALA C 36 -28.44 6.73 -1.65
N SER C 37 -28.13 5.69 -2.42
CA SER C 37 -27.10 4.73 -2.02
C SER C 37 -25.72 5.38 -1.95
N LEU C 38 -25.41 6.22 -2.94
CA LEU C 38 -24.12 6.90 -2.98
C LEU C 38 -23.94 7.78 -1.75
N ARG C 39 -25.00 8.49 -1.38
CA ARG C 39 -24.93 9.36 -0.22
C ARG C 39 -24.84 8.59 1.10
N GLU C 40 -25.44 7.41 1.15
CA GLU C 40 -25.42 6.60 2.37
C GLU C 40 -24.21 5.67 2.45
N GLY C 41 -23.50 5.52 1.33
CA GLY C 41 -22.35 4.63 1.31
C GLY C 41 -22.84 3.20 1.46
N ARG C 42 -24.02 2.93 0.89
CA ARG C 42 -24.66 1.63 0.96
C ARG C 42 -24.07 0.63 -0.04
N SER C 43 -23.76 -0.57 0.45
CA SER C 43 -23.21 -1.63 -0.38
C SER C 43 -24.29 -2.33 -1.19
N GLY C 44 -23.94 -2.71 -2.42
CA GLY C 44 -24.90 -3.42 -3.25
C GLY C 44 -24.48 -4.88 -3.39
N ILE C 45 -23.49 -5.28 -2.60
CA ILE C 45 -22.96 -6.65 -2.65
C ILE C 45 -23.68 -7.63 -1.74
N THR C 46 -23.99 -8.81 -2.28
CA THR C 46 -24.68 -9.83 -1.51
C THR C 46 -24.07 -11.21 -1.70
N PHE C 47 -24.51 -12.16 -0.87
CA PHE C 47 -24.04 -13.52 -0.97
C PHE C 47 -24.73 -14.15 -2.17
N SER C 48 -24.00 -14.94 -2.94
CA SER C 48 -24.59 -15.60 -4.11
C SER C 48 -24.55 -17.12 -4.00
N GLN C 49 -25.72 -17.73 -3.87
CA GLN C 49 -25.81 -19.17 -3.77
C GLN C 49 -25.41 -19.80 -5.11
N GLU C 50 -25.67 -19.07 -6.19
CA GLU C 50 -25.33 -19.54 -7.53
C GLU C 50 -23.82 -19.70 -7.67
N LEU C 51 -23.08 -18.66 -7.30
CA LEU C 51 -21.63 -18.71 -7.42
C LEU C 51 -21.05 -19.81 -6.54
N LYS C 52 -21.60 -20.00 -5.35
CA LYS C 52 -21.09 -21.03 -4.46
C LYS C 52 -21.36 -22.42 -5.04
N ASP C 53 -22.59 -22.66 -5.47
CA ASP C 53 -22.96 -23.95 -6.06
C ASP C 53 -22.18 -24.31 -7.31
N SER C 54 -21.63 -23.30 -7.99
CA SER C 54 -20.87 -23.52 -9.21
C SER C 54 -19.49 -24.08 -8.92
N GLY C 55 -19.05 -23.94 -7.66
CA GLY C 55 -17.74 -24.44 -7.28
C GLY C 55 -16.70 -23.34 -7.18
N MET C 56 -17.12 -22.10 -7.39
CA MET C 56 -16.20 -20.97 -7.30
C MET C 56 -15.76 -20.69 -5.87
N ARG C 57 -14.65 -19.97 -5.73
CA ARG C 57 -14.13 -19.60 -4.42
C ARG C 57 -14.77 -18.29 -3.98
N SER C 58 -15.15 -17.46 -4.95
CA SER C 58 -15.80 -16.18 -4.65
C SER C 58 -17.30 -16.46 -4.60
N HIS C 59 -17.93 -16.12 -3.48
CA HIS C 59 -19.37 -16.36 -3.30
C HIS C 59 -20.18 -15.07 -3.13
N VAL C 60 -19.64 -13.95 -3.61
CA VAL C 60 -20.34 -12.67 -3.49
C VAL C 60 -20.40 -11.94 -4.82
N TRP C 61 -21.43 -11.11 -4.99
CA TRP C 61 -21.58 -10.37 -6.24
C TRP C 61 -22.45 -9.13 -6.10
N GLY C 62 -22.32 -8.23 -7.07
CA GLY C 62 -23.11 -7.02 -7.09
C GLY C 62 -24.30 -7.28 -8.01
N ASN C 63 -25.35 -7.88 -7.47
CA ASN C 63 -26.53 -8.22 -8.27
C ASN C 63 -27.51 -7.09 -8.43
N VAL C 64 -28.23 -7.11 -9.54
CA VAL C 64 -29.25 -6.11 -9.81
C VAL C 64 -30.47 -6.56 -9.00
N LYS C 65 -30.96 -5.68 -8.13
CA LYS C 65 -32.12 -5.98 -7.29
C LYS C 65 -33.37 -5.40 -7.92
N LEU C 66 -33.75 -5.95 -9.06
CA LEU C 66 -34.92 -5.49 -9.78
C LEU C 66 -35.52 -6.65 -10.57
N ASP C 67 -36.82 -6.86 -10.42
CA ASP C 67 -37.49 -7.91 -11.15
C ASP C 67 -37.82 -7.29 -12.51
N THR C 68 -37.11 -7.74 -13.55
CA THR C 68 -37.30 -7.22 -14.90
C THR C 68 -38.47 -7.87 -15.62
N THR C 69 -39.09 -8.86 -14.99
CA THR C 69 -40.22 -9.57 -15.60
C THR C 69 -41.33 -8.63 -16.08
N GLY C 70 -41.75 -8.82 -17.33
CA GLY C 70 -42.81 -8.00 -17.89
C GLY C 70 -42.51 -6.54 -18.16
N LEU C 71 -41.25 -6.13 -18.06
CA LEU C 71 -40.91 -4.72 -18.29
C LEU C 71 -40.58 -4.41 -19.74
N ILE C 72 -40.42 -5.44 -20.56
CA ILE C 72 -40.08 -5.24 -21.97
C ILE C 72 -40.99 -6.06 -22.89
N ASP C 73 -41.37 -5.45 -24.01
CA ASP C 73 -42.25 -6.10 -25.00
C ASP C 73 -41.76 -7.52 -25.30
N ARG C 74 -42.70 -8.46 -25.40
CA ARG C 74 -42.35 -9.85 -25.65
C ARG C 74 -41.54 -10.11 -26.92
N LYS C 75 -41.92 -9.47 -28.02
CA LYS C 75 -41.21 -9.71 -29.28
C LYS C 75 -39.85 -9.04 -29.33
N VAL C 76 -39.58 -8.19 -28.36
CA VAL C 76 -38.29 -7.50 -28.27
C VAL C 76 -37.33 -8.21 -27.33
N VAL C 77 -37.81 -8.52 -26.13
CA VAL C 77 -37.00 -9.18 -25.12
C VAL C 77 -36.59 -10.60 -25.53
N ARG C 78 -37.34 -11.20 -26.45
CA ARG C 78 -37.03 -12.56 -26.90
C ARG C 78 -35.63 -12.67 -27.51
N PHE C 79 -35.09 -11.57 -28.03
CA PHE C 79 -33.75 -11.61 -28.62
C PHE C 79 -32.65 -11.15 -27.66
N MET C 80 -33.05 -10.79 -26.44
CA MET C 80 -32.11 -10.24 -25.44
C MET C 80 -31.54 -11.13 -24.35
N SER C 81 -30.29 -10.83 -23.98
CA SER C 81 -29.63 -11.51 -22.87
C SER C 81 -29.77 -10.46 -21.75
N ASP C 82 -29.35 -10.79 -20.53
CA ASP C 82 -29.49 -9.84 -19.43
C ASP C 82 -28.77 -8.51 -19.67
N ALA C 83 -27.61 -8.55 -20.33
CA ALA C 83 -26.87 -7.32 -20.60
C ALA C 83 -27.73 -6.34 -21.38
N SER C 84 -28.45 -6.84 -22.39
CA SER C 84 -29.32 -6.02 -23.22
C SER C 84 -30.54 -5.55 -22.46
N ILE C 85 -31.04 -6.39 -21.56
CA ILE C 85 -32.21 -6.03 -20.77
C ILE C 85 -31.84 -4.84 -19.88
N TYR C 86 -30.69 -4.92 -19.22
CA TYR C 86 -30.26 -3.83 -18.35
C TYR C 86 -29.95 -2.56 -19.12
N ALA C 87 -29.36 -2.70 -20.30
CA ALA C 87 -29.04 -1.53 -21.12
C ALA C 87 -30.33 -0.93 -21.67
N PHE C 88 -31.29 -1.78 -22.03
CA PHE C 88 -32.56 -1.31 -22.56
C PHE C 88 -33.33 -0.48 -21.52
N LEU C 89 -33.47 -1.01 -20.31
CA LEU C 89 -34.17 -0.30 -19.24
C LEU C 89 -33.46 1.02 -18.93
N SER C 90 -32.13 0.99 -18.98
CA SER C 90 -31.35 2.20 -18.73
C SER C 90 -31.59 3.24 -19.82
N MET C 91 -31.74 2.77 -21.06
CA MET C 91 -31.98 3.70 -22.15
C MET C 91 -33.38 4.33 -22.05
N GLU C 92 -34.35 3.55 -21.59
CA GLU C 92 -35.71 4.07 -21.44
C GLU C 92 -35.64 5.21 -20.42
N GLN C 93 -34.92 4.96 -19.33
CA GLN C 93 -34.75 5.94 -18.27
C GLN C 93 -34.09 7.21 -18.80
N ALA C 94 -33.05 7.01 -19.61
CA ALA C 94 -32.30 8.14 -20.17
C ALA C 94 -33.12 9.02 -21.11
N ILE C 95 -33.93 8.36 -21.93
CA ILE C 95 -34.79 9.06 -22.88
C ILE C 95 -35.79 9.94 -22.12
N ALA C 96 -36.43 9.37 -21.09
CA ALA C 96 -37.39 10.10 -20.30
C ALA C 96 -36.70 11.23 -19.53
N ASP C 97 -35.51 10.95 -19.00
CA ASP C 97 -34.75 11.95 -18.24
C ASP C 97 -34.33 13.11 -19.14
N ALA C 98 -34.01 12.80 -20.40
CA ALA C 98 -33.61 13.83 -21.36
C ALA C 98 -34.79 14.62 -21.90
N GLY C 99 -35.99 14.10 -21.73
CA GLY C 99 -37.18 14.76 -22.22
C GLY C 99 -37.30 14.67 -23.74
N LEU C 100 -36.80 13.59 -24.31
CA LEU C 100 -36.86 13.37 -25.75
C LEU C 100 -38.13 12.64 -26.16
N SER C 101 -38.77 13.10 -27.22
CA SER C 101 -39.97 12.46 -27.71
C SER C 101 -39.61 11.61 -28.92
N PRO C 102 -40.36 10.52 -29.14
CA PRO C 102 -40.10 9.63 -30.29
C PRO C 102 -40.02 10.38 -31.61
N GLU C 103 -40.88 11.37 -31.77
CA GLU C 103 -40.88 12.15 -33.00
C GLU C 103 -39.53 12.80 -33.25
N ALA C 104 -38.80 13.06 -32.18
CA ALA C 104 -37.50 13.72 -32.30
C ALA C 104 -36.29 12.80 -32.48
N TYR C 105 -36.27 11.65 -31.80
CA TYR C 105 -35.12 10.77 -31.92
C TYR C 105 -35.28 9.52 -32.78
N GLN C 106 -36.51 9.09 -33.03
CA GLN C 106 -36.72 7.90 -33.84
C GLN C 106 -36.65 8.21 -35.34
N ASN C 107 -36.25 7.21 -36.13
CA ASN C 107 -36.13 7.36 -37.58
C ASN C 107 -35.38 8.64 -37.94
N ASN C 108 -34.33 8.94 -37.19
CA ASN C 108 -33.53 10.15 -37.39
C ASN C 108 -32.07 9.77 -37.69
N PRO C 109 -31.60 10.06 -38.91
CA PRO C 109 -30.22 9.73 -39.30
C PRO C 109 -29.13 10.33 -38.41
N ARG C 110 -29.49 11.39 -37.68
CA ARG C 110 -28.51 12.04 -36.81
C ARG C 110 -28.57 11.60 -35.35
N VAL C 111 -29.22 10.47 -35.11
CA VAL C 111 -29.32 9.92 -33.78
C VAL C 111 -28.76 8.49 -33.83
N GLY C 112 -27.76 8.23 -33.00
CA GLY C 112 -27.14 6.92 -33.00
C GLY C 112 -27.08 6.24 -31.65
N LEU C 113 -26.48 5.06 -31.63
CA LEU C 113 -26.36 4.29 -30.40
C LEU C 113 -25.04 3.51 -30.41
N ILE C 114 -24.24 3.71 -29.36
CA ILE C 114 -22.97 3.01 -29.23
C ILE C 114 -22.93 2.45 -27.81
N ALA C 115 -23.07 1.14 -27.68
CA ALA C 115 -23.07 0.53 -26.36
C ALA C 115 -22.64 -0.91 -26.48
N GLY C 116 -21.89 -1.41 -25.50
CA GLY C 116 -21.46 -2.79 -25.59
C GLY C 116 -21.42 -3.50 -24.25
N SER C 117 -20.79 -4.64 -24.24
CA SER C 117 -20.64 -5.42 -23.02
C SER C 117 -19.23 -5.96 -23.07
N GLY C 118 -18.75 -6.44 -21.93
CA GLY C 118 -17.40 -6.99 -21.88
C GLY C 118 -17.28 -8.40 -22.43
N GLY C 119 -18.30 -9.23 -22.22
CA GLY C 119 -18.23 -10.60 -22.72
C GLY C 119 -19.46 -11.14 -23.41
N GLY C 120 -20.33 -10.24 -23.87
CA GLY C 120 -21.55 -10.66 -24.55
C GLY C 120 -22.45 -11.44 -23.60
N SER C 121 -22.66 -12.72 -23.88
CA SER C 121 -23.47 -13.55 -23.01
C SER C 121 -22.96 -14.98 -22.91
N PRO C 122 -22.00 -15.21 -22.00
CA PRO C 122 -21.47 -16.55 -21.83
C PRO C 122 -22.59 -17.51 -21.43
N ARG C 123 -23.57 -16.98 -20.71
CA ARG C 123 -24.68 -17.82 -20.30
C ARG C 123 -25.44 -18.42 -21.48
N PHE C 124 -25.80 -17.59 -22.46
CA PHE C 124 -26.52 -18.14 -23.60
C PHE C 124 -25.62 -18.88 -24.58
N GLN C 125 -24.34 -18.54 -24.58
CA GLN C 125 -23.39 -19.23 -25.44
C GLN C 125 -23.27 -20.66 -24.91
N VAL C 126 -23.17 -20.77 -23.59
CA VAL C 126 -23.06 -22.08 -22.95
C VAL C 126 -24.37 -22.84 -23.06
N PHE C 127 -25.49 -22.13 -22.98
CA PHE C 127 -26.79 -22.75 -23.10
C PHE C 127 -26.92 -23.41 -24.46
N GLY C 128 -26.48 -22.70 -25.49
CA GLY C 128 -26.55 -23.22 -26.86
C GLY C 128 -25.72 -24.47 -27.03
N ALA C 129 -24.48 -24.41 -26.57
CA ALA C 129 -23.56 -25.54 -26.66
C ALA C 129 -24.12 -26.73 -25.88
N ASP C 130 -24.64 -26.48 -24.69
CA ASP C 130 -25.22 -27.54 -23.85
C ASP C 130 -26.44 -28.18 -24.52
N ALA C 131 -27.31 -27.35 -25.08
CA ALA C 131 -28.51 -27.87 -25.73
C ALA C 131 -28.13 -28.65 -27.00
N MET C 132 -27.23 -28.06 -27.79
CA MET C 132 -26.80 -28.69 -29.05
C MET C 132 -26.20 -30.08 -28.82
N ARG C 133 -25.51 -30.26 -27.69
CA ARG C 133 -24.89 -31.54 -27.40
C ARG C 133 -25.90 -32.57 -26.87
N GLY C 134 -27.12 -32.11 -26.63
CA GLY C 134 -28.17 -32.98 -26.16
C GLY C 134 -28.75 -33.79 -27.32
N PRO C 135 -29.72 -34.68 -27.06
CA PRO C 135 -30.34 -35.50 -28.09
C PRO C 135 -31.21 -34.75 -29.11
N ARG C 136 -31.66 -33.55 -28.76
CA ARG C 136 -32.51 -32.77 -29.65
C ARG C 136 -31.72 -31.85 -30.59
N GLY C 137 -30.45 -31.64 -30.27
CA GLY C 137 -29.59 -30.80 -31.10
C GLY C 137 -30.12 -29.42 -31.41
N LEU C 138 -30.21 -29.11 -32.70
CA LEU C 138 -30.68 -27.80 -33.15
C LEU C 138 -32.05 -27.42 -32.61
N LYS C 139 -32.93 -28.40 -32.49
CA LYS C 139 -34.28 -28.13 -31.97
C LYS C 139 -34.23 -27.60 -30.54
N ALA C 140 -33.27 -28.07 -29.76
CA ALA C 140 -33.15 -27.64 -28.37
C ALA C 140 -32.50 -26.26 -28.27
N VAL C 141 -31.75 -25.89 -29.29
CA VAL C 141 -31.07 -24.61 -29.31
C VAL C 141 -32.05 -23.46 -29.56
N GLY C 142 -32.88 -23.59 -30.59
CA GLY C 142 -33.84 -22.53 -30.89
C GLY C 142 -33.17 -21.48 -31.76
N PRO C 143 -33.95 -20.66 -32.46
CA PRO C 143 -33.43 -19.61 -33.35
C PRO C 143 -33.17 -18.24 -32.72
N TYR C 144 -33.19 -18.16 -31.39
CA TYR C 144 -32.97 -16.88 -30.71
C TYR C 144 -31.61 -16.75 -30.03
N VAL C 145 -30.87 -17.85 -29.94
CA VAL C 145 -29.57 -17.82 -29.27
C VAL C 145 -28.56 -16.88 -29.93
N VAL C 146 -28.54 -16.85 -31.26
CA VAL C 146 -27.60 -16.01 -31.98
C VAL C 146 -27.51 -14.56 -31.52
N THR C 147 -28.65 -13.87 -31.42
CA THR C 147 -28.67 -12.47 -31.01
C THR C 147 -28.38 -12.27 -29.52
N LYS C 148 -28.58 -13.33 -28.74
CA LYS C 148 -28.33 -13.27 -27.32
C LYS C 148 -26.86 -13.46 -27.00
N ALA C 149 -26.21 -14.33 -27.77
CA ALA C 149 -24.81 -14.63 -27.54
C ALA C 149 -23.79 -13.75 -28.25
N MET C 150 -24.17 -13.11 -29.36
CA MET C 150 -23.21 -12.26 -30.08
C MET C 150 -22.73 -11.09 -29.22
N ALA C 151 -21.51 -10.64 -29.47
CA ALA C 151 -20.90 -9.55 -28.71
C ALA C 151 -21.54 -8.18 -28.95
N SER C 152 -22.29 -8.07 -30.05
CA SER C 152 -22.95 -6.81 -30.40
C SER C 152 -24.40 -6.79 -29.93
N GLY C 153 -24.79 -7.77 -29.12
CA GLY C 153 -26.15 -7.86 -28.63
C GLY C 153 -26.72 -6.60 -28.01
N VAL C 154 -25.94 -5.95 -27.14
CA VAL C 154 -26.42 -4.73 -26.48
C VAL C 154 -26.81 -3.64 -27.47
N SER C 155 -25.99 -3.41 -28.49
CA SER C 155 -26.33 -2.37 -29.45
C SER C 155 -27.46 -2.83 -30.38
N ALA C 156 -27.36 -4.04 -30.90
CA ALA C 156 -28.39 -4.56 -31.82
C ALA C 156 -29.79 -4.64 -31.21
N CYS C 157 -29.86 -5.18 -29.99
CA CYS C 157 -31.15 -5.33 -29.31
C CYS C 157 -31.83 -4.01 -28.93
N LEU C 158 -31.07 -2.92 -28.93
CA LEU C 158 -31.62 -1.62 -28.57
C LEU C 158 -31.88 -0.73 -29.80
N ALA C 159 -31.02 -0.83 -30.80
CA ALA C 159 -31.18 -0.02 -32.00
C ALA C 159 -32.52 -0.26 -32.69
N THR C 160 -32.95 -1.52 -32.76
CA THR C 160 -34.20 -1.85 -33.43
C THR C 160 -35.46 -1.30 -32.75
N PRO C 161 -35.68 -1.65 -31.47
CA PRO C 161 -36.87 -1.15 -30.76
C PRO C 161 -36.93 0.36 -30.61
N PHE C 162 -35.78 1.02 -30.46
CA PHE C 162 -35.81 2.47 -30.34
C PHE C 162 -35.75 3.16 -31.70
N LYS C 163 -35.81 2.37 -32.76
CA LYS C 163 -35.79 2.89 -34.12
C LYS C 163 -34.64 3.85 -34.41
N ILE C 164 -33.44 3.42 -34.06
CA ILE C 164 -32.24 4.23 -34.28
C ILE C 164 -31.81 4.11 -35.74
N HIS C 165 -31.52 5.24 -36.39
CA HIS C 165 -31.09 5.22 -37.79
C HIS C 165 -29.66 5.65 -38.01
N GLY C 166 -29.03 6.25 -36.99
CA GLY C 166 -27.64 6.68 -37.12
C GLY C 166 -26.65 5.56 -36.87
N VAL C 167 -25.51 5.89 -36.28
CA VAL C 167 -24.50 4.89 -36.01
C VAL C 167 -25.04 3.83 -35.05
N ASN C 168 -24.61 2.60 -35.24
CA ASN C 168 -25.07 1.49 -34.41
C ASN C 168 -24.04 0.38 -34.33
N TYR C 169 -23.35 0.28 -33.18
CA TYR C 169 -22.39 -0.78 -32.94
C TYR C 169 -21.97 -0.79 -31.47
N SER C 170 -21.26 -1.83 -31.09
CA SER C 170 -20.79 -2.01 -29.72
C SER C 170 -19.27 -1.90 -29.69
N ILE C 171 -18.76 -1.21 -28.68
CA ILE C 171 -17.32 -1.13 -28.52
C ILE C 171 -17.06 -1.98 -27.30
N SER C 172 -16.00 -2.78 -27.34
CA SER C 172 -15.64 -3.63 -26.21
C SER C 172 -14.18 -3.40 -25.86
N SER C 173 -13.90 -3.34 -24.57
CA SER C 173 -12.55 -3.11 -24.08
C SER C 173 -12.51 -3.40 -22.59
N ALA C 174 -13.06 -4.56 -22.23
CA ALA C 174 -13.10 -4.99 -20.82
C ALA C 174 -13.71 -3.93 -19.90
N CYS C 175 -13.00 -3.63 -18.82
CA CYS C 175 -13.45 -2.64 -17.83
C CYS C 175 -13.67 -1.24 -18.40
N ALA C 176 -13.07 -0.96 -19.55
CA ALA C 176 -13.18 0.35 -20.18
C ALA C 176 -14.28 0.43 -21.25
N THR C 177 -14.88 -0.72 -21.55
CA THR C 177 -15.94 -0.84 -22.57
C THR C 177 -16.90 0.33 -22.71
N SER C 178 -17.73 0.58 -21.71
CA SER C 178 -18.71 1.67 -21.84
C SER C 178 -18.09 3.07 -21.74
N ALA C 179 -16.85 3.17 -21.29
CA ALA C 179 -16.18 4.46 -21.22
C ALA C 179 -15.79 4.82 -22.66
N HIS C 180 -15.24 3.85 -23.39
CA HIS C 180 -14.87 4.07 -24.78
C HIS C 180 -16.13 4.34 -25.62
N CYS C 181 -17.24 3.72 -25.23
CA CYS C 181 -18.50 3.95 -25.95
C CYS C 181 -18.88 5.44 -25.88
N ILE C 182 -18.79 6.00 -24.67
CA ILE C 182 -19.12 7.40 -24.46
C ILE C 182 -18.14 8.30 -25.22
N GLY C 183 -16.85 7.95 -25.18
CA GLY C 183 -15.85 8.75 -25.87
C GLY C 183 -16.07 8.74 -27.37
N ASN C 184 -16.41 7.58 -27.90
CA ASN C 184 -16.67 7.42 -29.34
C ASN C 184 -17.91 8.23 -29.72
N ALA C 185 -18.87 8.31 -28.80
CA ALA C 185 -20.10 9.06 -29.02
C ALA C 185 -19.75 10.54 -29.13
N VAL C 186 -18.85 10.98 -28.26
CA VAL C 186 -18.39 12.36 -28.26
C VAL C 186 -17.73 12.67 -29.60
N GLU C 187 -16.91 11.72 -30.08
CA GLU C 187 -16.23 11.88 -31.35
C GLU C 187 -17.25 12.04 -32.49
N GLN C 188 -18.36 11.33 -32.40
CA GLN C 188 -19.39 11.42 -33.43
C GLN C 188 -19.96 12.84 -33.47
N ILE C 189 -20.09 13.45 -32.30
CA ILE C 189 -20.62 14.80 -32.23
C ILE C 189 -19.56 15.78 -32.74
N GLN C 190 -18.31 15.56 -32.33
CA GLN C 190 -17.21 16.43 -32.73
C GLN C 190 -17.01 16.43 -34.25
N LEU C 191 -17.18 15.25 -34.86
CA LEU C 191 -17.05 15.12 -36.32
C LEU C 191 -18.28 15.65 -37.05
N GLY C 192 -19.27 16.10 -36.29
CA GLY C 192 -20.48 16.63 -36.87
C GLY C 192 -21.36 15.61 -37.56
N LYS C 193 -21.15 14.33 -37.26
CA LYS C 193 -21.94 13.28 -37.89
C LYS C 193 -23.26 12.96 -37.19
N GLN C 194 -23.35 13.27 -35.89
CA GLN C 194 -24.57 12.98 -35.12
C GLN C 194 -24.92 14.12 -34.18
N ASP C 195 -26.21 14.31 -33.93
CA ASP C 195 -26.64 15.34 -33.00
C ASP C 195 -26.83 14.69 -31.64
N ILE C 196 -27.20 13.42 -31.66
CA ILE C 196 -27.40 12.66 -30.42
C ILE C 196 -26.91 11.24 -30.58
N VAL C 197 -26.22 10.76 -29.56
CA VAL C 197 -25.77 9.39 -29.56
C VAL C 197 -25.98 8.86 -28.15
N PHE C 198 -26.73 7.76 -28.04
CA PHE C 198 -26.97 7.14 -26.75
C PHE C 198 -25.75 6.28 -26.53
N ALA C 199 -25.11 6.45 -25.38
CA ALA C 199 -23.89 5.71 -25.10
C ALA C 199 -23.95 5.02 -23.75
N GLY C 200 -23.47 3.78 -23.70
CA GLY C 200 -23.50 3.05 -22.44
C GLY C 200 -23.13 1.60 -22.60
N GLY C 201 -23.77 0.74 -21.82
CA GLY C 201 -23.48 -0.68 -21.90
C GLY C 201 -24.22 -1.51 -20.88
N GLY C 202 -23.98 -2.82 -20.91
CA GLY C 202 -24.62 -3.69 -19.96
C GLY C 202 -23.75 -4.89 -19.74
N GLU C 203 -24.05 -5.66 -18.70
CA GLU C 203 -23.27 -6.85 -18.41
C GLU C 203 -24.14 -7.78 -17.58
N GLU C 204 -24.17 -9.05 -17.99
CA GLU C 204 -24.95 -10.04 -17.26
C GLU C 204 -24.10 -10.52 -16.08
N LEU C 205 -24.76 -11.09 -15.09
CA LEU C 205 -24.08 -11.61 -13.91
C LEU C 205 -24.41 -13.11 -13.89
N CYS C 206 -23.37 -13.93 -14.03
CA CYS C 206 -23.55 -15.38 -14.10
C CYS C 206 -22.25 -16.11 -13.77
N TRP C 207 -22.37 -17.32 -13.20
CA TRP C 207 -21.17 -18.08 -12.86
C TRP C 207 -20.41 -18.45 -14.14
N GLU C 208 -21.12 -18.65 -15.24
CA GLU C 208 -20.46 -19.03 -16.50
C GLU C 208 -19.28 -18.12 -16.82
N MET C 209 -19.49 -16.81 -16.66
CA MET C 209 -18.44 -15.84 -16.93
C MET C 209 -17.58 -15.59 -15.71
N ALA C 210 -18.22 -15.45 -14.55
CA ALA C 210 -17.48 -15.18 -13.31
C ALA C 210 -16.38 -16.20 -13.00
N CYS C 211 -16.63 -17.48 -13.24
CA CYS C 211 -15.60 -18.49 -12.94
C CYS C 211 -14.31 -18.20 -13.70
N GLU C 212 -14.42 -17.58 -14.88
CA GLU C 212 -13.24 -17.24 -15.66
C GLU C 212 -12.33 -16.29 -14.90
N PHE C 213 -12.91 -15.34 -14.18
CA PHE C 213 -12.11 -14.38 -13.42
C PHE C 213 -11.55 -15.00 -12.14
N ASP C 214 -12.33 -15.89 -11.54
CA ASP C 214 -11.92 -16.58 -10.32
C ASP C 214 -10.71 -17.46 -10.65
N ALA C 215 -10.77 -18.17 -11.78
CA ALA C 215 -9.69 -19.06 -12.20
C ALA C 215 -8.43 -18.27 -12.45
N MET C 216 -8.61 -16.97 -12.62
CA MET C 216 -7.51 -16.05 -12.88
C MET C 216 -7.01 -15.50 -11.55
N GLY C 217 -7.76 -15.72 -10.48
CA GLY C 217 -7.38 -15.24 -9.16
C GLY C 217 -7.65 -13.76 -8.97
N ALA C 218 -8.59 -13.22 -9.74
CA ALA C 218 -8.91 -11.80 -9.66
C ALA C 218 -10.09 -11.43 -8.76
N LEU C 219 -10.82 -12.44 -8.28
CA LEU C 219 -11.98 -12.18 -7.43
C LEU C 219 -11.70 -12.36 -5.95
N SER C 220 -12.44 -11.63 -5.13
CA SER C 220 -12.32 -11.70 -3.68
C SER C 220 -12.87 -13.03 -3.20
N THR C 221 -12.16 -13.70 -2.30
CA THR C 221 -12.62 -15.00 -1.80
C THR C 221 -12.53 -15.14 -0.28
N LYS C 222 -11.91 -14.17 0.37
CA LYS C 222 -11.73 -14.21 1.82
C LYS C 222 -12.81 -13.54 2.66
N TYR C 223 -13.83 -12.98 2.01
CA TYR C 223 -14.90 -12.30 2.74
C TYR C 223 -16.30 -12.77 2.41
N ASN C 224 -16.43 -14.04 2.02
CA ASN C 224 -17.74 -14.59 1.67
C ASN C 224 -18.73 -14.52 2.84
N ASP C 225 -18.22 -14.59 4.07
CA ASP C 225 -19.07 -14.53 5.25
C ASP C 225 -19.60 -13.14 5.54
N THR C 226 -18.97 -12.12 4.97
CA THR C 226 -19.37 -10.73 5.17
C THR C 226 -19.32 -10.05 3.80
N PRO C 227 -20.29 -10.38 2.93
CA PRO C 227 -20.43 -9.84 1.56
C PRO C 227 -20.21 -8.35 1.39
N GLU C 228 -20.77 -7.54 2.28
CA GLU C 228 -20.63 -6.09 2.15
C GLU C 228 -19.23 -5.55 2.42
N LYS C 229 -18.33 -6.39 2.89
CA LYS C 229 -16.98 -5.94 3.18
C LYS C 229 -15.93 -6.50 2.21
N ALA C 230 -16.39 -7.33 1.27
CA ALA C 230 -15.51 -7.97 0.29
C ALA C 230 -14.80 -6.97 -0.62
N SER C 231 -15.55 -6.04 -1.21
CA SER C 231 -14.97 -5.04 -2.09
C SER C 231 -14.48 -3.92 -1.20
N ARG C 232 -13.15 -3.79 -1.10
CA ARG C 232 -12.55 -2.79 -0.23
C ARG C 232 -11.34 -2.10 -0.86
N THR C 233 -11.58 -1.42 -1.98
CA THR C 233 -10.53 -0.72 -2.69
C THR C 233 -9.65 0.14 -1.76
N TYR C 234 -8.33 0.02 -1.96
CA TYR C 234 -7.32 0.74 -1.18
C TYR C 234 -7.08 0.23 0.24
N ASP C 235 -7.87 -0.75 0.68
CA ASP C 235 -7.67 -1.32 2.01
C ASP C 235 -6.50 -2.29 1.94
N ALA C 236 -5.67 -2.27 2.99
CA ALA C 236 -4.49 -3.12 3.04
C ALA C 236 -4.83 -4.60 2.93
N HIS C 237 -6.06 -4.97 3.26
CA HIS C 237 -6.45 -6.36 3.21
C HIS C 237 -7.35 -6.75 2.04
N ARG C 238 -7.36 -5.94 0.99
CA ARG C 238 -8.17 -6.24 -0.20
C ARG C 238 -7.63 -7.51 -0.82
N ASP C 239 -8.50 -8.27 -1.48
CA ASP C 239 -8.07 -9.54 -2.10
C ASP C 239 -8.78 -9.84 -3.41
N GLY C 240 -9.01 -8.83 -4.25
CA GLY C 240 -9.67 -9.07 -5.51
C GLY C 240 -10.97 -8.31 -5.64
N PHE C 241 -11.49 -8.20 -6.86
CA PHE C 241 -12.73 -7.47 -7.03
C PHE C 241 -13.97 -8.34 -6.87
N VAL C 242 -15.12 -7.69 -6.69
CA VAL C 242 -16.38 -8.40 -6.55
C VAL C 242 -17.09 -8.16 -7.87
N ILE C 243 -17.40 -9.24 -8.58
CA ILE C 243 -18.05 -9.15 -9.88
C ILE C 243 -19.48 -8.66 -9.72
N ALA C 244 -19.93 -7.86 -10.69
CA ALA C 244 -21.27 -7.33 -10.64
C ALA C 244 -21.89 -7.27 -12.04
N GLY C 245 -23.18 -6.99 -12.09
CA GLY C 245 -23.86 -6.90 -13.37
C GLY C 245 -24.74 -5.67 -13.38
N GLY C 246 -25.26 -5.30 -14.53
CA GLY C 246 -26.12 -4.12 -14.58
C GLY C 246 -25.99 -3.38 -15.89
N GLY C 247 -26.47 -2.15 -15.92
CA GLY C 247 -26.39 -1.39 -17.16
C GLY C 247 -26.45 0.10 -16.92
N GLY C 248 -26.18 0.86 -17.97
CA GLY C 248 -26.24 2.30 -17.86
C GLY C 248 -26.30 2.91 -19.24
N MET C 249 -26.82 4.12 -19.35
CA MET C 249 -26.90 4.78 -20.65
C MET C 249 -26.97 6.28 -20.43
N VAL C 250 -26.25 7.03 -21.26
CA VAL C 250 -26.28 8.48 -21.16
C VAL C 250 -26.61 9.03 -22.55
N VAL C 251 -27.21 10.21 -22.57
CA VAL C 251 -27.55 10.85 -23.83
C VAL C 251 -26.45 11.85 -24.15
N VAL C 252 -25.63 11.55 -25.16
CA VAL C 252 -24.55 12.45 -25.54
C VAL C 252 -25.13 13.30 -26.66
N GLU C 253 -25.10 14.61 -26.49
CA GLU C 253 -25.71 15.50 -27.48
C GLU C 253 -24.88 16.72 -27.82
N GLU C 254 -25.02 17.19 -29.06
CA GLU C 254 -24.29 18.36 -29.53
C GLU C 254 -24.88 19.56 -28.78
N LEU C 255 -24.00 20.43 -28.28
CA LEU C 255 -24.42 21.59 -27.50
C LEU C 255 -25.56 22.45 -28.07
N GLU C 256 -25.38 22.96 -29.28
CA GLU C 256 -26.41 23.81 -29.87
C GLU C 256 -27.75 23.09 -30.01
N HIS C 257 -27.70 21.79 -30.31
CA HIS C 257 -28.92 21.02 -30.44
C HIS C 257 -29.62 20.93 -29.09
N ALA C 258 -28.83 20.71 -28.03
CA ALA C 258 -29.38 20.61 -26.68
C ALA C 258 -29.96 21.93 -26.22
N LEU C 259 -29.24 23.02 -26.44
CA LEU C 259 -29.72 24.34 -26.03
C LEU C 259 -31.00 24.71 -26.79
N ALA C 260 -31.02 24.37 -28.08
CA ALA C 260 -32.17 24.69 -28.92
C ALA C 260 -33.48 24.08 -28.42
N ARG C 261 -33.41 22.92 -27.78
CA ARG C 261 -34.63 22.29 -27.29
C ARG C 261 -34.84 22.50 -25.79
N GLY C 262 -34.01 23.35 -25.19
CA GLY C 262 -34.14 23.62 -23.76
C GLY C 262 -33.87 22.37 -22.95
N ALA C 263 -32.86 21.63 -23.35
CA ALA C 263 -32.50 20.41 -22.65
C ALA C 263 -31.90 20.70 -21.29
N HIS C 264 -31.98 19.71 -20.41
CA HIS C 264 -31.38 19.83 -19.09
C HIS C 264 -29.99 19.26 -19.33
N ILE C 265 -28.96 20.08 -19.11
CA ILE C 265 -27.58 19.67 -19.32
C ILE C 265 -26.88 19.38 -18.00
N TYR C 266 -26.42 18.15 -17.83
CA TYR C 266 -25.71 17.77 -16.61
C TYR C 266 -24.31 18.36 -16.65
N ALA C 267 -23.64 18.18 -17.77
CA ALA C 267 -22.28 18.68 -17.92
C ALA C 267 -21.77 18.46 -19.33
N GLU C 268 -20.65 19.11 -19.64
CA GLU C 268 -20.01 18.98 -20.93
C GLU C 268 -18.84 18.00 -20.81
N ILE C 269 -18.62 17.20 -21.84
CA ILE C 269 -17.49 16.27 -21.83
C ILE C 269 -16.36 17.09 -22.44
N VAL C 270 -15.46 17.55 -21.58
CA VAL C 270 -14.35 18.39 -22.03
C VAL C 270 -13.07 17.61 -22.27
N GLY C 271 -13.06 16.34 -21.87
CA GLY C 271 -11.88 15.53 -22.06
C GLY C 271 -12.17 14.05 -22.22
N TYR C 272 -11.45 13.42 -23.15
CA TYR C 272 -11.60 12.01 -23.42
C TYR C 272 -10.23 11.41 -23.78
N GLY C 273 -9.72 10.58 -22.90
CA GLY C 273 -8.44 9.95 -23.13
C GLY C 273 -8.62 8.47 -23.40
N ALA C 274 -7.85 7.95 -24.36
CA ALA C 274 -7.89 6.53 -24.71
C ALA C 274 -6.47 6.14 -25.11
N THR C 275 -5.86 5.27 -24.31
CA THR C 275 -4.50 4.81 -24.60
C THR C 275 -4.36 3.31 -24.46
N SER C 276 -3.15 2.83 -24.70
CA SER C 276 -2.83 1.42 -24.62
C SER C 276 -1.52 1.25 -23.87
N ASP C 277 -1.42 0.18 -23.08
CA ASP C 277 -0.21 -0.08 -22.30
C ASP C 277 0.90 -0.67 -23.18
N GLY C 278 0.53 -1.59 -24.06
CA GLY C 278 1.50 -2.22 -24.93
C GLY C 278 2.63 -2.85 -24.15
N ALA C 279 2.31 -3.47 -23.02
CA ALA C 279 3.31 -4.09 -22.16
C ALA C 279 2.63 -4.88 -21.05
N ASP C 280 3.11 -6.10 -20.82
CA ASP C 280 2.54 -6.97 -19.78
C ASP C 280 1.06 -7.15 -20.03
N MET C 281 0.71 -8.25 -20.70
CA MET C 281 -0.67 -8.58 -21.04
C MET C 281 -1.71 -8.22 -19.97
N VAL C 282 -1.86 -9.09 -18.97
CA VAL C 282 -2.84 -8.86 -17.91
C VAL C 282 -2.26 -8.23 -16.65
N ALA C 283 -1.75 -7.00 -16.78
CA ALA C 283 -1.18 -6.29 -15.65
C ALA C 283 -0.90 -4.83 -16.00
N PRO C 284 -1.73 -3.90 -15.47
CA PRO C 284 -1.57 -2.47 -15.74
C PRO C 284 -0.17 -1.98 -15.42
N SER C 285 0.46 -1.30 -16.38
CA SER C 285 1.81 -0.79 -16.21
C SER C 285 1.77 0.59 -15.55
N GLY C 286 0.60 1.19 -15.48
CA GLY C 286 0.46 2.50 -14.87
C GLY C 286 0.93 3.59 -15.82
N GLU C 287 1.88 3.26 -16.68
CA GLU C 287 2.40 4.21 -17.65
C GLU C 287 1.30 4.61 -18.63
N GLY C 288 0.52 3.62 -19.06
CA GLY C 288 -0.57 3.90 -19.99
C GLY C 288 -1.62 4.79 -19.33
N ALA C 289 -1.90 4.52 -18.05
CA ALA C 289 -2.89 5.28 -17.29
C ALA C 289 -2.47 6.74 -17.18
N VAL C 290 -1.16 6.97 -17.01
CA VAL C 290 -0.64 8.32 -16.90
C VAL C 290 -0.91 9.10 -18.18
N ARG C 291 -0.60 8.51 -19.33
CA ARG C 291 -0.81 9.17 -20.60
C ARG C 291 -2.30 9.40 -20.88
N CYS C 292 -3.12 8.45 -20.46
CA CYS C 292 -4.55 8.56 -20.68
C CYS C 292 -5.13 9.74 -19.90
N MET C 293 -4.79 9.87 -18.62
CA MET C 293 -5.30 10.98 -17.83
C MET C 293 -4.79 12.32 -18.38
N LYS C 294 -3.53 12.36 -18.79
CA LYS C 294 -2.98 13.61 -19.33
C LYS C 294 -3.69 13.97 -20.64
N MET C 295 -3.98 12.97 -21.46
CA MET C 295 -4.67 13.21 -22.72
C MET C 295 -6.05 13.81 -22.47
N ALA C 296 -6.77 13.25 -21.51
CA ALA C 296 -8.11 13.73 -21.17
C ALA C 296 -8.08 15.13 -20.56
N MET C 297 -6.96 15.47 -19.93
CA MET C 297 -6.82 16.78 -19.29
C MET C 297 -6.26 17.86 -20.21
N HIS C 298 -5.70 17.44 -21.34
CA HIS C 298 -5.13 18.38 -22.29
C HIS C 298 -6.20 19.34 -22.79
N GLY C 299 -6.04 20.62 -22.49
CA GLY C 299 -7.01 21.61 -22.93
C GLY C 299 -7.93 22.09 -21.83
N VAL C 300 -8.15 21.25 -20.83
CA VAL C 300 -9.03 21.60 -19.71
C VAL C 300 -8.33 22.61 -18.82
N ASP C 301 -8.82 23.84 -18.84
CA ASP C 301 -8.24 24.92 -18.05
C ASP C 301 -8.66 24.96 -16.57
N THR C 302 -9.43 23.97 -16.15
CA THR C 302 -9.86 23.91 -14.75
C THR C 302 -9.32 22.66 -14.08
N PRO C 303 -9.09 22.73 -12.75
CA PRO C 303 -8.58 21.58 -12.01
C PRO C 303 -9.67 20.56 -11.73
N ILE C 304 -9.25 19.31 -11.55
CA ILE C 304 -10.19 18.23 -11.27
C ILE C 304 -10.58 18.29 -9.80
N ASP C 305 -11.87 18.48 -9.54
CA ASP C 305 -12.38 18.57 -8.16
C ASP C 305 -12.66 17.20 -7.55
N TYR C 306 -12.91 16.21 -8.39
CA TYR C 306 -13.19 14.87 -7.91
C TYR C 306 -12.84 13.85 -8.97
N LEU C 307 -12.25 12.75 -8.54
CA LEU C 307 -11.85 11.69 -9.45
C LEU C 307 -12.44 10.36 -9.01
N ASN C 308 -13.20 9.75 -9.90
CA ASN C 308 -13.80 8.44 -9.61
C ASN C 308 -12.80 7.49 -10.24
N SER C 309 -12.03 6.82 -9.40
CA SER C 309 -10.99 5.92 -9.88
C SER C 309 -11.49 4.58 -10.37
N GLN C 310 -10.61 3.85 -11.05
CA GLN C 310 -10.93 2.50 -11.53
C GLN C 310 -11.13 1.66 -10.27
N GLY C 311 -10.21 1.82 -9.31
CA GLY C 311 -10.27 1.11 -8.03
C GLY C 311 -10.99 -0.23 -7.99
N THR C 312 -10.39 -1.22 -8.65
CA THR C 312 -10.95 -2.56 -8.74
C THR C 312 -10.99 -3.30 -7.41
N SER C 313 -10.04 -2.97 -6.53
CA SER C 313 -9.89 -3.59 -5.21
C SER C 313 -8.95 -4.80 -5.33
N THR C 314 -7.98 -4.68 -6.22
CA THR C 314 -6.98 -5.72 -6.41
C THR C 314 -5.67 -5.20 -5.85
N PRO C 315 -4.82 -6.11 -5.33
CA PRO C 315 -3.52 -5.76 -4.75
C PRO C 315 -2.66 -4.87 -5.63
N VAL C 316 -2.29 -5.38 -6.81
CA VAL C 316 -1.45 -4.62 -7.73
C VAL C 316 -2.22 -3.52 -8.46
N GLY C 317 -3.45 -3.81 -8.82
CA GLY C 317 -4.27 -2.83 -9.52
C GLY C 317 -4.42 -1.50 -8.81
N ASP C 318 -4.93 -1.53 -7.59
CA ASP C 318 -5.13 -0.30 -6.83
C ASP C 318 -3.84 0.50 -6.67
N VAL C 319 -2.73 -0.20 -6.49
CA VAL C 319 -1.42 0.42 -6.32
C VAL C 319 -0.96 1.18 -7.57
N LYS C 320 -0.96 0.49 -8.70
CA LYS C 320 -0.54 1.07 -9.97
C LYS C 320 -1.31 2.35 -10.27
N GLU C 321 -2.63 2.33 -10.08
CA GLU C 321 -3.44 3.50 -10.33
C GLU C 321 -3.06 4.68 -9.43
N LEU C 322 -2.89 4.42 -8.15
CA LEU C 322 -2.53 5.47 -7.21
C LEU C 322 -1.23 6.14 -7.64
N ALA C 323 -0.25 5.32 -8.02
CA ALA C 323 1.04 5.83 -8.47
C ALA C 323 0.86 6.69 -9.71
N ALA C 324 -0.01 6.26 -10.60
CA ALA C 324 -0.27 6.99 -11.84
C ALA C 324 -0.90 8.34 -11.52
N ILE C 325 -1.89 8.34 -10.64
CA ILE C 325 -2.55 9.58 -10.27
C ILE C 325 -1.56 10.56 -9.64
N ARG C 326 -0.67 10.02 -8.81
CA ARG C 326 0.33 10.85 -8.15
C ARG C 326 1.27 11.51 -9.16
N GLU C 327 1.60 10.78 -10.22
CA GLU C 327 2.50 11.29 -11.25
C GLU C 327 1.83 12.35 -12.12
N VAL C 328 0.52 12.19 -12.35
CA VAL C 328 -0.23 13.13 -13.18
C VAL C 328 -0.48 14.48 -12.50
N PHE C 329 -1.00 14.44 -11.28
CA PHE C 329 -1.30 15.67 -10.55
C PHE C 329 -0.17 16.13 -9.64
N GLY C 330 0.76 15.22 -9.34
CA GLY C 330 1.87 15.57 -8.48
C GLY C 330 1.44 16.02 -7.10
N ASP C 331 1.43 17.33 -6.88
CA ASP C 331 1.03 17.91 -5.61
C ASP C 331 -0.41 18.42 -5.61
N LYS C 332 -0.93 18.71 -6.80
CA LYS C 332 -2.30 19.19 -6.92
C LYS C 332 -3.26 18.03 -7.19
N SER C 333 -3.27 17.06 -6.29
CA SER C 333 -4.13 15.89 -6.43
C SER C 333 -5.57 16.17 -6.00
N PRO C 334 -6.56 15.64 -6.75
CA PRO C 334 -7.97 15.84 -6.43
C PRO C 334 -8.52 14.85 -5.41
N ALA C 335 -9.73 15.11 -4.95
CA ALA C 335 -10.40 14.23 -3.99
C ALA C 335 -10.68 12.96 -4.77
N ILE C 336 -10.52 11.81 -4.12
CA ILE C 336 -10.71 10.51 -4.79
C ILE C 336 -11.56 9.52 -4.02
N SER C 337 -12.39 8.75 -4.74
CA SER C 337 -13.15 7.69 -4.09
C SER C 337 -13.40 6.63 -5.15
N ALA C 338 -13.44 5.39 -4.70
CA ALA C 338 -13.67 4.26 -5.59
C ALA C 338 -15.06 3.74 -5.27
N THR C 339 -16.01 4.02 -6.15
CA THR C 339 -17.36 3.56 -5.91
C THR C 339 -17.52 2.05 -6.02
N LYS C 340 -16.52 1.37 -6.57
CA LYS C 340 -16.61 -0.08 -6.69
C LYS C 340 -16.66 -0.74 -5.31
N ALA C 341 -16.20 -0.03 -4.28
CA ALA C 341 -16.24 -0.59 -2.93
C ALA C 341 -17.70 -0.84 -2.54
N MET C 342 -18.61 -0.02 -3.08
CA MET C 342 -20.05 -0.18 -2.82
C MET C 342 -20.76 -1.06 -3.85
N THR C 343 -20.42 -0.84 -5.12
CA THR C 343 -21.07 -1.49 -6.25
C THR C 343 -20.50 -2.76 -6.85
N GLY C 344 -19.22 -3.01 -6.63
CA GLY C 344 -18.62 -4.18 -7.25
C GLY C 344 -18.22 -3.73 -8.64
N HIS C 345 -17.64 -4.64 -9.42
CA HIS C 345 -17.16 -4.36 -10.78
C HIS C 345 -18.12 -4.91 -11.84
N SER C 346 -18.85 -4.03 -12.52
CA SER C 346 -19.82 -4.44 -13.52
C SER C 346 -19.20 -4.57 -14.92
N LEU C 347 -17.88 -4.66 -14.97
CA LEU C 347 -17.14 -4.84 -16.20
C LEU C 347 -17.55 -3.91 -17.34
N GLY C 348 -18.26 -4.46 -18.33
CA GLY C 348 -18.70 -3.66 -19.47
C GLY C 348 -19.58 -2.48 -19.13
N ALA C 349 -20.33 -2.58 -18.04
CA ALA C 349 -21.21 -1.50 -17.64
C ALA C 349 -20.54 -0.52 -16.67
N ALA C 350 -19.34 -0.86 -16.22
CA ALA C 350 -18.62 -0.01 -15.26
C ALA C 350 -18.35 1.41 -15.73
N GLY C 351 -17.89 1.55 -16.96
CA GLY C 351 -17.58 2.87 -17.48
C GLY C 351 -18.74 3.86 -17.45
N VAL C 352 -19.89 3.43 -17.94
CA VAL C 352 -21.03 4.35 -17.96
C VAL C 352 -21.67 4.52 -16.57
N GLN C 353 -21.70 3.46 -15.78
CA GLN C 353 -22.30 3.59 -14.45
C GLN C 353 -21.47 4.55 -13.62
N GLU C 354 -20.15 4.42 -13.68
CA GLU C 354 -19.29 5.30 -12.89
C GLU C 354 -19.30 6.73 -13.42
N ALA C 355 -19.53 6.89 -14.72
CA ALA C 355 -19.63 8.23 -15.28
C ALA C 355 -20.91 8.80 -14.69
N ILE C 356 -21.94 7.96 -14.62
CA ILE C 356 -23.22 8.38 -14.04
C ILE C 356 -23.08 8.74 -12.56
N TYR C 357 -22.33 7.94 -11.80
CA TYR C 357 -22.16 8.27 -10.38
C TYR C 357 -21.46 9.62 -10.27
N SER C 358 -20.49 9.86 -11.14
CA SER C 358 -19.73 11.12 -11.14
C SER C 358 -20.62 12.31 -11.52
N LEU C 359 -21.54 12.08 -12.46
CA LEU C 359 -22.45 13.14 -12.90
C LEU C 359 -23.41 13.48 -11.77
N LEU C 360 -23.87 12.46 -11.04
CA LEU C 360 -24.78 12.69 -9.92
C LEU C 360 -24.09 13.47 -8.82
N MET C 361 -22.81 13.16 -8.61
CA MET C 361 -22.03 13.87 -7.60
C MET C 361 -21.88 15.33 -7.99
N LEU C 362 -21.65 15.57 -9.28
CA LEU C 362 -21.48 16.92 -9.80
C LEU C 362 -22.81 17.68 -9.76
N GLU C 363 -23.87 17.02 -10.20
CA GLU C 363 -25.20 17.63 -10.24
C GLU C 363 -25.74 17.96 -8.85
N HIS C 364 -25.55 17.05 -7.91
CA HIS C 364 -26.07 17.24 -6.56
C HIS C 364 -25.06 17.77 -5.53
N GLY C 365 -23.84 18.06 -6.00
CA GLY C 365 -22.81 18.61 -5.15
C GLY C 365 -22.35 17.83 -3.94
N PHE C 366 -21.80 16.64 -4.16
CA PHE C 366 -21.31 15.83 -3.06
C PHE C 366 -20.33 14.80 -3.57
N ILE C 367 -19.51 14.28 -2.67
CA ILE C 367 -18.54 13.25 -3.03
C ILE C 367 -18.93 11.97 -2.32
N ALA C 368 -19.10 10.89 -3.09
CA ALA C 368 -19.46 9.59 -2.55
C ALA C 368 -18.25 9.01 -1.82
N PRO C 369 -18.48 8.31 -0.69
CA PRO C 369 -17.38 7.74 0.09
C PRO C 369 -16.75 6.46 -0.47
N SER C 370 -15.46 6.30 -0.20
CA SER C 370 -14.73 5.11 -0.60
C SER C 370 -14.85 4.26 0.67
N ILE C 371 -15.77 3.31 0.67
CA ILE C 371 -16.00 2.49 1.86
C ILE C 371 -15.08 1.29 2.07
N ASN C 372 -15.26 0.68 3.24
CA ASN C 372 -14.53 -0.50 3.68
C ASN C 372 -13.01 -0.35 3.81
N ILE C 373 -12.54 0.86 4.07
CA ILE C 373 -11.11 1.07 4.24
C ILE C 373 -10.78 1.08 5.73
N GLU C 374 -10.40 -0.07 6.27
CA GLU C 374 -10.06 -0.20 7.68
C GLU C 374 -8.62 0.24 7.90
N GLU C 375 -7.78 -0.03 6.91
CA GLU C 375 -6.37 0.34 6.95
C GLU C 375 -5.98 0.75 5.54
N LEU C 376 -5.80 2.06 5.34
CA LEU C 376 -5.45 2.59 4.03
C LEU C 376 -4.09 2.11 3.56
N ASP C 377 -4.02 1.68 2.29
CA ASP C 377 -2.79 1.18 1.71
C ASP C 377 -1.67 2.21 1.81
N GLU C 378 -0.47 1.72 2.08
CA GLU C 378 0.70 2.57 2.21
C GLU C 378 0.90 3.50 1.00
N GLN C 379 0.66 2.98 -0.20
CA GLN C 379 0.85 3.79 -1.39
C GLN C 379 -0.26 4.79 -1.71
N ALA C 380 -1.21 4.92 -0.78
CA ALA C 380 -2.30 5.87 -0.94
C ALA C 380 -1.95 7.12 -0.13
N ALA C 381 -0.79 7.08 0.52
CA ALA C 381 -0.34 8.20 1.35
C ALA C 381 -0.22 9.49 0.55
N GLY C 382 -0.65 10.59 1.16
CA GLY C 382 -0.57 11.89 0.50
C GLY C 382 -1.78 12.22 -0.35
N LEU C 383 -2.59 11.21 -0.65
CA LEU C 383 -3.77 11.43 -1.48
C LEU C 383 -5.03 11.58 -0.64
N ASN C 384 -5.96 12.40 -1.11
CA ASN C 384 -7.20 12.63 -0.42
C ASN C 384 -8.24 11.58 -0.81
N ILE C 385 -8.19 10.43 -0.14
CA ILE C 385 -9.16 9.37 -0.40
C ILE C 385 -10.34 9.67 0.51
N VAL C 386 -11.45 10.13 -0.07
CA VAL C 386 -12.64 10.47 0.70
C VAL C 386 -13.36 9.23 1.22
N THR C 387 -13.46 9.14 2.55
CA THR C 387 -14.08 7.98 3.19
C THR C 387 -15.42 8.27 3.87
N GLU C 388 -15.91 9.49 3.73
CA GLU C 388 -17.19 9.86 4.31
C GLU C 388 -17.89 10.79 3.33
N THR C 389 -19.20 10.62 3.19
CA THR C 389 -19.96 11.46 2.26
C THR C 389 -19.70 12.93 2.61
N THR C 390 -19.27 13.70 1.62
CA THR C 390 -18.97 15.11 1.84
C THR C 390 -19.68 16.02 0.86
N ASP C 391 -20.51 16.93 1.38
CA ASP C 391 -21.19 17.87 0.49
C ASP C 391 -20.17 18.90 0.05
N ARG C 392 -20.08 19.10 -1.26
CA ARG C 392 -19.13 20.05 -1.82
C ARG C 392 -19.56 20.45 -3.22
N GLU C 393 -19.42 21.73 -3.55
CA GLU C 393 -19.79 22.19 -4.88
C GLU C 393 -18.68 21.81 -5.85
N LEU C 394 -18.96 20.87 -6.74
CA LEU C 394 -17.97 20.41 -7.70
C LEU C 394 -18.17 21.11 -9.06
N THR C 395 -17.09 21.28 -9.81
CA THR C 395 -17.18 21.92 -11.11
C THR C 395 -16.68 21.00 -12.23
N THR C 396 -15.56 20.33 -11.98
CA THR C 396 -14.93 19.43 -12.95
C THR C 396 -14.63 18.08 -12.30
N VAL C 397 -15.10 17.00 -12.90
CA VAL C 397 -14.85 15.66 -12.36
C VAL C 397 -14.22 14.76 -13.43
N MET C 398 -13.50 13.74 -12.97
CA MET C 398 -12.84 12.82 -13.88
C MET C 398 -13.17 11.37 -13.48
N SER C 399 -13.28 10.49 -14.46
CA SER C 399 -13.58 9.09 -14.20
C SER C 399 -12.65 8.21 -15.03
N ASN C 400 -11.88 7.36 -14.34
CA ASN C 400 -10.93 6.46 -14.98
C ASN C 400 -11.47 5.05 -15.19
N SER C 401 -11.17 4.49 -16.36
CA SER C 401 -11.57 3.13 -16.69
C SER C 401 -10.36 2.43 -17.29
N PHE C 402 -9.67 1.62 -16.51
CA PHE C 402 -8.49 0.91 -17.00
C PHE C 402 -8.81 -0.58 -16.94
N GLY C 403 -9.04 -1.18 -18.10
CA GLY C 403 -9.37 -2.60 -18.15
C GLY C 403 -8.27 -3.54 -18.58
N PHE C 404 -8.52 -4.83 -18.37
CA PHE C 404 -7.55 -5.85 -18.73
C PHE C 404 -7.23 -5.74 -20.22
N GLY C 405 -6.01 -6.09 -20.59
CA GLY C 405 -5.60 -6.02 -21.98
C GLY C 405 -4.80 -4.76 -22.23
N GLY C 406 -4.61 -3.96 -21.19
CA GLY C 406 -3.84 -2.74 -21.32
C GLY C 406 -4.58 -1.62 -22.03
N THR C 407 -5.92 -1.66 -21.98
CA THR C 407 -6.73 -0.63 -22.62
C THR C 407 -7.22 0.37 -21.59
N ASN C 408 -6.98 1.65 -21.86
CA ASN C 408 -7.33 2.73 -20.94
C ASN C 408 -8.25 3.80 -21.49
N ALA C 409 -9.16 4.28 -20.64
CA ALA C 409 -10.10 5.32 -21.01
C ALA C 409 -10.33 6.28 -19.83
N THR C 410 -10.30 7.58 -20.08
CA THR C 410 -10.55 8.57 -19.03
C THR C 410 -11.52 9.61 -19.57
N LEU C 411 -12.50 9.97 -18.75
CA LEU C 411 -13.49 10.97 -19.13
C LEU C 411 -13.47 12.13 -18.15
N VAL C 412 -13.52 13.34 -18.69
CA VAL C 412 -13.54 14.54 -17.86
C VAL C 412 -14.84 15.27 -18.17
N MET C 413 -15.64 15.51 -17.13
CA MET C 413 -16.92 16.20 -17.29
C MET C 413 -16.92 17.49 -16.49
N ARG C 414 -17.44 18.55 -17.09
CA ARG C 414 -17.48 19.86 -16.43
C ARG C 414 -18.81 20.58 -16.60
N LYS C 415 -19.24 21.29 -15.57
CA LYS C 415 -20.49 22.03 -15.64
C LYS C 415 -20.42 23.04 -16.78
N LEU C 416 -21.56 23.30 -17.41
CA LEU C 416 -21.61 24.25 -18.51
C LEU C 416 -21.71 25.65 -17.92
N LYS C 417 -20.89 26.57 -18.43
CA LYS C 417 -20.89 27.94 -17.95
C LYS C 417 -22.29 28.56 -18.00
N ASP C 418 -22.89 28.58 -19.09
N MET D 13 -10.16 18.60 -42.41
CA MET D 13 -9.70 17.42 -41.62
C MET D 13 -8.67 16.61 -42.41
N LYS D 14 -7.92 15.78 -41.70
CA LYS D 14 -6.87 14.95 -42.31
C LYS D 14 -7.44 13.85 -43.21
N ARG D 15 -6.63 13.41 -44.16
CA ARG D 15 -7.02 12.36 -45.09
C ARG D 15 -6.36 11.04 -44.67
N ALA D 16 -7.07 9.93 -44.88
CA ALA D 16 -6.57 8.61 -44.49
C ALA D 16 -6.33 7.70 -45.70
N VAL D 17 -5.27 6.91 -45.63
CA VAL D 17 -4.92 5.98 -46.70
C VAL D 17 -4.50 4.61 -46.14
N ILE D 18 -4.54 3.60 -47.01
CA ILE D 18 -4.13 2.26 -46.60
C ILE D 18 -2.73 2.00 -47.15
N THR D 19 -1.76 1.87 -46.25
CA THR D 19 -0.37 1.67 -46.64
C THR D 19 0.15 0.25 -46.44
N GLY D 20 -0.72 -0.64 -46.00
CA GLY D 20 -0.30 -2.03 -45.80
C GLY D 20 -1.49 -2.91 -45.49
N LEU D 21 -1.35 -4.20 -45.77
CA LEU D 21 -2.43 -5.13 -45.52
C LEU D 21 -1.94 -6.55 -45.25
N GLY D 22 -2.73 -7.27 -44.48
CA GLY D 22 -2.40 -8.64 -44.13
C GLY D 22 -3.69 -9.45 -44.08
N ILE D 23 -3.62 -10.72 -44.45
CA ILE D 23 -4.82 -11.51 -44.45
C ILE D 23 -4.63 -13.02 -44.32
N VAL D 24 -5.57 -13.63 -43.62
CA VAL D 24 -5.58 -15.07 -43.42
C VAL D 24 -7.04 -15.48 -43.64
N SER D 25 -7.33 -16.02 -44.82
CA SER D 25 -8.70 -16.42 -45.15
C SER D 25 -8.82 -17.81 -45.75
N SER D 26 -10.06 -18.23 -45.99
CA SER D 26 -10.30 -19.54 -46.57
C SER D 26 -9.76 -19.67 -47.98
N ILE D 27 -9.42 -18.54 -48.61
CA ILE D 27 -8.89 -18.58 -49.98
C ILE D 27 -7.43 -18.15 -50.06
N GLY D 28 -6.72 -18.16 -48.95
CA GLY D 28 -5.33 -17.77 -48.97
C GLY D 28 -4.78 -17.35 -47.61
N ASN D 29 -3.54 -17.73 -47.35
CA ASN D 29 -2.91 -17.40 -46.06
C ASN D 29 -2.08 -16.14 -46.17
N ASN D 30 -2.11 -15.52 -47.34
CA ASN D 30 -1.39 -14.28 -47.60
C ASN D 30 -2.01 -13.64 -48.84
N GLN D 31 -1.70 -12.36 -49.09
CA GLN D 31 -2.28 -11.67 -50.22
C GLN D 31 -1.92 -12.27 -51.57
N GLN D 32 -0.77 -12.94 -51.63
CA GLN D 32 -0.34 -13.59 -52.87
C GLN D 32 -1.32 -14.72 -53.20
N GLU D 33 -1.63 -15.54 -52.20
CA GLU D 33 -2.56 -16.64 -52.40
C GLU D 33 -3.97 -16.12 -52.66
N VAL D 34 -4.35 -15.10 -51.90
CA VAL D 34 -5.67 -14.50 -52.06
C VAL D 34 -5.85 -13.94 -53.48
N LEU D 35 -4.85 -13.20 -53.94
CA LEU D 35 -4.90 -12.63 -55.28
C LEU D 35 -5.14 -13.70 -56.35
N ALA D 36 -4.41 -14.81 -56.25
CA ALA D 36 -4.55 -15.91 -57.20
C ALA D 36 -5.93 -16.53 -57.13
N SER D 37 -6.44 -16.73 -55.92
CA SER D 37 -7.76 -17.30 -55.72
C SER D 37 -8.86 -16.43 -56.33
N LEU D 38 -8.74 -15.13 -56.13
CA LEU D 38 -9.72 -14.17 -56.65
C LEU D 38 -9.72 -14.17 -58.18
N ARG D 39 -8.54 -14.21 -58.77
CA ARG D 39 -8.40 -14.22 -60.22
C ARG D 39 -8.93 -15.48 -60.87
N GLU D 40 -8.86 -16.61 -60.18
CA GLU D 40 -9.35 -17.86 -60.74
C GLU D 40 -10.72 -18.25 -60.22
N GLY D 41 -11.24 -17.46 -59.29
CA GLY D 41 -12.55 -17.76 -58.73
C GLY D 41 -12.56 -19.07 -57.96
N ARG D 42 -11.45 -19.33 -57.26
CA ARG D 42 -11.29 -20.56 -56.49
C ARG D 42 -12.10 -20.55 -55.20
N SER D 43 -12.83 -21.63 -54.96
CA SER D 43 -13.63 -21.75 -53.74
C SER D 43 -12.76 -22.18 -52.56
N GLY D 44 -13.03 -21.58 -51.40
CA GLY D 44 -12.27 -21.93 -50.21
C GLY D 44 -13.13 -22.74 -49.26
N ILE D 45 -14.27 -23.22 -49.76
CA ILE D 45 -15.19 -23.98 -48.94
C ILE D 45 -14.93 -25.48 -49.03
N THR D 46 -14.97 -26.15 -47.88
CA THR D 46 -14.75 -27.60 -47.84
C THR D 46 -15.74 -28.24 -46.89
N PHE D 47 -15.77 -29.58 -46.92
CA PHE D 47 -16.64 -30.34 -46.05
C PHE D 47 -16.04 -30.30 -44.64
N SER D 48 -16.89 -30.29 -43.62
CA SER D 48 -16.43 -30.24 -42.24
C SER D 48 -16.98 -31.39 -41.41
N GLN D 49 -16.10 -32.31 -41.02
CA GLN D 49 -16.52 -33.44 -40.22
C GLN D 49 -16.96 -32.93 -38.83
N GLU D 50 -16.31 -31.86 -38.37
CA GLU D 50 -16.63 -31.28 -37.07
C GLU D 50 -18.10 -30.85 -37.03
N LEU D 51 -18.51 -29.99 -37.97
CA LEU D 51 -19.89 -29.54 -38.01
C LEU D 51 -20.87 -30.69 -38.07
N LYS D 52 -20.57 -31.69 -38.90
CA LYS D 52 -21.44 -32.86 -39.04
C LYS D 52 -21.57 -33.62 -37.72
N ASP D 53 -20.44 -33.86 -37.06
CA ASP D 53 -20.46 -34.59 -35.80
C ASP D 53 -21.18 -33.84 -34.68
N SER D 54 -21.25 -32.51 -34.79
CA SER D 54 -21.92 -31.71 -33.76
C SER D 54 -23.43 -31.86 -33.84
N GLY D 55 -23.91 -32.44 -34.93
CA GLY D 55 -25.34 -32.63 -35.11
C GLY D 55 -25.99 -31.56 -35.97
N MET D 56 -25.16 -30.73 -36.59
CA MET D 56 -25.64 -29.65 -37.45
C MET D 56 -26.10 -30.18 -38.81
N ARG D 57 -26.90 -29.37 -39.50
CA ARG D 57 -27.41 -29.72 -40.83
C ARG D 57 -26.44 -29.22 -41.89
N SER D 58 -25.76 -28.10 -41.59
CA SER D 58 -24.79 -27.54 -42.51
C SER D 58 -23.43 -28.17 -42.20
N HIS D 59 -22.85 -28.85 -43.19
CA HIS D 59 -21.57 -29.54 -43.01
C HIS D 59 -20.45 -28.93 -43.84
N VAL D 60 -20.59 -27.66 -44.20
CA VAL D 60 -19.57 -27.01 -45.00
C VAL D 60 -19.12 -25.71 -44.35
N TRP D 61 -17.88 -25.32 -44.58
CA TRP D 61 -17.36 -24.08 -44.02
C TRP D 61 -16.15 -23.54 -44.77
N GLY D 62 -15.81 -22.29 -44.49
CA GLY D 62 -14.67 -21.66 -45.12
C GLY D 62 -13.53 -21.68 -44.12
N ASN D 63 -12.95 -22.86 -43.92
CA ASN D 63 -11.87 -23.04 -42.97
C ASN D 63 -10.54 -22.49 -43.44
N VAL D 64 -9.70 -22.11 -42.48
CA VAL D 64 -8.37 -21.58 -42.76
C VAL D 64 -7.43 -22.78 -42.86
N LYS D 65 -6.78 -22.94 -44.01
CA LYS D 65 -5.85 -24.06 -44.21
C LYS D 65 -4.44 -23.59 -43.91
N LEU D 66 -4.08 -23.59 -42.63
CA LEU D 66 -2.77 -23.15 -42.21
C LEU D 66 -2.38 -23.72 -40.85
N ASP D 67 -1.19 -24.28 -40.77
CA ASP D 67 -0.69 -24.85 -39.52
C ASP D 67 -0.04 -23.70 -38.76
N THR D 68 -0.74 -23.20 -37.74
CA THR D 68 -0.24 -22.09 -36.95
C THR D 68 0.74 -22.51 -35.86
N THR D 69 0.95 -23.82 -35.72
CA THR D 69 1.86 -24.35 -34.72
C THR D 69 3.21 -23.65 -34.74
N GLY D 70 3.61 -23.11 -33.59
CA GLY D 70 4.89 -22.43 -33.48
C GLY D 70 5.07 -21.16 -34.27
N LEU D 71 3.99 -20.59 -34.79
CA LEU D 71 4.09 -19.35 -35.56
C LEU D 71 4.08 -18.13 -34.65
N ILE D 72 3.61 -18.30 -33.42
CA ILE D 72 3.54 -17.21 -32.45
C ILE D 72 4.21 -17.62 -31.15
N ASP D 73 4.95 -16.69 -30.55
CA ASP D 73 5.64 -16.95 -29.29
C ASP D 73 4.71 -17.62 -28.29
N ARG D 74 5.21 -18.61 -27.56
CA ARG D 74 4.40 -19.34 -26.59
C ARG D 74 3.83 -18.44 -25.50
N LYS D 75 4.61 -17.46 -25.04
CA LYS D 75 4.15 -16.56 -24.00
C LYS D 75 3.11 -15.56 -24.49
N VAL D 76 2.94 -15.50 -25.80
CA VAL D 76 1.98 -14.58 -26.41
C VAL D 76 0.73 -15.30 -26.88
N VAL D 77 0.92 -16.44 -27.53
CA VAL D 77 -0.21 -17.20 -28.04
C VAL D 77 -1.03 -17.87 -26.93
N ARG D 78 -0.47 -17.95 -25.72
CA ARG D 78 -1.19 -18.59 -24.62
C ARG D 78 -2.41 -17.79 -24.16
N PHE D 79 -2.45 -16.50 -24.48
CA PHE D 79 -3.57 -15.66 -24.08
C PHE D 79 -4.64 -15.53 -25.17
N MET D 80 -4.30 -15.92 -26.39
CA MET D 80 -5.23 -15.74 -27.50
C MET D 80 -6.01 -16.93 -28.03
N SER D 81 -7.19 -16.65 -28.56
CA SER D 81 -8.05 -17.66 -29.15
C SER D 81 -7.76 -17.64 -30.65
N ASP D 82 -8.40 -18.52 -31.41
CA ASP D 82 -8.19 -18.59 -32.85
C ASP D 82 -8.40 -17.24 -33.55
N ALA D 83 -9.43 -16.50 -33.15
CA ALA D 83 -9.68 -15.21 -33.77
C ALA D 83 -8.48 -14.29 -33.61
N SER D 84 -7.85 -14.31 -32.44
CA SER D 84 -6.70 -13.46 -32.20
C SER D 84 -5.46 -13.97 -32.94
N ILE D 85 -5.37 -15.28 -33.10
CA ILE D 85 -4.25 -15.87 -33.82
C ILE D 85 -4.27 -15.40 -35.29
N TYR D 86 -5.44 -15.50 -35.92
CA TYR D 86 -5.55 -15.09 -37.31
C TYR D 86 -5.32 -13.58 -37.46
N ALA D 87 -5.82 -12.80 -36.51
CA ALA D 87 -5.64 -11.36 -36.57
C ALA D 87 -4.17 -11.02 -36.35
N PHE D 88 -3.50 -11.74 -35.44
CA PHE D 88 -2.09 -11.52 -35.16
C PHE D 88 -1.25 -11.78 -36.42
N LEU D 89 -1.47 -12.94 -37.05
CA LEU D 89 -0.71 -13.28 -38.24
C LEU D 89 -0.95 -12.23 -39.34
N SER D 90 -2.19 -11.74 -39.43
CA SER D 90 -2.53 -10.71 -40.43
C SER D 90 -1.80 -9.41 -40.17
N MET D 91 -1.72 -9.02 -38.89
CA MET D 91 -1.05 -7.77 -38.56
C MET D 91 0.44 -7.85 -38.86
N GLU D 92 1.02 -9.04 -38.68
CA GLU D 92 2.43 -9.25 -38.96
C GLU D 92 2.67 -8.96 -40.43
N GLN D 93 1.80 -9.50 -41.28
CA GLN D 93 1.88 -9.31 -42.71
C GLN D 93 1.72 -7.84 -43.04
N ALA D 94 0.67 -7.22 -42.49
CA ALA D 94 0.40 -5.81 -42.71
C ALA D 94 1.59 -4.94 -42.37
N ILE D 95 2.25 -5.24 -41.24
CA ILE D 95 3.40 -4.48 -40.82
C ILE D 95 4.54 -4.60 -41.82
N ALA D 96 4.82 -5.84 -42.23
CA ALA D 96 5.87 -6.11 -43.20
C ALA D 96 5.51 -5.46 -44.54
N ASP D 97 4.25 -5.59 -44.93
CA ASP D 97 3.77 -5.01 -46.18
C ASP D 97 3.84 -3.50 -46.15
N ALA D 98 3.65 -2.90 -44.98
CA ALA D 98 3.69 -1.45 -44.85
C ALA D 98 5.13 -0.94 -44.72
N GLY D 99 6.06 -1.86 -44.48
CA GLY D 99 7.45 -1.48 -44.33
C GLY D 99 7.69 -0.69 -43.06
N LEU D 100 6.98 -1.06 -42.00
CA LEU D 100 7.11 -0.39 -40.71
C LEU D 100 8.03 -1.18 -39.79
N SER D 101 9.15 -0.56 -39.42
CA SER D 101 10.11 -1.21 -38.54
C SER D 101 9.60 -1.08 -37.11
N PRO D 102 10.01 -1.99 -36.22
CA PRO D 102 9.57 -1.97 -34.82
C PRO D 102 9.77 -0.59 -34.18
N GLU D 103 10.84 0.10 -34.59
CA GLU D 103 11.14 1.41 -34.03
C GLU D 103 10.36 2.51 -34.77
N ALA D 104 9.32 2.12 -35.48
CA ALA D 104 8.51 3.08 -36.23
C ALA D 104 7.05 3.08 -35.79
N TYR D 105 6.61 2.02 -35.13
CA TYR D 105 5.22 1.94 -34.71
C TYR D 105 5.04 1.52 -33.25
N GLN D 106 6.06 0.89 -32.67
CA GLN D 106 5.97 0.44 -31.28
C GLN D 106 6.21 1.60 -30.30
N ASN D 107 5.64 1.48 -29.10
CA ASN D 107 5.77 2.50 -28.07
C ASN D 107 5.55 3.90 -28.61
N ASN D 108 4.53 4.05 -29.44
CA ASN D 108 4.21 5.33 -30.07
C ASN D 108 2.77 5.73 -29.73
N PRO D 109 2.60 6.82 -28.98
CA PRO D 109 1.27 7.31 -28.58
C PRO D 109 0.34 7.61 -29.76
N ARG D 110 0.92 7.85 -30.93
CA ARG D 110 0.12 8.17 -32.09
C ARG D 110 -0.16 6.97 -32.99
N VAL D 111 0.10 5.77 -32.47
CA VAL D 111 -0.15 4.55 -33.21
C VAL D 111 -1.10 3.66 -32.42
N GLY D 112 -2.27 3.43 -32.99
CA GLY D 112 -3.28 2.63 -32.31
C GLY D 112 -3.69 1.35 -33.01
N LEU D 113 -4.67 0.70 -32.39
CA LEU D 113 -5.19 -0.55 -32.91
C LEU D 113 -6.68 -0.68 -32.57
N ILE D 114 -7.48 -0.96 -33.59
CA ILE D 114 -8.92 -1.15 -33.43
C ILE D 114 -9.28 -2.38 -34.26
N ALA D 115 -9.57 -3.47 -33.57
CA ALA D 115 -9.93 -4.72 -34.23
C ALA D 115 -10.82 -5.55 -33.32
N GLY D 116 -11.79 -6.23 -33.91
CA GLY D 116 -12.68 -7.03 -33.09
C GLY D 116 -13.09 -8.33 -33.75
N SER D 117 -14.13 -8.92 -33.20
CA SER D 117 -14.66 -10.18 -33.73
C SER D 117 -16.17 -10.13 -33.55
N GLY D 118 -16.87 -11.01 -34.28
CA GLY D 118 -18.32 -11.05 -34.18
C GLY D 118 -18.83 -11.68 -32.90
N GLY D 119 -18.10 -12.67 -32.39
CA GLY D 119 -18.54 -13.32 -31.17
C GLY D 119 -17.42 -13.65 -30.20
N GLY D 120 -16.29 -12.97 -30.34
CA GLY D 120 -15.17 -13.23 -29.45
C GLY D 120 -14.67 -14.66 -29.64
N SER D 121 -15.01 -15.52 -28.70
CA SER D 121 -14.62 -16.93 -28.79
C SER D 121 -15.62 -17.80 -28.05
N PRO D 122 -16.70 -18.20 -28.74
CA PRO D 122 -17.72 -19.05 -28.14
C PRO D 122 -17.10 -20.35 -27.64
N ARG D 123 -16.03 -20.79 -28.31
CA ARG D 123 -15.36 -22.03 -27.93
C ARG D 123 -14.80 -21.96 -26.52
N PHE D 124 -14.00 -20.94 -26.22
CA PHE D 124 -13.44 -20.83 -24.89
C PHE D 124 -14.45 -20.41 -23.83
N GLN D 125 -15.56 -19.83 -24.26
CA GLN D 125 -16.60 -19.46 -23.31
C GLN D 125 -17.19 -20.79 -22.84
N VAL D 126 -17.44 -21.69 -23.78
CA VAL D 126 -17.99 -23.00 -23.48
C VAL D 126 -16.96 -23.85 -22.74
N PHE D 127 -15.70 -23.72 -23.13
CA PHE D 127 -14.61 -24.46 -22.49
C PHE D 127 -14.57 -24.16 -21.00
N GLY D 128 -14.60 -22.88 -20.66
CA GLY D 128 -14.57 -22.47 -19.27
C GLY D 128 -15.70 -23.09 -18.47
N ALA D 129 -16.92 -23.03 -19.00
CA ALA D 129 -18.07 -23.58 -18.30
C ALA D 129 -17.93 -25.10 -18.15
N ASP D 130 -17.46 -25.75 -19.22
CA ASP D 130 -17.27 -27.20 -19.20
C ASP D 130 -16.19 -27.57 -18.16
N ALA D 131 -15.06 -26.87 -18.21
CA ALA D 131 -13.94 -27.13 -17.29
C ALA D 131 -14.38 -26.93 -15.85
N MET D 132 -15.05 -25.81 -15.61
CA MET D 132 -15.53 -25.48 -14.27
C MET D 132 -16.46 -26.55 -13.73
N ARG D 133 -17.17 -27.24 -14.61
CA ARG D 133 -18.10 -28.27 -14.18
C ARG D 133 -17.43 -29.65 -14.12
N GLY D 134 -16.14 -29.69 -14.37
CA GLY D 134 -15.40 -30.94 -14.33
C GLY D 134 -14.75 -31.22 -12.99
N PRO D 135 -13.95 -32.29 -12.90
CA PRO D 135 -13.27 -32.65 -11.64
C PRO D 135 -12.13 -31.74 -11.20
N ARG D 136 -11.63 -30.91 -12.09
CA ARG D 136 -10.54 -30.01 -11.73
C ARG D 136 -11.02 -28.59 -11.45
N GLY D 137 -12.30 -28.32 -11.71
CA GLY D 137 -12.86 -27.00 -11.48
C GLY D 137 -12.01 -25.87 -12.02
N LEU D 138 -11.72 -24.90 -11.16
CA LEU D 138 -10.92 -23.73 -11.54
C LEU D 138 -9.56 -24.06 -12.12
N LYS D 139 -8.97 -25.17 -11.68
CA LYS D 139 -7.65 -25.56 -12.20
C LYS D 139 -7.72 -25.90 -13.69
N ALA D 140 -8.83 -26.49 -14.11
CA ALA D 140 -9.00 -26.84 -15.52
C ALA D 140 -9.28 -25.59 -16.35
N VAL D 141 -9.99 -24.64 -15.76
CA VAL D 141 -10.30 -23.40 -16.47
C VAL D 141 -9.01 -22.70 -16.84
N GLY D 142 -8.13 -22.52 -15.86
CA GLY D 142 -6.86 -21.85 -16.13
C GLY D 142 -7.01 -20.34 -16.10
N PRO D 143 -5.89 -19.60 -16.07
CA PRO D 143 -5.89 -18.14 -16.04
C PRO D 143 -5.84 -17.45 -17.39
N TYR D 144 -6.08 -18.20 -18.47
CA TYR D 144 -6.03 -17.63 -19.81
C TYR D 144 -7.37 -17.61 -20.54
N VAL D 145 -8.46 -17.91 -19.84
CA VAL D 145 -9.77 -17.93 -20.48
C VAL D 145 -10.35 -16.54 -20.72
N VAL D 146 -10.12 -15.61 -19.80
CA VAL D 146 -10.65 -14.26 -19.95
C VAL D 146 -10.18 -13.59 -21.24
N THR D 147 -8.87 -13.60 -21.47
CA THR D 147 -8.32 -12.96 -22.66
C THR D 147 -8.77 -13.64 -23.96
N LYS D 148 -9.25 -14.88 -23.84
CA LYS D 148 -9.71 -15.61 -25.01
C LYS D 148 -11.22 -15.47 -25.22
N ALA D 149 -11.96 -15.40 -24.12
CA ALA D 149 -13.41 -15.30 -24.19
C ALA D 149 -14.01 -13.89 -24.27
N MET D 150 -13.31 -12.89 -23.75
CA MET D 150 -13.84 -11.53 -23.77
C MET D 150 -13.96 -10.97 -25.18
N ALA D 151 -14.97 -10.13 -25.38
CA ALA D 151 -15.22 -9.52 -26.67
C ALA D 151 -14.06 -8.70 -27.21
N SER D 152 -13.20 -8.22 -26.32
CA SER D 152 -12.05 -7.41 -26.74
C SER D 152 -10.80 -8.25 -26.93
N GLY D 153 -10.96 -9.57 -26.94
CA GLY D 153 -9.83 -10.47 -27.09
C GLY D 153 -8.85 -10.12 -28.19
N VAL D 154 -9.37 -9.87 -29.38
CA VAL D 154 -8.54 -9.53 -30.53
C VAL D 154 -7.66 -8.30 -30.32
N SER D 155 -8.25 -7.19 -29.90
CA SER D 155 -7.48 -5.98 -29.70
C SER D 155 -6.52 -6.12 -28.52
N ALA D 156 -6.94 -6.82 -27.47
CA ALA D 156 -6.08 -6.99 -26.30
C ALA D 156 -4.87 -7.87 -26.62
N CYS D 157 -5.10 -9.02 -27.25
CA CYS D 157 -4.03 -9.94 -27.56
C CYS D 157 -3.00 -9.42 -28.57
N LEU D 158 -3.34 -8.37 -29.31
CA LEU D 158 -2.42 -7.81 -30.28
C LEU D 158 -1.75 -6.55 -29.79
N ALA D 159 -2.49 -5.73 -29.05
CA ALA D 159 -1.95 -4.48 -28.52
C ALA D 159 -0.71 -4.67 -27.65
N THR D 160 -0.69 -5.75 -26.88
CA THR D 160 0.44 -6.00 -26.00
C THR D 160 1.71 -6.43 -26.76
N PRO D 161 1.64 -7.53 -27.53
CA PRO D 161 2.81 -8.00 -28.27
C PRO D 161 3.38 -6.98 -29.25
N PHE D 162 2.52 -6.20 -29.90
CA PHE D 162 2.99 -5.20 -30.86
C PHE D 162 3.35 -3.86 -30.21
N LYS D 163 3.28 -3.81 -28.89
CA LYS D 163 3.62 -2.61 -28.12
C LYS D 163 2.87 -1.35 -28.57
N ILE D 164 1.56 -1.47 -28.73
CA ILE D 164 0.74 -0.33 -29.14
C ILE D 164 0.49 0.58 -27.94
N HIS D 165 0.66 1.89 -28.11
CA HIS D 165 0.44 2.84 -27.02
C HIS D 165 -0.70 3.82 -27.30
N GLY D 166 -1.23 3.78 -28.52
CA GLY D 166 -2.32 4.69 -28.88
C GLY D 166 -3.67 4.09 -28.54
N VAL D 167 -4.68 4.46 -29.32
CA VAL D 167 -6.02 3.95 -29.08
C VAL D 167 -6.01 2.42 -29.16
N ASN D 168 -6.80 1.79 -28.30
CA ASN D 168 -6.87 0.34 -28.26
C ASN D 168 -8.20 -0.19 -27.73
N TYR D 169 -8.97 -0.79 -28.63
CA TYR D 169 -10.26 -1.38 -28.26
C TYR D 169 -10.84 -2.14 -29.45
N SER D 170 -11.93 -2.85 -29.21
CA SER D 170 -12.57 -3.62 -30.25
C SER D 170 -13.96 -3.09 -30.53
N ILE D 171 -14.45 -3.38 -31.72
CA ILE D 171 -15.80 -3.00 -32.09
C ILE D 171 -16.43 -4.30 -32.52
N SER D 172 -17.72 -4.43 -32.25
CA SER D 172 -18.49 -5.62 -32.60
C SER D 172 -19.79 -5.13 -33.22
N SER D 173 -20.10 -5.67 -34.39
CA SER D 173 -21.32 -5.30 -35.10
C SER D 173 -21.61 -6.39 -36.13
N ALA D 174 -21.60 -7.63 -35.67
CA ALA D 174 -21.86 -8.77 -36.54
C ALA D 174 -21.04 -8.72 -37.82
N CYS D 175 -21.70 -8.89 -38.97
CA CYS D 175 -21.02 -8.89 -40.27
C CYS D 175 -20.28 -7.60 -40.61
N ALA D 176 -20.62 -6.51 -39.93
CA ALA D 176 -20.00 -5.22 -40.20
C ALA D 176 -18.82 -4.89 -39.28
N THR D 177 -18.60 -5.74 -38.28
CA THR D 177 -17.53 -5.56 -37.30
C THR D 177 -16.23 -4.91 -37.78
N SER D 178 -15.49 -5.62 -38.63
CA SER D 178 -14.22 -5.09 -39.09
C SER D 178 -14.33 -3.90 -40.03
N ALA D 179 -15.51 -3.69 -40.60
CA ALA D 179 -15.72 -2.54 -41.47
C ALA D 179 -15.81 -1.30 -40.59
N HIS D 180 -16.51 -1.40 -39.46
CA HIS D 180 -16.62 -0.27 -38.54
C HIS D 180 -15.26 0.02 -37.90
N CYS D 181 -14.46 -1.02 -37.71
CA CYS D 181 -13.13 -0.84 -37.13
C CYS D 181 -12.31 0.05 -38.06
N ILE D 182 -12.33 -0.24 -39.35
CA ILE D 182 -11.61 0.57 -40.32
C ILE D 182 -12.15 2.00 -40.34
N GLY D 183 -13.48 2.12 -40.29
CA GLY D 183 -14.10 3.42 -40.31
C GLY D 183 -13.69 4.25 -39.10
N ASN D 184 -13.65 3.61 -37.93
CA ASN D 184 -13.26 4.28 -36.71
C ASN D 184 -11.80 4.68 -36.78
N ALA D 185 -10.98 3.85 -37.42
CA ALA D 185 -9.57 4.14 -37.57
C ALA D 185 -9.47 5.44 -38.38
N VAL D 186 -10.24 5.52 -39.46
CA VAL D 186 -10.25 6.71 -40.30
C VAL D 186 -10.63 7.94 -39.48
N GLU D 187 -11.63 7.78 -38.61
CA GLU D 187 -12.08 8.88 -37.76
C GLU D 187 -10.95 9.36 -36.84
N GLN D 188 -10.19 8.42 -36.30
CA GLN D 188 -9.09 8.80 -35.41
C GLN D 188 -8.09 9.68 -36.17
N ILE D 189 -7.84 9.32 -37.43
CA ILE D 189 -6.92 10.09 -38.26
C ILE D 189 -7.53 11.45 -38.58
N GLN D 190 -8.81 11.45 -38.93
CA GLN D 190 -9.49 12.71 -39.27
C GLN D 190 -9.50 13.67 -38.09
N LEU D 191 -9.62 13.13 -36.88
CA LEU D 191 -9.63 13.97 -35.68
C LEU D 191 -8.22 14.40 -35.33
N GLY D 192 -7.23 13.84 -36.04
CA GLY D 192 -5.85 14.17 -35.78
C GLY D 192 -5.32 13.60 -34.47
N LYS D 193 -5.93 12.51 -34.02
CA LYS D 193 -5.52 11.87 -32.77
C LYS D 193 -4.46 10.80 -32.95
N GLN D 194 -4.42 10.20 -34.14
CA GLN D 194 -3.46 9.14 -34.43
C GLN D 194 -2.87 9.33 -35.83
N ASP D 195 -1.63 8.85 -36.03
CA ASP D 195 -0.98 8.92 -37.33
C ASP D 195 -1.18 7.61 -38.05
N ILE D 196 -1.21 6.53 -37.27
CA ILE D 196 -1.40 5.20 -37.80
C ILE D 196 -2.33 4.40 -36.89
N VAL D 197 -3.22 3.65 -37.50
CA VAL D 197 -4.13 2.80 -36.74
C VAL D 197 -4.30 1.49 -37.47
N PHE D 198 -3.90 0.40 -36.81
CA PHE D 198 -4.07 -0.91 -37.42
C PHE D 198 -5.53 -1.26 -37.19
N ALA D 199 -6.22 -1.61 -38.26
CA ALA D 199 -7.63 -1.93 -38.14
C ALA D 199 -7.98 -3.22 -38.84
N GLY D 200 -8.80 -4.03 -38.18
CA GLY D 200 -9.21 -5.30 -38.75
C GLY D 200 -10.00 -6.15 -37.77
N GLY D 201 -9.76 -7.46 -37.81
CA GLY D 201 -10.46 -8.35 -36.93
C GLY D 201 -10.19 -9.80 -37.24
N GLY D 202 -10.83 -10.68 -36.46
CA GLY D 202 -10.65 -12.10 -36.64
C GLY D 202 -11.89 -12.84 -36.19
N GLU D 203 -12.02 -14.10 -36.62
CA GLU D 203 -13.17 -14.90 -36.25
C GLU D 203 -12.75 -16.36 -36.23
N GLU D 204 -13.08 -17.06 -35.15
CA GLU D 204 -12.74 -18.47 -35.05
C GLU D 204 -13.81 -19.28 -35.76
N LEU D 205 -13.47 -20.50 -36.15
CA LEU D 205 -14.41 -21.38 -36.83
C LEU D 205 -14.63 -22.55 -35.89
N CYS D 206 -15.87 -22.72 -35.45
CA CYS D 206 -16.18 -23.76 -34.48
C CYS D 206 -17.67 -24.09 -34.51
N TRP D 207 -18.01 -25.34 -34.17
CA TRP D 207 -19.41 -25.73 -34.16
C TRP D 207 -20.16 -24.97 -33.06
N GLU D 208 -19.47 -24.63 -31.97
CA GLU D 208 -20.10 -23.93 -30.85
C GLU D 208 -20.89 -22.72 -31.31
N MET D 209 -20.30 -21.93 -32.19
CA MET D 209 -20.96 -20.74 -32.72
C MET D 209 -21.79 -21.08 -33.95
N ALA D 210 -21.23 -21.91 -34.82
CA ALA D 210 -21.93 -22.28 -36.05
C ALA D 210 -23.32 -22.90 -35.84
N CYS D 211 -23.46 -23.77 -34.84
CA CYS D 211 -24.76 -24.40 -34.62
C CYS D 211 -25.88 -23.41 -34.29
N GLU D 212 -25.52 -22.28 -33.70
CA GLU D 212 -26.49 -21.25 -33.35
C GLU D 212 -27.10 -20.65 -34.61
N PHE D 213 -26.26 -20.41 -35.62
CA PHE D 213 -26.72 -19.87 -36.89
C PHE D 213 -27.55 -20.93 -37.60
N ASP D 214 -27.13 -22.18 -37.50
CA ASP D 214 -27.84 -23.28 -38.12
C ASP D 214 -29.23 -23.44 -37.49
N ALA D 215 -29.31 -23.25 -36.18
CA ALA D 215 -30.59 -23.37 -35.47
C ALA D 215 -31.53 -22.26 -35.89
N MET D 216 -30.96 -21.22 -36.48
CA MET D 216 -31.69 -20.05 -36.96
C MET D 216 -32.10 -20.27 -38.42
N GLY D 217 -31.49 -21.26 -39.06
CA GLY D 217 -31.80 -21.55 -40.45
C GLY D 217 -31.10 -20.60 -41.41
N ALA D 218 -29.97 -20.04 -40.99
CA ALA D 218 -29.23 -19.11 -41.82
C ALA D 218 -28.13 -19.75 -42.65
N LEU D 219 -27.76 -20.98 -42.32
CA LEU D 219 -26.69 -21.66 -43.04
C LEU D 219 -27.18 -22.56 -44.16
N SER D 220 -26.33 -22.75 -45.16
CA SER D 220 -26.65 -23.61 -46.30
C SER D 220 -26.60 -25.07 -45.83
N THR D 221 -27.61 -25.85 -46.21
CA THR D 221 -27.64 -27.27 -45.81
C THR D 221 -27.97 -28.24 -46.96
N LYS D 222 -28.17 -27.69 -48.16
CA LYS D 222 -28.53 -28.53 -49.31
C LYS D 222 -27.39 -28.92 -50.24
N TYR D 223 -26.19 -28.39 -50.00
CA TYR D 223 -25.06 -28.69 -50.86
C TYR D 223 -23.86 -29.28 -50.15
N ASN D 224 -24.11 -30.06 -49.10
CA ASN D 224 -23.00 -30.66 -48.35
C ASN D 224 -22.16 -31.58 -49.22
N ASP D 225 -22.80 -32.24 -50.20
CA ASP D 225 -22.11 -33.15 -51.10
C ASP D 225 -21.21 -32.40 -52.09
N THR D 226 -21.54 -31.14 -52.32
CA THR D 226 -20.77 -30.29 -53.23
C THR D 226 -20.44 -28.98 -52.52
N PRO D 227 -19.52 -29.04 -51.53
CA PRO D 227 -19.09 -27.88 -50.74
C PRO D 227 -18.78 -26.60 -51.50
N GLU D 228 -18.08 -26.72 -52.63
CA GLU D 228 -17.72 -25.53 -53.39
C GLU D 228 -18.89 -24.86 -54.11
N LYS D 229 -20.07 -25.44 -54.01
CA LYS D 229 -21.25 -24.87 -54.65
C LYS D 229 -22.31 -24.46 -53.65
N ALA D 230 -21.98 -24.58 -52.37
CA ALA D 230 -22.91 -24.25 -51.29
C ALA D 230 -23.22 -22.75 -51.23
N SER D 231 -22.16 -21.93 -51.29
CA SER D 231 -22.30 -20.48 -51.24
C SER D 231 -22.53 -19.97 -52.66
N ARG D 232 -23.77 -19.58 -52.95
CA ARG D 232 -24.14 -19.13 -54.28
C ARG D 232 -24.94 -17.83 -54.26
N THR D 233 -24.29 -16.77 -53.81
CA THR D 233 -24.89 -15.45 -53.70
C THR D 233 -25.57 -14.98 -54.99
N TYR D 234 -26.83 -14.57 -54.85
CA TYR D 234 -27.66 -14.08 -55.96
C TYR D 234 -28.20 -15.19 -56.84
N ASP D 235 -27.89 -16.44 -56.50
CA ASP D 235 -28.40 -17.56 -57.29
C ASP D 235 -29.81 -17.90 -56.85
N ALA D 236 -30.67 -18.25 -57.81
CA ALA D 236 -32.05 -18.58 -57.53
C ALA D 236 -32.19 -19.76 -56.57
N HIS D 237 -31.16 -20.60 -56.50
CA HIS D 237 -31.22 -21.76 -55.62
C HIS D 237 -30.39 -21.63 -54.35
N ARG D 238 -30.03 -20.41 -53.99
CA ARG D 238 -29.26 -20.19 -52.76
C ARG D 238 -30.11 -20.63 -51.57
N ASP D 239 -29.46 -20.97 -50.46
CA ASP D 239 -30.19 -21.43 -49.27
C ASP D 239 -29.47 -21.14 -47.95
N GLY D 240 -28.80 -20.01 -47.86
CA GLY D 240 -28.11 -19.68 -46.63
C GLY D 240 -26.63 -19.47 -46.85
N PHE D 241 -25.96 -18.86 -45.89
CA PHE D 241 -24.54 -18.61 -46.05
C PHE D 241 -23.70 -19.77 -45.54
N VAL D 242 -22.42 -19.77 -45.90
CA VAL D 242 -21.51 -20.79 -45.45
C VAL D 242 -20.58 -20.10 -44.46
N ILE D 243 -20.63 -20.55 -43.21
CA ILE D 243 -19.81 -19.94 -42.17
C ILE D 243 -18.32 -20.10 -42.48
N ALA D 244 -17.53 -19.13 -42.05
CA ALA D 244 -16.09 -19.17 -42.29
C ALA D 244 -15.33 -18.48 -41.16
N GLY D 245 -14.02 -18.64 -41.16
CA GLY D 245 -13.20 -18.02 -40.14
C GLY D 245 -11.98 -17.38 -40.77
N GLY D 246 -11.14 -16.75 -39.94
CA GLY D 246 -9.96 -16.12 -40.46
C GLY D 246 -9.72 -14.76 -39.85
N GLY D 247 -8.81 -14.01 -40.46
CA GLY D 247 -8.50 -12.69 -39.97
C GLY D 247 -8.03 -11.77 -41.07
N GLY D 248 -7.92 -10.49 -40.71
CA GLY D 248 -7.47 -9.50 -41.67
C GLY D 248 -7.05 -8.27 -40.91
N MET D 249 -6.19 -7.46 -41.52
CA MET D 249 -5.71 -6.25 -40.89
C MET D 249 -5.17 -5.32 -41.96
N VAL D 250 -5.47 -4.03 -41.84
CA VAL D 250 -4.97 -3.04 -42.78
C VAL D 250 -4.33 -1.91 -42.00
N VAL D 251 -3.40 -1.20 -42.64
CA VAL D 251 -2.73 -0.09 -42.01
C VAL D 251 -3.34 1.23 -42.44
N VAL D 252 -4.17 1.80 -41.58
CA VAL D 252 -4.80 3.08 -41.86
C VAL D 252 -3.81 4.14 -41.40
N GLU D 253 -3.42 5.01 -42.32
CA GLU D 253 -2.43 6.04 -42.01
C GLU D 253 -2.81 7.40 -42.57
N GLU D 254 -2.39 8.44 -41.84
CA GLU D 254 -2.66 9.82 -42.25
C GLU D 254 -1.80 10.13 -43.48
N LEU D 255 -2.46 10.67 -44.51
CA LEU D 255 -1.81 10.98 -45.79
C LEU D 255 -0.40 11.58 -45.72
N GLU D 256 -0.27 12.78 -45.17
CA GLU D 256 1.02 13.46 -45.08
C GLU D 256 2.08 12.60 -44.39
N HIS D 257 1.66 11.84 -43.39
CA HIS D 257 2.57 10.98 -42.64
C HIS D 257 3.05 9.83 -43.53
N ALA D 258 2.15 9.28 -44.34
CA ALA D 258 2.50 8.18 -45.23
C ALA D 258 3.44 8.66 -46.34
N LEU D 259 3.15 9.83 -46.89
CA LEU D 259 3.95 10.40 -47.96
C LEU D 259 5.35 10.74 -47.46
N ALA D 260 5.42 11.36 -46.29
CA ALA D 260 6.69 11.76 -45.69
C ALA D 260 7.69 10.60 -45.60
N ARG D 261 7.19 9.41 -45.29
CA ARG D 261 8.06 8.25 -45.17
C ARG D 261 8.10 7.42 -46.45
N GLY D 262 7.61 8.01 -47.54
CA GLY D 262 7.60 7.33 -48.82
C GLY D 262 7.04 5.93 -48.79
N ALA D 263 5.91 5.76 -48.11
CA ALA D 263 5.29 4.44 -48.02
C ALA D 263 4.44 4.16 -49.24
N HIS D 264 4.14 2.88 -49.46
CA HIS D 264 3.32 2.46 -50.58
C HIS D 264 1.85 2.64 -50.20
N ILE D 265 1.15 3.49 -50.93
CA ILE D 265 -0.26 3.76 -50.67
C ILE D 265 -1.17 3.01 -51.64
N TYR D 266 -1.93 2.06 -51.11
CA TYR D 266 -2.85 1.27 -51.92
C TYR D 266 -3.99 2.17 -52.40
N ALA D 267 -4.59 2.90 -51.47
CA ALA D 267 -5.69 3.80 -51.80
C ALA D 267 -6.06 4.69 -50.61
N GLU D 268 -6.87 5.70 -50.89
CA GLU D 268 -7.34 6.61 -49.86
C GLU D 268 -8.79 6.26 -49.55
N ILE D 269 -9.15 6.28 -48.27
CA ILE D 269 -10.53 5.98 -47.89
C ILE D 269 -11.25 7.30 -48.02
N VAL D 270 -12.02 7.45 -49.10
CA VAL D 270 -12.74 8.68 -49.34
C VAL D 270 -14.17 8.69 -48.86
N GLY D 271 -14.63 7.55 -48.35
CA GLY D 271 -16.00 7.49 -47.86
C GLY D 271 -16.23 6.39 -46.85
N TYR D 272 -16.99 6.71 -45.81
CA TYR D 272 -17.31 5.76 -44.74
C TYR D 272 -18.75 6.00 -44.30
N GLY D 273 -19.59 5.00 -44.50
CA GLY D 273 -20.98 5.11 -44.09
C GLY D 273 -21.22 4.17 -42.93
N ALA D 274 -22.03 4.61 -41.97
CA ALA D 274 -22.37 3.81 -40.80
C ALA D 274 -23.79 4.18 -40.42
N THR D 275 -24.72 3.26 -40.59
CA THR D 275 -26.13 3.51 -40.29
C THR D 275 -26.78 2.35 -39.56
N SER D 276 -28.03 2.56 -39.16
CA SER D 276 -28.82 1.56 -38.45
C SER D 276 -30.19 1.42 -39.12
N ASP D 277 -30.72 0.19 -39.17
CA ASP D 277 -32.03 -0.05 -39.79
C ASP D 277 -33.17 0.40 -38.89
N GLY D 278 -33.04 0.15 -37.59
CA GLY D 278 -34.07 0.51 -36.64
C GLY D 278 -35.43 0.00 -37.04
N ALA D 279 -35.46 -1.13 -37.75
CA ALA D 279 -36.72 -1.69 -38.22
C ALA D 279 -37.06 -3.05 -37.58
N ASP D 280 -36.95 -4.12 -38.36
CA ASP D 280 -37.26 -5.45 -37.85
C ASP D 280 -35.97 -6.11 -37.39
N MET D 281 -36.04 -6.83 -36.27
CA MET D 281 -34.86 -7.51 -35.73
C MET D 281 -34.45 -8.66 -36.65
N SER D 285 -34.39 -4.88 -43.37
CA SER D 285 -34.87 -3.86 -44.27
C SER D 285 -33.79 -3.51 -45.30
N GLY D 286 -34.14 -2.69 -46.28
CA GLY D 286 -33.18 -2.31 -47.28
C GLY D 286 -32.85 -0.83 -47.17
N GLU D 287 -33.74 -0.06 -46.55
CA GLU D 287 -33.54 1.37 -46.40
C GLU D 287 -32.24 1.75 -45.69
N GLY D 288 -31.88 0.99 -44.66
CA GLY D 288 -30.65 1.29 -43.94
C GLY D 288 -29.44 1.12 -44.84
N ALA D 289 -29.49 0.13 -45.72
CA ALA D 289 -28.39 -0.13 -46.65
C ALA D 289 -28.27 1.03 -47.63
N VAL D 290 -29.42 1.50 -48.12
CA VAL D 290 -29.43 2.63 -49.04
C VAL D 290 -28.81 3.86 -48.36
N ARG D 291 -29.28 4.19 -47.17
CA ARG D 291 -28.76 5.35 -46.45
C ARG D 291 -27.26 5.24 -46.22
N CYS D 292 -26.79 4.03 -45.91
CA CYS D 292 -25.37 3.82 -45.66
C CYS D 292 -24.53 4.01 -46.92
N MET D 293 -24.97 3.44 -48.04
CA MET D 293 -24.23 3.61 -49.29
C MET D 293 -24.17 5.06 -49.72
N LYS D 294 -25.30 5.76 -49.60
CA LYS D 294 -25.33 7.17 -50.00
C LYS D 294 -24.46 8.02 -49.07
N MET D 295 -24.38 7.63 -47.79
CA MET D 295 -23.56 8.37 -46.84
C MET D 295 -22.10 8.23 -47.20
N ALA D 296 -21.70 7.04 -47.64
CA ALA D 296 -20.32 6.79 -48.02
C ALA D 296 -19.95 7.45 -49.34
N MET D 297 -20.93 7.60 -50.23
CA MET D 297 -20.68 8.20 -51.54
C MET D 297 -20.74 9.73 -51.54
N HIS D 298 -21.24 10.31 -50.46
CA HIS D 298 -21.35 11.76 -50.36
C HIS D 298 -19.99 12.46 -50.49
N GLY D 299 -19.89 13.40 -51.42
CA GLY D 299 -18.65 14.13 -51.61
C GLY D 299 -17.67 13.48 -52.57
N VAL D 300 -17.94 12.25 -53.00
CA VAL D 300 -17.06 11.54 -53.91
C VAL D 300 -17.39 11.97 -55.34
N ASP D 301 -16.47 12.73 -55.95
CA ASP D 301 -16.66 13.23 -57.31
C ASP D 301 -16.47 12.20 -58.42
N THR D 302 -16.05 11.00 -58.07
CA THR D 302 -15.85 9.96 -59.07
C THR D 302 -16.86 8.85 -58.90
N PRO D 303 -17.23 8.17 -60.00
CA PRO D 303 -18.20 7.08 -59.97
C PRO D 303 -17.61 5.82 -59.34
N ILE D 304 -18.48 4.97 -58.79
CA ILE D 304 -18.02 3.71 -58.20
C ILE D 304 -17.80 2.75 -59.35
N ASP D 305 -16.56 2.32 -59.54
CA ASP D 305 -16.20 1.40 -60.61
C ASP D 305 -16.53 -0.05 -60.30
N TYR D 306 -16.33 -0.44 -59.04
CA TYR D 306 -16.60 -1.80 -58.61
C TYR D 306 -17.15 -1.81 -57.19
N LEU D 307 -18.10 -2.71 -56.95
CA LEU D 307 -18.73 -2.84 -55.64
C LEU D 307 -18.67 -4.27 -55.14
N ASN D 308 -18.06 -4.45 -53.98
CA ASN D 308 -17.97 -5.77 -53.35
C ASN D 308 -19.15 -5.71 -52.40
N SER D 309 -20.22 -6.43 -52.73
CA SER D 309 -21.44 -6.43 -51.93
C SER D 309 -21.39 -7.32 -50.70
N GLN D 310 -22.38 -7.16 -49.82
CA GLN D 310 -22.50 -7.98 -48.62
C GLN D 310 -22.62 -9.43 -49.08
N GLY D 311 -23.54 -9.64 -50.03
CA GLY D 311 -23.77 -10.97 -50.61
C GLY D 311 -23.68 -12.17 -49.71
N THR D 312 -24.51 -12.18 -48.68
CA THR D 312 -24.55 -13.25 -47.69
C THR D 312 -24.90 -14.62 -48.30
N SER D 313 -25.71 -14.60 -49.34
CA SER D 313 -26.17 -15.80 -50.05
C SER D 313 -27.43 -16.37 -49.38
N THR D 314 -28.18 -15.50 -48.70
CA THR D 314 -29.42 -15.91 -48.06
C THR D 314 -30.57 -15.45 -48.95
N PRO D 315 -31.69 -16.18 -48.93
CA PRO D 315 -32.87 -15.84 -49.75
C PRO D 315 -33.34 -14.39 -49.65
N VAL D 316 -33.80 -13.99 -48.47
CA VAL D 316 -34.29 -12.64 -48.26
C VAL D 316 -33.18 -11.58 -48.24
N GLY D 317 -32.04 -11.93 -47.65
CA GLY D 317 -30.94 -11.00 -47.57
C GLY D 317 -30.48 -10.45 -48.91
N ASP D 318 -30.19 -11.34 -49.85
CA ASP D 318 -29.72 -10.91 -51.17
C ASP D 318 -30.76 -10.06 -51.92
N VAL D 319 -32.04 -10.39 -51.77
CA VAL D 319 -33.10 -9.64 -52.42
C VAL D 319 -33.11 -8.19 -51.95
N LYS D 320 -33.01 -8.02 -50.63
CA LYS D 320 -33.01 -6.69 -50.05
C LYS D 320 -31.80 -5.89 -50.49
N GLU D 321 -30.63 -6.52 -50.54
CA GLU D 321 -29.43 -5.82 -50.96
C GLU D 321 -29.49 -5.41 -52.43
N LEU D 322 -29.94 -6.31 -53.28
CA LEU D 322 -30.06 -6.02 -54.71
C LEU D 322 -30.98 -4.82 -54.91
N ALA D 323 -32.10 -4.81 -54.19
CA ALA D 323 -33.06 -3.74 -54.28
C ALA D 323 -32.42 -2.42 -53.83
N ALA D 324 -31.65 -2.48 -52.74
CA ALA D 324 -30.99 -1.29 -52.23
C ALA D 324 -29.96 -0.76 -53.21
N ILE D 325 -29.20 -1.65 -53.84
CA ILE D 325 -28.19 -1.23 -54.79
C ILE D 325 -28.87 -0.59 -55.99
N ARG D 326 -30.00 -1.15 -56.40
CA ARG D 326 -30.76 -0.62 -57.53
C ARG D 326 -31.28 0.78 -57.18
N GLU D 327 -31.73 0.94 -55.94
CA GLU D 327 -32.23 2.24 -55.50
C GLU D 327 -31.12 3.28 -55.51
N VAL D 328 -29.93 2.87 -55.07
CA VAL D 328 -28.79 3.80 -55.04
C VAL D 328 -28.23 4.19 -56.40
N PHE D 329 -27.96 3.21 -57.25
CA PHE D 329 -27.37 3.46 -58.56
C PHE D 329 -28.30 3.54 -59.77
N GLY D 330 -29.56 3.18 -59.59
CA GLY D 330 -30.50 3.24 -60.71
C GLY D 330 -30.01 2.39 -61.87
N ASP D 331 -29.95 2.97 -63.06
CA ASP D 331 -29.50 2.22 -64.23
C ASP D 331 -28.01 2.34 -64.51
N LYS D 332 -27.27 2.94 -63.59
CA LYS D 332 -25.83 3.10 -63.76
C LYS D 332 -25.09 2.36 -62.65
N SER D 333 -25.40 1.08 -62.49
CA SER D 333 -24.76 0.29 -61.46
C SER D 333 -23.30 0.00 -61.78
N PRO D 334 -22.46 -0.15 -60.75
CA PRO D 334 -21.06 -0.44 -61.02
C PRO D 334 -20.90 -1.94 -61.25
N ALA D 335 -19.68 -2.40 -61.51
CA ALA D 335 -19.45 -3.81 -61.69
C ALA D 335 -19.67 -4.36 -60.27
N ILE D 336 -20.36 -5.48 -60.15
CA ILE D 336 -20.65 -6.05 -58.84
C ILE D 336 -20.30 -7.53 -58.74
N SER D 337 -19.75 -7.93 -57.59
CA SER D 337 -19.47 -9.34 -57.36
C SER D 337 -19.46 -9.58 -55.86
N ALA D 338 -19.91 -10.76 -55.46
CA ALA D 338 -19.95 -11.14 -54.05
C ALA D 338 -18.87 -12.18 -53.83
N THR D 339 -17.77 -11.77 -53.21
CA THR D 339 -16.67 -12.68 -52.94
C THR D 339 -17.03 -13.78 -51.96
N LYS D 340 -18.14 -13.61 -51.25
CA LYS D 340 -18.56 -14.63 -50.29
C LYS D 340 -18.95 -15.93 -50.99
N ALA D 341 -19.25 -15.85 -52.29
CA ALA D 341 -19.61 -17.06 -53.03
C ALA D 341 -18.43 -18.02 -53.03
N MET D 342 -17.21 -17.52 -52.96
CA MET D 342 -16.06 -18.41 -52.93
C MET D 342 -15.31 -18.44 -51.59
N THR D 343 -15.53 -17.43 -50.73
CA THR D 343 -14.83 -17.37 -49.45
C THR D 343 -15.67 -17.76 -48.24
N GLY D 344 -16.99 -17.63 -48.36
CA GLY D 344 -17.85 -17.94 -47.23
C GLY D 344 -17.96 -16.68 -46.38
N HIS D 345 -18.77 -16.70 -45.33
CA HIS D 345 -18.97 -15.53 -44.45
C HIS D 345 -18.12 -15.64 -43.19
N SER D 346 -17.09 -14.81 -43.10
CA SER D 346 -16.18 -14.82 -41.96
C SER D 346 -16.62 -13.90 -40.82
N LEU D 347 -17.88 -13.48 -40.86
CA LEU D 347 -18.46 -12.65 -39.82
C LEU D 347 -17.60 -11.44 -39.42
N GLY D 348 -17.06 -11.50 -38.21
CA GLY D 348 -16.24 -10.41 -37.70
C GLY D 348 -15.05 -10.01 -38.55
N ALA D 349 -14.55 -10.94 -39.37
CA ALA D 349 -13.41 -10.65 -40.22
C ALA D 349 -13.81 -10.28 -41.64
N ALA D 350 -15.08 -10.48 -41.98
CA ALA D 350 -15.59 -10.19 -43.32
C ALA D 350 -15.32 -8.78 -43.82
N GLY D 351 -15.60 -7.78 -42.98
CA GLY D 351 -15.39 -6.40 -43.37
C GLY D 351 -13.99 -6.11 -43.88
N VAL D 352 -12.98 -6.43 -43.08
CA VAL D 352 -11.61 -6.16 -43.47
C VAL D 352 -11.10 -7.06 -44.59
N GLN D 353 -11.52 -8.32 -44.60
CA GLN D 353 -11.09 -9.24 -45.64
C GLN D 353 -11.63 -8.79 -46.98
N GLU D 354 -12.89 -8.38 -47.00
CA GLU D 354 -13.51 -7.91 -48.23
C GLU D 354 -12.95 -6.56 -48.64
N ALA D 355 -12.51 -5.75 -47.68
CA ALA D 355 -11.92 -4.47 -48.02
C ALA D 355 -10.59 -4.79 -48.71
N ILE D 356 -9.93 -5.84 -48.22
CA ILE D 356 -8.66 -6.24 -48.81
C ILE D 356 -8.86 -6.83 -50.21
N TYR D 357 -9.89 -7.64 -50.40
CA TYR D 357 -10.15 -8.20 -51.73
C TYR D 357 -10.38 -7.05 -52.70
N SER D 358 -11.13 -6.04 -52.24
CA SER D 358 -11.42 -4.87 -53.06
C SER D 358 -10.15 -4.07 -53.36
N LEU D 359 -9.26 -3.95 -52.37
CA LEU D 359 -8.01 -3.23 -52.56
C LEU D 359 -7.10 -3.96 -53.55
N LEU D 360 -7.12 -5.29 -53.52
CA LEU D 360 -6.29 -6.08 -54.44
C LEU D 360 -6.82 -5.97 -55.86
N MET D 361 -8.14 -5.83 -55.99
CA MET D 361 -8.75 -5.68 -57.31
C MET D 361 -8.38 -4.31 -57.88
N LEU D 362 -8.39 -3.31 -57.02
CA LEU D 362 -8.05 -1.93 -57.42
C LEU D 362 -6.56 -1.80 -57.69
N GLU D 363 -5.76 -2.52 -56.92
CA GLU D 363 -4.30 -2.48 -57.06
C GLU D 363 -3.84 -3.21 -58.32
N HIS D 364 -4.44 -4.36 -58.60
CA HIS D 364 -4.07 -5.17 -59.75
C HIS D 364 -4.99 -4.98 -60.96
N GLY D 365 -5.92 -4.05 -60.85
CA GLY D 365 -6.84 -3.76 -61.93
C GLY D 365 -7.59 -4.94 -62.51
N PHE D 366 -8.50 -5.52 -61.72
CA PHE D 366 -9.29 -6.65 -62.19
C PHE D 366 -10.52 -6.80 -61.30
N ILE D 367 -11.54 -7.47 -61.82
CA ILE D 367 -12.77 -7.69 -61.08
C ILE D 367 -12.94 -9.18 -60.80
N ALA D 368 -13.05 -9.51 -59.52
CA ALA D 368 -13.23 -10.89 -59.10
C ALA D 368 -14.63 -11.34 -59.48
N PRO D 369 -14.78 -12.59 -59.94
CA PRO D 369 -16.08 -13.14 -60.33
C PRO D 369 -17.03 -13.51 -59.21
N SER D 370 -18.33 -13.39 -59.48
CA SER D 370 -19.35 -13.77 -58.51
C SER D 370 -19.70 -15.18 -58.98
N ILE D 371 -19.04 -16.19 -58.41
CA ILE D 371 -19.25 -17.58 -58.81
C ILE D 371 -20.51 -18.26 -58.32
N ASN D 372 -20.75 -19.47 -58.82
CA ASN D 372 -21.89 -20.29 -58.45
C ASN D 372 -23.25 -19.74 -58.83
N ILE D 373 -23.29 -18.86 -59.83
CA ILE D 373 -24.56 -18.31 -60.28
C ILE D 373 -25.02 -19.03 -61.55
N GLU D 374 -25.88 -20.03 -61.39
CA GLU D 374 -26.40 -20.77 -62.53
C GLU D 374 -27.69 -20.15 -63.04
N GLU D 375 -28.34 -19.39 -62.16
CA GLU D 375 -29.59 -18.72 -62.49
C GLU D 375 -29.68 -17.45 -61.64
N LEU D 376 -29.33 -16.31 -62.23
CA LEU D 376 -29.36 -15.04 -61.53
C LEU D 376 -30.74 -14.71 -60.98
N ASP D 377 -30.78 -14.19 -59.76
CA ASP D 377 -32.04 -13.83 -59.13
C ASP D 377 -32.72 -12.74 -59.95
N GLU D 378 -34.05 -12.74 -59.96
CA GLU D 378 -34.84 -11.77 -60.70
C GLU D 378 -34.63 -10.35 -60.21
N GLN D 379 -34.35 -10.19 -58.92
CA GLN D 379 -34.14 -8.87 -58.35
C GLN D 379 -32.86 -8.22 -58.82
N ALA D 380 -32.00 -9.00 -59.48
CA ALA D 380 -30.73 -8.47 -59.99
C ALA D 380 -30.90 -7.93 -61.40
N ALA D 381 -32.16 -7.85 -61.83
CA ALA D 381 -32.52 -7.37 -63.15
C ALA D 381 -31.52 -6.49 -63.88
N GLY D 382 -31.69 -5.18 -63.82
CA GLY D 382 -30.79 -4.27 -64.52
C GLY D 382 -29.47 -3.88 -63.85
N LEU D 383 -28.85 -4.80 -63.14
CA LEU D 383 -27.58 -4.52 -62.47
C LEU D 383 -26.43 -5.21 -63.21
N ASN D 384 -25.20 -4.79 -62.94
CA ASN D 384 -24.06 -5.40 -63.61
C ASN D 384 -23.32 -6.39 -62.72
N ILE D 385 -23.86 -7.61 -62.63
CA ILE D 385 -23.26 -8.67 -61.82
C ILE D 385 -22.22 -9.38 -62.70
N VAL D 386 -20.94 -9.24 -62.33
CA VAL D 386 -19.84 -9.87 -63.07
C VAL D 386 -19.60 -11.27 -62.54
N THR D 387 -19.66 -12.26 -63.44
CA THR D 387 -19.48 -13.66 -63.07
C THR D 387 -18.23 -14.29 -63.66
N GLU D 388 -17.34 -13.47 -64.21
CA GLU D 388 -16.10 -13.96 -64.79
C GLU D 388 -15.01 -12.94 -64.55
N THR D 389 -13.82 -13.43 -64.20
CA THR D 389 -12.70 -12.54 -63.94
C THR D 389 -12.52 -11.59 -65.11
N THR D 390 -12.49 -10.29 -64.82
CA THR D 390 -12.36 -9.29 -65.85
C THR D 390 -11.30 -8.24 -65.55
N ASP D 391 -10.31 -8.15 -66.44
CA ASP D 391 -9.25 -7.16 -66.26
C ASP D 391 -9.83 -5.80 -66.60
N ARG D 392 -9.76 -4.88 -65.64
CA ARG D 392 -10.31 -3.55 -65.84
C ARG D 392 -9.53 -2.53 -65.02
N GLU D 393 -9.39 -1.33 -65.54
CA GLU D 393 -8.68 -0.27 -64.83
C GLU D 393 -9.67 0.39 -63.87
N LEU D 394 -9.52 0.07 -62.58
CA LEU D 394 -10.41 0.62 -61.56
C LEU D 394 -9.77 1.84 -60.92
N THR D 395 -10.60 2.72 -60.38
CA THR D 395 -10.12 3.93 -59.72
C THR D 395 -10.78 4.09 -58.36
N THR D 396 -12.08 3.84 -58.32
CA THR D 396 -12.88 3.97 -57.09
C THR D 396 -13.65 2.68 -56.84
N VAL D 397 -13.49 2.08 -55.66
CA VAL D 397 -14.18 0.85 -55.31
C VAL D 397 -14.99 1.02 -54.02
N MET D 398 -16.01 0.18 -53.85
CA MET D 398 -16.86 0.23 -52.67
C MET D 398 -17.09 -1.17 -52.10
N SER D 399 -17.21 -1.26 -50.78
CA SER D 399 -17.45 -2.54 -50.12
C SER D 399 -18.53 -2.36 -49.06
N ASN D 400 -19.59 -3.17 -49.18
CA ASN D 400 -20.73 -3.12 -48.25
C ASN D 400 -20.68 -4.17 -47.17
N SER D 401 -21.00 -3.77 -45.94
CA SER D 401 -21.05 -4.69 -44.83
C SER D 401 -22.36 -4.41 -44.08
N PHE D 402 -23.39 -5.17 -44.41
CA PHE D 402 -24.69 -5.01 -43.79
C PHE D 402 -24.89 -6.23 -42.91
N GLY D 403 -24.68 -6.05 -41.60
CA GLY D 403 -24.78 -7.16 -40.68
C GLY D 403 -26.08 -7.35 -39.94
N PHE D 404 -26.24 -8.52 -39.34
CA PHE D 404 -27.43 -8.83 -38.59
C PHE D 404 -27.51 -7.84 -37.43
N GLY D 405 -28.73 -7.50 -37.04
CA GLY D 405 -28.92 -6.54 -35.97
C GLY D 405 -29.19 -5.16 -36.52
N GLY D 406 -29.34 -5.06 -37.83
CA GLY D 406 -29.62 -3.79 -38.47
C GLY D 406 -28.47 -2.81 -38.47
N THR D 407 -27.24 -3.31 -38.44
CA THR D 407 -26.08 -2.43 -38.44
C THR D 407 -25.39 -2.47 -39.80
N ASN D 408 -25.16 -1.29 -40.36
CA ASN D 408 -24.56 -1.15 -41.68
C ASN D 408 -23.28 -0.33 -41.73
N ALA D 409 -22.35 -0.76 -42.58
CA ALA D 409 -21.09 -0.06 -42.78
C ALA D 409 -20.74 -0.16 -44.25
N THR D 410 -20.25 0.94 -44.82
CA THR D 410 -19.84 0.96 -46.22
C THR D 410 -18.54 1.76 -46.32
N LEU D 411 -17.60 1.22 -47.09
CA LEU D 411 -16.31 1.87 -47.29
C LEU D 411 -16.07 2.11 -48.77
N VAL D 412 -15.59 3.31 -49.10
CA VAL D 412 -15.29 3.67 -50.47
C VAL D 412 -13.80 4.01 -50.51
N MET D 413 -13.07 3.29 -51.37
CA MET D 413 -11.63 3.47 -51.50
C MET D 413 -11.28 3.88 -52.93
N ARG D 414 -10.37 4.85 -53.06
CA ARG D 414 -10.00 5.35 -54.38
C ARG D 414 -8.50 5.62 -54.52
N LYS D 415 -7.97 5.31 -55.70
CA LYS D 415 -6.55 5.53 -55.97
C LYS D 415 -6.20 6.99 -55.73
N LEU D 416 -4.94 7.23 -55.37
CA LEU D 416 -4.47 8.58 -55.12
C LEU D 416 -3.94 9.18 -56.43
N LYS D 417 -4.36 10.40 -56.74
CA LYS D 417 -3.94 11.10 -57.94
C LYS D 417 -2.49 11.58 -57.87
N ASP D 418 -2.03 12.23 -58.83
N NH4 E . 16.98 11.83 11.81
N NH4 F . 12.65 1.33 48.48
N NH4 G . -14.29 5.25 -12.78
S SO4 H . -30.90 17.16 -3.88
O1 SO4 H . -29.45 17.17 -4.13
O2 SO4 H . -31.26 18.29 -3.00
O3 SO4 H . -31.62 17.30 -5.16
O4 SO4 H . -31.29 15.89 -3.23
N NH4 I . -18.21 -6.36 -48.80
S SO4 J . 0.37 -8.65 -61.63
O1 SO4 J . 1.80 -8.24 -61.63
O2 SO4 J . -0.04 -8.94 -63.02
O3 SO4 J . 0.21 -9.87 -60.80
O4 SO4 J . -0.45 -7.56 -61.09
#